data_7AI5
#
_entry.id   7AI5
#
_cell.length_a   1.00
_cell.length_b   1.00
_cell.length_c   1.00
_cell.angle_alpha   90.00
_cell.angle_beta   90.00
_cell.angle_gamma   90.00
#
_symmetry.space_group_name_H-M   'P 1'
#
loop_
_entity.id
_entity.type
_entity.pdbx_description
1 polymer 'DNA mismatch repair protein MutS'
2 polymer "DNA (5'-D(P*CP*TP*AP*TP*AP*GP*GP*GP*CP*GP*AP*AP*TP*TP*GP*GP*GP*TP*AP*CP*CP*G)-3')"
3 polymer "DNA (5'-D(P*CP*GP*GP*TP*AP*CP*CP*CP*AP*AP*TP*TP*CP*GP*CP*CP*CP*TP*AP*TP*AP*G)-3')"
4 non-polymer "ADENOSINE-5'-TRIPHOSPHATE"
#
loop_
_entity_poly.entity_id
_entity_poly.type
_entity_poly.pdbx_seq_one_letter_code
_entity_poly.pdbx_strand_id
1 'polypeptide(L)'
;MSAIENFDAHTPMMQQYLRLKAQHPEILLFYRMGDFYELFYDDAKRASQLLDISLTKRGASAGEPIPMAGIPYHAVENYL
AKLVNQGESVAICEQIGDPATSKGPVERKVVRIVTPGTISDEALLQERQDNLLAAIWQDSKGFGYATLDISSGRFRLSEP
ADRETMAAELQRTNPAELLYAEDFAEMSLIEGRRGLRRRPLWEFEIDTARQQLNLQFGTRDLVGFGVENAPRGLCAAGCL
LQYAKDTQRTTLPHIRSITMEREQDSIIMDAATRRNLEITQNLAGGAENTLASVLDCTVTPMGSRMLKRWLHMPVRDTRV
LLERQQTIGALQDFTAGLQPVLRQVGDLERILARLALRTARPRDLARMRHAFQQLPELRAQLETVDSAPVQALREKMGEF
AELRDLLERAIIDTPPVLVRDGGVIASGYNEELDEWRALADGATDYLERLEVRERERTGLDTLKVGFNAVHGYYIQISRG
QSHLAPINYMRRQTLKNAERYIIPELKEYEDKVLTSKGKALALEKQLYEELFDLLLPHLEALQQSASALAELDVLVNLAE
RAYTLNYTCPTFIDKPGIRITEGRHPVVEQVLNEPFIANPLNLSPQRRMLIITGPNMGGKSTYMRQTALIALMAYIGSYV
PAQKVEIGPIDRIFTRVGAADDLASGRSTFMVEMTETANILHNATEYSLVLMDEIGRGTSTYDGLSLAWACAENLANKIK
ALTLFATHYFELTQLPEKMEGVANVHLDALEHGDTIAFMHSVQDGAASKSYGLAVAALAGVPKEVIKRARQKLRELESIS
PNAAATQVDGTQMSLLSVPEETSPAVEALENLDPRSLTPRQALEWIYRLKSLV
;
A,B
2 'polydeoxyribonucleotide'
;(DC)(DT)(DA)(DT)(DA)(DG)(DG)(DG)(DC)(DG)(DA)(DA)(DT)(DT)(DG)(DG)(DG)(DT)(DA)(DC)
(DC)(DG)
;
C
3 'polydeoxyribonucleotide'
;(DC)(DG)(DG)(DT)(DA)(DC)(DC)(DC)(DA)(DA)(DT)(DT)(DC)(DG)(DC)(DC)(DC)(DT)(DA)(DT)
(DA)(DG)
;
D
#
# COMPACT_ATOMS: atom_id res chain seq x y z
N SER A 2 -19.55 -43.66 4.64
CA SER A 2 -20.20 -44.97 4.46
C SER A 2 -21.40 -44.81 3.53
N ALA A 3 -21.18 -44.43 2.26
CA ALA A 3 -22.30 -44.09 1.35
C ALA A 3 -22.51 -44.98 0.12
N ILE A 4 -23.69 -45.61 -0.05
CA ILE A 4 -24.11 -46.28 -1.32
C ILE A 4 -25.22 -45.36 -1.85
N GLU A 5 -25.15 -44.87 -3.10
CA GLU A 5 -26.06 -43.79 -3.58
C GLU A 5 -26.85 -44.11 -4.85
N ASN A 6 -27.41 -45.32 -4.98
CA ASN A 6 -28.29 -45.65 -6.13
C ASN A 6 -29.59 -44.85 -5.96
N PHE A 7 -30.38 -44.66 -7.03
CA PHE A 7 -31.58 -43.78 -6.97
C PHE A 7 -32.48 -44.16 -5.77
N ASP A 8 -32.67 -45.47 -5.53
CA ASP A 8 -33.64 -46.03 -4.54
C ASP A 8 -33.17 -45.78 -3.10
N ALA A 9 -31.87 -45.99 -2.85
CA ALA A 9 -31.24 -46.01 -1.50
C ALA A 9 -31.52 -44.71 -0.73
N HIS A 10 -31.52 -43.58 -1.43
CA HIS A 10 -31.74 -42.21 -0.87
C HIS A 10 -33.18 -42.04 -0.37
N THR A 11 -33.37 -41.13 0.57
CA THR A 11 -34.71 -40.74 1.11
C THR A 11 -35.39 -39.81 0.11
N PRO A 12 -36.73 -39.72 0.10
CA PRO A 12 -37.43 -38.95 -0.95
C PRO A 12 -36.98 -37.49 -1.16
N MET A 13 -36.53 -36.81 -0.11
CA MET A 13 -36.04 -35.42 -0.18
C MET A 13 -34.74 -35.34 -0.99
N MET A 14 -33.81 -36.30 -0.75
CA MET A 14 -32.48 -36.32 -1.44
C MET A 14 -32.62 -36.85 -2.86
N GLN A 15 -33.60 -37.72 -3.10
CA GLN A 15 -33.91 -38.23 -4.49
C GLN A 15 -34.33 -37.05 -5.35
N GLN A 16 -35.13 -36.14 -4.78
CA GLN A 16 -35.63 -34.92 -5.46
C GLN A 16 -34.45 -33.98 -5.72
N TYR A 17 -33.55 -33.81 -4.72
CA TYR A 17 -32.36 -32.92 -4.87
C TYR A 17 -31.40 -33.48 -5.91
N LEU A 18 -31.16 -34.79 -5.87
CA LEU A 18 -30.17 -35.46 -6.75
C LEU A 18 -30.54 -35.27 -8.22
N ARG A 19 -31.83 -35.37 -8.58
CA ARG A 19 -32.32 -35.11 -9.97
C ARG A 19 -32.17 -33.63 -10.31
N LEU A 20 -32.51 -32.75 -9.35
CA LEU A 20 -32.42 -31.27 -9.53
C LEU A 20 -30.95 -30.87 -9.74
N LYS A 21 -30.05 -31.42 -8.94
CA LYS A 21 -28.58 -31.15 -9.02
C LYS A 21 -28.06 -31.74 -10.34
N ALA A 22 -28.62 -32.86 -10.76
CA ALA A 22 -28.22 -33.57 -11.99
C ALA A 22 -28.51 -32.71 -13.22
N GLN A 23 -29.53 -31.85 -13.16
CA GLN A 23 -29.87 -30.90 -14.26
C GLN A 23 -28.71 -29.91 -14.40
N HIS A 24 -28.16 -29.44 -13.27
CA HIS A 24 -27.03 -28.47 -13.25
C HIS A 24 -25.91 -28.99 -12.33
N PRO A 25 -25.19 -30.06 -12.74
CA PRO A 25 -24.21 -30.71 -11.85
C PRO A 25 -22.83 -30.06 -11.76
N GLU A 26 -22.52 -29.14 -12.68
CA GLU A 26 -21.17 -28.50 -12.78
C GLU A 26 -21.19 -27.14 -12.06
N ILE A 27 -22.34 -26.78 -11.47
CA ILE A 27 -22.52 -25.50 -10.74
C ILE A 27 -23.13 -25.77 -9.37
N LEU A 28 -22.93 -24.88 -8.42
CA LEU A 28 -23.47 -24.99 -7.05
C LEU A 28 -24.98 -24.73 -7.07
N LEU A 29 -25.69 -25.19 -6.05
CA LEU A 29 -27.15 -24.93 -5.90
C LEU A 29 -27.44 -24.48 -4.47
N PHE A 30 -28.35 -23.50 -4.35
CA PHE A 30 -28.94 -23.09 -3.06
C PHE A 30 -30.32 -23.72 -2.99
N TYR A 31 -30.54 -24.68 -2.08
CA TYR A 31 -31.77 -25.49 -1.96
C TYR A 31 -32.56 -25.01 -0.76
N ARG A 32 -33.76 -24.46 -0.98
CA ARG A 32 -34.61 -23.88 0.11
C ARG A 32 -35.10 -25.00 1.06
N MET A 33 -34.90 -24.80 2.36
CA MET A 33 -35.43 -25.71 3.40
C MET A 33 -35.66 -24.98 4.73
N GLY A 34 -36.94 -24.76 5.09
CA GLY A 34 -37.26 -23.88 6.21
C GLY A 34 -36.88 -22.46 5.97
N ASP A 35 -35.83 -21.99 6.65
CA ASP A 35 -35.34 -20.60 6.50
C ASP A 35 -33.91 -20.58 6.00
N PHE A 36 -33.39 -21.73 5.60
CA PHE A 36 -31.98 -21.89 5.16
C PHE A 36 -31.90 -22.48 3.76
N TYR A 37 -30.95 -22.00 2.97
CA TYR A 37 -30.53 -22.69 1.72
C TYR A 37 -29.41 -23.73 1.98
N GLU A 38 -29.74 -25.00 1.97
CA GLU A 38 -28.79 -26.03 2.43
C GLU A 38 -27.96 -26.52 1.24
N LEU A 39 -26.63 -26.67 1.46
CA LEU A 39 -25.69 -27.29 0.46
C LEU A 39 -25.31 -28.67 0.93
N PHE A 40 -25.03 -29.64 0.04
CA PHE A 40 -24.69 -31.02 0.47
C PHE A 40 -23.41 -31.56 -0.17
N TYR A 41 -22.79 -32.58 0.45
CA TYR A 41 -21.63 -33.32 -0.09
C TYR A 41 -20.52 -32.37 -0.55
N ASP A 42 -20.13 -32.47 -1.83
CA ASP A 42 -19.03 -31.69 -2.42
C ASP A 42 -19.34 -30.18 -2.38
N ASP A 43 -20.60 -29.81 -2.57
CA ASP A 43 -21.04 -28.39 -2.56
C ASP A 43 -20.82 -27.81 -1.16
N ALA A 44 -21.15 -28.59 -0.12
CA ALA A 44 -21.00 -28.18 1.29
C ALA A 44 -19.51 -27.93 1.55
N LYS A 45 -18.66 -28.70 0.85
CA LYS A 45 -17.19 -28.56 1.02
C LYS A 45 -16.71 -27.22 0.47
N ARG A 46 -17.08 -26.91 -0.78
CA ARG A 46 -16.65 -25.65 -1.45
C ARG A 46 -17.22 -24.46 -0.69
N ALA A 47 -18.50 -24.53 -0.28
CA ALA A 47 -19.19 -23.43 0.45
C ALA A 47 -18.38 -23.11 1.72
N SER A 48 -17.96 -24.15 2.45
CA SER A 48 -17.23 -24.00 3.74
C SER A 48 -15.91 -23.26 3.51
N GLN A 49 -15.27 -23.49 2.35
CA GLN A 49 -13.98 -22.85 2.01
C GLN A 49 -14.18 -21.37 1.69
N LEU A 50 -15.22 -21.04 0.90
CA LEU A 50 -15.42 -19.64 0.40
C LEU A 50 -16.32 -18.84 1.33
N LEU A 51 -17.54 -19.31 1.57
CA LEU A 51 -18.52 -18.58 2.42
C LEU A 51 -18.01 -18.62 3.86
N ASP A 52 -17.03 -19.50 4.13
CA ASP A 52 -16.37 -19.60 5.45
C ASP A 52 -17.39 -20.08 6.48
N ILE A 53 -18.50 -20.66 6.02
CA ILE A 53 -19.54 -21.26 6.90
C ILE A 53 -19.05 -22.63 7.38
N SER A 54 -19.34 -22.99 8.63
CA SER A 54 -18.88 -24.27 9.23
C SER A 54 -19.43 -25.45 8.43
N LEU A 55 -18.55 -26.34 7.95
CA LEU A 55 -19.01 -27.59 7.30
C LEU A 55 -19.53 -28.50 8.38
N THR A 56 -20.82 -28.88 8.34
CA THR A 56 -21.42 -29.85 9.29
C THR A 56 -21.90 -31.08 8.50
N LYS A 57 -22.48 -32.07 9.17
CA LYS A 57 -23.00 -33.27 8.46
C LYS A 57 -24.50 -33.42 8.74
N ARG A 58 -25.31 -33.53 7.69
CA ARG A 58 -26.77 -33.76 7.88
C ARG A 58 -26.93 -35.14 8.53
N GLY A 59 -27.90 -35.28 9.45
CA GLY A 59 -28.04 -36.56 10.17
C GLY A 59 -28.26 -37.71 9.21
N ALA A 60 -27.51 -38.81 9.39
CA ALA A 60 -27.61 -39.95 8.45
C ALA A 60 -28.74 -40.90 8.88
N SER A 61 -30.00 -40.48 8.74
CA SER A 61 -31.13 -41.39 9.05
C SER A 61 -31.15 -42.48 7.99
N ALA A 62 -30.87 -42.11 6.74
CA ALA A 62 -30.80 -43.11 5.63
C ALA A 62 -29.63 -44.09 5.87
N GLY A 63 -28.45 -43.57 6.21
CA GLY A 63 -27.22 -44.36 6.42
C GLY A 63 -25.98 -43.72 5.85
N GLU A 64 -26.06 -43.17 4.63
CA GLU A 64 -24.92 -42.55 3.91
C GLU A 64 -24.53 -41.23 4.55
N PRO A 65 -23.23 -40.89 4.77
CA PRO A 65 -22.88 -39.55 5.25
C PRO A 65 -23.31 -38.46 4.25
N ILE A 66 -23.88 -37.34 4.75
CA ILE A 66 -24.32 -36.20 3.89
C ILE A 66 -23.66 -34.90 4.38
N PRO A 67 -22.42 -34.53 3.95
CA PRO A 67 -21.86 -33.22 4.30
C PRO A 67 -22.84 -32.09 3.97
N MET A 68 -23.10 -31.18 4.93
CA MET A 68 -24.14 -30.13 4.79
C MET A 68 -23.60 -28.75 5.22
N ALA A 69 -24.02 -27.69 4.53
CA ALA A 69 -23.83 -26.28 4.93
C ALA A 69 -25.15 -25.53 4.67
N GLY A 70 -25.39 -24.42 5.39
CA GLY A 70 -26.65 -23.65 5.25
C GLY A 70 -26.44 -22.17 5.55
N ILE A 71 -27.16 -21.30 4.82
CA ILE A 71 -27.08 -19.81 5.03
C ILE A 71 -28.50 -19.24 5.09
N PRO A 72 -28.78 -18.22 5.94
CA PRO A 72 -30.15 -17.68 6.04
C PRO A 72 -30.60 -17.02 4.72
N TYR A 73 -31.89 -17.15 4.40
CA TYR A 73 -32.54 -16.73 3.13
C TYR A 73 -32.51 -15.21 3.03
N HIS A 74 -32.67 -14.49 4.15
CA HIS A 74 -32.75 -13.01 4.18
C HIS A 74 -31.37 -12.38 3.95
N ALA A 75 -30.29 -13.13 4.18
CA ALA A 75 -28.91 -12.66 4.03
C ALA A 75 -28.22 -13.31 2.82
N VAL A 76 -29.03 -13.92 1.92
CA VAL A 76 -28.49 -14.65 0.73
C VAL A 76 -27.60 -13.73 -0.15
N GLU A 77 -28.06 -12.50 -0.39
CA GLU A 77 -27.43 -11.53 -1.30
C GLU A 77 -25.95 -11.32 -0.91
N ASN A 78 -25.65 -11.35 0.38
CA ASN A 78 -24.29 -11.11 0.91
C ASN A 78 -23.37 -12.24 0.42
N TYR A 79 -23.82 -13.49 0.60
CA TYR A 79 -23.07 -14.70 0.19
C TYR A 79 -23.02 -14.78 -1.35
N LEU A 80 -24.11 -14.32 -2.01
CA LEU A 80 -24.12 -14.30 -3.49
C LEU A 80 -23.00 -13.37 -3.97
N ALA A 81 -22.84 -12.23 -3.30
CA ALA A 81 -21.78 -11.26 -3.66
C ALA A 81 -20.42 -11.91 -3.48
N LYS A 82 -20.24 -12.66 -2.39
CA LYS A 82 -18.93 -13.31 -2.12
C LYS A 82 -18.65 -14.28 -3.27
N LEU A 83 -19.64 -15.09 -3.64
CA LEU A 83 -19.49 -16.09 -4.72
C LEU A 83 -19.26 -15.36 -6.04
N VAL A 84 -19.98 -14.28 -6.34
CA VAL A 84 -19.92 -13.60 -7.66
C VAL A 84 -18.52 -12.99 -7.87
N ASN A 85 -17.89 -12.48 -6.79
CA ASN A 85 -16.52 -11.93 -6.87
C ASN A 85 -15.56 -13.04 -7.24
N GLN A 86 -15.81 -14.26 -6.72
CA GLN A 86 -14.95 -15.44 -7.01
C GLN A 86 -15.30 -16.01 -8.39
N GLY A 87 -16.36 -15.49 -9.03
CA GLY A 87 -16.80 -15.96 -10.35
C GLY A 87 -17.44 -17.33 -10.26
N GLU A 88 -18.08 -17.64 -9.11
CA GLU A 88 -18.73 -18.95 -8.91
C GLU A 88 -20.20 -18.87 -9.33
N SER A 89 -20.60 -19.65 -10.36
CA SER A 89 -22.02 -19.72 -10.78
C SER A 89 -22.81 -20.48 -9.71
N VAL A 90 -24.02 -20.00 -9.40
CA VAL A 90 -24.87 -20.62 -8.37
C VAL A 90 -26.32 -20.63 -8.84
N ALA A 91 -27.02 -21.78 -8.67
CA ALA A 91 -28.47 -21.87 -8.98
C ALA A 91 -29.27 -21.59 -7.70
N ILE A 92 -30.40 -20.91 -7.87
CA ILE A 92 -31.39 -20.69 -6.78
C ILE A 92 -32.64 -21.47 -7.13
N CYS A 93 -33.03 -22.39 -6.23
CA CYS A 93 -34.26 -23.22 -6.32
C CYS A 93 -35.19 -22.87 -5.17
N GLU A 94 -36.51 -22.93 -5.37
CA GLU A 94 -37.48 -22.51 -4.31
C GLU A 94 -38.66 -23.49 -4.21
N GLN A 95 -39.28 -23.56 -3.03
CA GLN A 95 -40.53 -24.33 -2.80
C GLN A 95 -41.66 -23.64 -3.57
N ILE A 96 -42.18 -24.31 -4.61
CA ILE A 96 -43.26 -23.74 -5.49
C ILE A 96 -44.62 -24.03 -4.86
N GLY A 97 -44.84 -25.28 -4.43
CA GLY A 97 -46.14 -25.70 -3.83
C GLY A 97 -46.21 -25.40 -2.33
N ASP A 98 -47.36 -25.68 -1.72
CA ASP A 98 -47.58 -25.54 -0.26
C ASP A 98 -47.22 -26.87 0.40
N PRO A 99 -46.20 -26.94 1.30
CA PRO A 99 -45.77 -28.20 1.91
C PRO A 99 -46.84 -29.05 2.62
N ALA A 100 -47.90 -28.40 3.16
CA ALA A 100 -49.06 -29.05 3.82
C ALA A 100 -49.83 -29.94 2.84
N THR A 101 -50.06 -29.43 1.61
CA THR A 101 -50.84 -30.09 0.52
C THR A 101 -50.01 -31.15 -0.21
N SER A 102 -48.67 -31.06 -0.15
CA SER A 102 -47.72 -32.05 -0.73
C SER A 102 -47.43 -33.16 0.30
N LYS A 103 -47.99 -34.35 0.09
CA LYS A 103 -47.81 -35.55 0.97
C LYS A 103 -46.34 -35.98 0.95
N GLY A 104 -45.76 -36.06 -0.26
CA GLY A 104 -44.30 -36.25 -0.48
C GLY A 104 -43.55 -34.92 -0.33
N PRO A 105 -42.25 -34.85 -0.74
CA PRO A 105 -41.52 -33.58 -0.73
C PRO A 105 -42.19 -32.52 -1.63
N VAL A 106 -42.32 -31.29 -1.12
CA VAL A 106 -42.94 -30.11 -1.82
C VAL A 106 -42.21 -29.85 -3.14
N GLU A 107 -42.96 -29.49 -4.18
CA GLU A 107 -42.46 -29.36 -5.58
C GLU A 107 -41.46 -28.21 -5.66
N ARG A 108 -40.17 -28.54 -5.73
CA ARG A 108 -39.11 -27.53 -5.84
C ARG A 108 -38.71 -27.38 -7.30
N LYS A 109 -38.44 -26.15 -7.70
CA LYS A 109 -37.97 -25.82 -9.09
C LYS A 109 -36.90 -24.73 -9.02
N VAL A 110 -35.88 -24.83 -9.87
CA VAL A 110 -34.82 -23.80 -9.98
C VAL A 110 -35.49 -22.52 -10.50
N VAL A 111 -35.52 -21.47 -9.69
CA VAL A 111 -36.17 -20.17 -10.03
C VAL A 111 -35.25 -19.30 -10.90
N ARG A 112 -33.94 -19.36 -10.66
CA ARG A 112 -32.94 -18.54 -11.41
C ARG A 112 -31.53 -19.15 -11.24
N ILE A 113 -30.63 -18.84 -12.18
CA ILE A 113 -29.20 -19.25 -12.09
C ILE A 113 -28.36 -17.97 -12.03
N VAL A 114 -27.92 -17.60 -10.83
CA VAL A 114 -27.04 -16.41 -10.61
C VAL A 114 -25.67 -16.67 -11.18
N THR A 115 -25.35 -16.01 -12.28
CA THR A 115 -24.01 -16.01 -12.95
C THR A 115 -23.41 -14.62 -13.02
N PRO A 116 -22.08 -14.48 -13.08
CA PRO A 116 -21.46 -13.16 -13.13
C PRO A 116 -22.03 -12.27 -14.23
N GLY A 117 -22.47 -12.87 -15.31
CA GLY A 117 -23.06 -12.13 -16.45
C GLY A 117 -24.43 -11.60 -16.15
N THR A 118 -25.31 -12.43 -15.60
CA THR A 118 -26.73 -12.04 -15.40
C THR A 118 -26.99 -11.56 -13.98
N ILE A 119 -26.10 -10.79 -13.38
CA ILE A 119 -26.44 -10.30 -12.01
C ILE A 119 -27.24 -8.99 -12.17
N SER A 120 -28.53 -9.03 -12.00
CA SER A 120 -29.38 -7.82 -12.20
C SER A 120 -29.62 -7.12 -10.86
N ASP A 121 -29.26 -7.80 -9.78
CA ASP A 121 -29.40 -7.24 -8.41
C ASP A 121 -28.45 -6.06 -8.26
N GLU A 122 -28.93 -4.94 -7.78
CA GLU A 122 -28.15 -3.69 -7.61
C GLU A 122 -26.97 -3.91 -6.68
N ALA A 123 -27.18 -4.65 -5.58
CA ALA A 123 -26.13 -4.85 -4.56
C ALA A 123 -24.89 -5.45 -5.23
N LEU A 124 -25.07 -6.19 -6.31
CA LEU A 124 -23.95 -6.94 -6.94
C LEU A 124 -23.36 -6.10 -8.08
N LEU A 125 -23.87 -4.88 -8.30
CA LEU A 125 -23.41 -4.08 -9.46
C LEU A 125 -22.76 -2.77 -9.02
N GLN A 126 -21.47 -2.58 -9.32
CA GLN A 126 -20.79 -1.30 -9.04
C GLN A 126 -21.55 -0.21 -9.80
N GLU A 127 -22.06 0.82 -9.11
CA GLU A 127 -23.04 1.78 -9.66
C GLU A 127 -22.54 2.45 -10.96
N ARG A 128 -21.25 2.82 -11.06
CA ARG A 128 -20.75 3.53 -12.26
C ARG A 128 -20.04 2.58 -13.24
N GLN A 129 -20.23 1.26 -13.10
CA GLN A 129 -19.65 0.26 -14.04
C GLN A 129 -20.78 -0.57 -14.64
N ASP A 130 -20.80 -0.76 -15.96
CA ASP A 130 -21.82 -1.62 -16.64
C ASP A 130 -21.38 -3.09 -16.48
N ASN A 131 -22.34 -3.96 -16.14
CA ASN A 131 -22.10 -5.41 -16.03
C ASN A 131 -22.55 -5.97 -17.36
N LEU A 132 -21.79 -6.95 -17.93
CA LEU A 132 -22.05 -7.48 -19.28
C LEU A 132 -22.01 -9.02 -19.26
N LEU A 133 -22.62 -9.62 -20.28
CA LEU A 133 -22.58 -11.11 -20.44
C LEU A 133 -22.42 -11.39 -21.92
N ALA A 134 -21.48 -12.27 -22.27
CA ALA A 134 -21.09 -12.52 -23.68
C ALA A 134 -20.68 -13.97 -23.89
N ALA A 135 -20.75 -14.47 -25.12
CA ALA A 135 -20.22 -15.78 -25.54
C ALA A 135 -19.33 -15.53 -26.76
N ILE A 136 -18.50 -16.50 -27.13
CA ILE A 136 -17.61 -16.37 -28.32
C ILE A 136 -17.51 -17.69 -29.10
N TRP A 137 -17.47 -17.59 -30.44
CA TRP A 137 -17.45 -18.75 -31.36
C TRP A 137 -16.28 -18.55 -32.33
N GLN A 138 -15.70 -19.61 -32.87
CA GLN A 138 -14.63 -19.53 -33.91
C GLN A 138 -15.01 -20.40 -35.11
N ASP A 139 -15.09 -19.79 -36.29
CA ASP A 139 -15.13 -20.52 -37.59
C ASP A 139 -13.76 -20.32 -38.24
N SER A 140 -13.48 -21.03 -39.32
CA SER A 140 -12.15 -21.02 -40.00
C SER A 140 -11.82 -19.60 -40.49
N LYS A 141 -12.84 -18.90 -41.04
CA LYS A 141 -12.71 -17.52 -41.58
C LYS A 141 -12.56 -16.47 -40.47
N GLY A 142 -13.40 -16.54 -39.44
CA GLY A 142 -13.47 -15.48 -38.41
C GLY A 142 -14.14 -15.91 -37.14
N PHE A 143 -14.54 -14.96 -36.29
CA PHE A 143 -15.07 -15.22 -34.92
C PHE A 143 -16.41 -14.51 -34.71
N GLY A 144 -17.34 -15.15 -33.99
CA GLY A 144 -18.68 -14.60 -33.71
C GLY A 144 -18.84 -14.19 -32.26
N TYR A 145 -18.68 -12.89 -31.99
CA TYR A 145 -18.71 -12.35 -30.60
C TYR A 145 -20.00 -11.60 -30.32
N ALA A 146 -20.76 -12.09 -29.35
CA ALA A 146 -22.04 -11.46 -28.92
C ALA A 146 -21.93 -10.88 -27.52
N THR A 147 -22.75 -9.87 -27.20
CA THR A 147 -22.82 -9.23 -25.85
C THR A 147 -24.24 -8.83 -25.50
N LEU A 148 -24.62 -9.00 -24.24
CA LEU A 148 -25.94 -8.56 -23.78
C LEU A 148 -25.79 -7.83 -22.46
N ASP A 149 -26.25 -6.61 -22.39
CA ASP A 149 -26.28 -5.91 -21.09
C ASP A 149 -27.62 -6.27 -20.50
N ILE A 150 -27.65 -7.32 -19.71
CA ILE A 150 -28.93 -7.82 -19.11
C ILE A 150 -29.52 -6.72 -18.20
N SER A 151 -28.68 -5.84 -17.68
CA SER A 151 -29.13 -4.77 -16.74
C SER A 151 -29.80 -3.62 -17.55
N SER A 152 -29.82 -3.72 -18.88
CA SER A 152 -30.34 -2.59 -19.68
C SER A 152 -31.24 -3.10 -20.79
N GLY A 153 -30.98 -4.30 -21.33
CA GLY A 153 -31.71 -4.77 -22.52
C GLY A 153 -30.91 -4.46 -23.79
N ARG A 154 -29.84 -3.67 -23.63
CA ARG A 154 -28.93 -3.36 -24.76
C ARG A 154 -28.29 -4.68 -25.18
N PHE A 155 -28.49 -5.07 -26.43
CA PHE A 155 -27.98 -6.36 -26.96
C PHE A 155 -27.17 -6.07 -28.22
N ARG A 156 -25.92 -6.49 -28.23
CA ARG A 156 -25.01 -6.24 -29.38
C ARG A 156 -24.40 -7.54 -29.89
N LEU A 157 -23.72 -7.43 -31.04
CA LEU A 157 -23.10 -8.57 -31.75
C LEU A 157 -21.99 -8.03 -32.64
N SER A 158 -20.99 -8.84 -32.99
CA SER A 158 -19.91 -8.45 -33.92
C SER A 158 -19.24 -9.68 -34.52
N GLU A 159 -18.63 -9.52 -35.69
CA GLU A 159 -17.79 -10.54 -36.34
C GLU A 159 -16.39 -9.96 -36.53
N PRO A 160 -15.56 -9.87 -35.47
CA PRO A 160 -14.23 -9.31 -35.62
C PRO A 160 -13.35 -10.24 -36.49
N ALA A 161 -12.47 -9.64 -37.26
CA ALA A 161 -11.66 -10.32 -38.31
C ALA A 161 -10.74 -11.43 -37.80
N ASP A 162 -9.87 -11.12 -36.82
CA ASP A 162 -8.77 -12.04 -36.40
C ASP A 162 -8.35 -11.83 -34.94
N ARG A 163 -7.43 -12.66 -34.43
CA ARG A 163 -7.10 -12.83 -33.01
C ARG A 163 -6.80 -11.50 -32.29
N GLU A 164 -5.98 -10.63 -32.87
CA GLU A 164 -5.53 -9.37 -32.19
C GLU A 164 -6.73 -8.45 -31.91
N THR A 165 -7.70 -8.40 -32.85
CA THR A 165 -8.95 -7.61 -32.69
C THR A 165 -9.86 -8.28 -31.63
N MET A 166 -9.82 -9.61 -31.52
CA MET A 166 -10.58 -10.30 -30.45
C MET A 166 -10.11 -9.75 -29.11
N ALA A 167 -8.79 -9.64 -28.92
CA ALA A 167 -8.23 -9.15 -27.64
C ALA A 167 -8.66 -7.70 -27.38
N ALA A 168 -8.63 -6.87 -28.41
CA ALA A 168 -9.06 -5.45 -28.31
C ALA A 168 -10.53 -5.42 -27.87
N GLU A 169 -11.38 -6.24 -28.51
CA GLU A 169 -12.81 -6.31 -28.15
C GLU A 169 -12.97 -6.87 -26.73
N LEU A 170 -12.20 -7.90 -26.38
CA LEU A 170 -12.34 -8.53 -25.05
C LEU A 170 -11.99 -7.56 -23.95
N GLN A 171 -10.90 -6.80 -24.10
CA GLN A 171 -10.53 -5.78 -23.06
C GLN A 171 -11.61 -4.70 -23.05
N ARG A 172 -12.04 -4.21 -24.24
CA ARG A 172 -12.98 -3.05 -24.24
C ARG A 172 -14.30 -3.44 -23.57
N THR A 173 -14.80 -4.62 -23.89
CA THR A 173 -15.98 -5.15 -23.22
C THR A 173 -15.65 -5.53 -21.76
N ASN A 174 -14.48 -6.11 -21.51
CA ASN A 174 -14.15 -6.63 -20.17
C ASN A 174 -15.28 -7.48 -19.58
N PRO A 175 -15.75 -8.55 -20.26
CA PRO A 175 -16.93 -9.26 -19.79
C PRO A 175 -16.64 -10.05 -18.52
N ALA A 176 -17.24 -9.63 -17.43
CA ALA A 176 -17.11 -10.29 -16.13
C ALA A 176 -17.44 -11.79 -16.27
N GLU A 177 -18.22 -12.16 -17.31
CA GLU A 177 -18.51 -13.59 -17.61
C GLU A 177 -18.35 -13.81 -19.12
N LEU A 178 -17.81 -14.95 -19.53
CA LEU A 178 -17.56 -15.29 -20.96
C LEU A 178 -17.92 -16.75 -21.22
N LEU A 179 -18.87 -17.03 -22.12
CA LEU A 179 -19.23 -18.41 -22.57
C LEU A 179 -18.44 -18.72 -23.85
N TYR A 180 -18.08 -19.98 -24.05
CA TYR A 180 -17.43 -20.40 -25.31
C TYR A 180 -17.71 -21.86 -25.62
N ALA A 181 -17.19 -22.33 -26.75
CA ALA A 181 -17.46 -23.66 -27.31
C ALA A 181 -16.24 -24.56 -27.18
N GLU A 182 -16.46 -25.86 -26.97
CA GLU A 182 -15.37 -26.85 -26.73
C GLU A 182 -14.36 -26.85 -27.87
N ASP A 183 -14.79 -26.50 -29.09
CA ASP A 183 -13.94 -26.58 -30.29
C ASP A 183 -13.11 -25.30 -30.45
N PHE A 184 -13.15 -24.36 -29.49
CA PHE A 184 -12.44 -23.06 -29.66
C PHE A 184 -10.93 -23.31 -29.72
N ALA A 185 -10.30 -22.95 -30.83
CA ALA A 185 -8.88 -23.25 -31.13
C ALA A 185 -7.92 -22.36 -30.32
N GLU A 186 -8.12 -21.02 -30.35
CA GLU A 186 -7.17 -20.06 -29.71
C GLU A 186 -7.50 -19.94 -28.23
N MET A 187 -6.86 -20.74 -27.38
CA MET A 187 -7.21 -20.89 -25.93
C MET A 187 -6.35 -19.96 -25.04
N SER A 188 -5.42 -19.22 -25.65
CA SER A 188 -4.63 -18.15 -24.95
C SER A 188 -5.56 -16.97 -24.56
N LEU A 189 -6.41 -16.55 -25.48
CA LEU A 189 -7.32 -15.40 -25.28
C LEU A 189 -8.36 -15.72 -24.23
N ILE A 190 -8.87 -16.96 -24.21
CA ILE A 190 -10.02 -17.35 -23.34
C ILE A 190 -9.55 -17.62 -21.91
N GLU A 191 -8.39 -18.28 -21.76
CA GLU A 191 -7.86 -18.63 -20.41
C GLU A 191 -7.43 -17.35 -19.68
N GLY A 192 -7.75 -17.23 -18.38
CA GLY A 192 -7.45 -16.06 -17.55
C GLY A 192 -8.61 -15.11 -17.42
N ARG A 193 -9.62 -15.26 -18.28
CA ARG A 193 -10.87 -14.46 -18.17
C ARG A 193 -11.69 -14.95 -16.97
N ARG A 194 -12.29 -14.02 -16.24
CA ARG A 194 -13.11 -14.32 -15.04
C ARG A 194 -14.45 -14.95 -15.45
N GLY A 195 -14.94 -15.90 -14.64
CA GLY A 195 -16.22 -16.59 -14.91
C GLY A 195 -16.23 -17.29 -16.25
N LEU A 196 -15.20 -18.08 -16.54
CA LEU A 196 -15.05 -18.77 -17.84
C LEU A 196 -15.99 -19.98 -17.91
N ARG A 197 -16.78 -20.08 -19.00
CA ARG A 197 -17.76 -21.18 -19.20
C ARG A 197 -17.50 -21.91 -20.54
N ARG A 198 -17.35 -23.23 -20.49
CA ARG A 198 -17.27 -24.13 -21.69
C ARG A 198 -18.69 -24.64 -21.93
N ARG A 199 -19.09 -24.84 -23.19
CA ARG A 199 -20.50 -25.21 -23.51
C ARG A 199 -20.55 -26.33 -24.55
N PRO A 200 -21.70 -27.05 -24.71
CA PRO A 200 -21.88 -28.01 -25.80
C PRO A 200 -21.86 -27.37 -27.19
N LEU A 201 -21.55 -28.15 -28.23
CA LEU A 201 -21.45 -27.66 -29.63
C LEU A 201 -22.83 -27.40 -30.24
N TRP A 202 -23.84 -28.19 -29.89
CA TRP A 202 -25.21 -28.13 -30.48
C TRP A 202 -25.88 -26.79 -30.21
N GLU A 203 -25.40 -26.06 -29.19
CA GLU A 203 -25.91 -24.71 -28.83
C GLU A 203 -25.51 -23.65 -29.88
N PHE A 204 -24.41 -23.87 -30.61
CA PHE A 204 -23.88 -22.89 -31.60
C PHE A 204 -24.33 -23.25 -33.03
N GLU A 205 -25.46 -23.95 -33.17
CA GLU A 205 -26.10 -24.26 -34.48
C GLU A 205 -26.79 -22.99 -35.04
N ILE A 206 -26.66 -22.74 -36.35
CA ILE A 206 -27.22 -21.52 -37.02
C ILE A 206 -28.75 -21.55 -37.05
N ASP A 207 -29.35 -22.69 -37.42
CA ASP A 207 -30.81 -22.82 -37.65
C ASP A 207 -31.59 -22.44 -36.38
N THR A 208 -31.16 -22.99 -35.23
CA THR A 208 -31.81 -22.76 -33.90
C THR A 208 -31.79 -21.25 -33.61
N ALA A 209 -30.62 -20.61 -33.86
CA ALA A 209 -30.44 -19.16 -33.65
C ALA A 209 -31.36 -18.35 -34.56
N ARG A 210 -31.46 -18.74 -35.83
CA ARG A 210 -32.30 -17.92 -36.75
C ARG A 210 -33.71 -17.86 -36.17
N GLN A 211 -34.28 -19.02 -35.82
CA GLN A 211 -35.66 -19.08 -35.26
C GLN A 211 -35.72 -18.39 -33.88
N GLN A 212 -34.76 -18.67 -33.00
CA GLN A 212 -34.85 -18.15 -31.60
C GLN A 212 -34.82 -16.62 -31.57
N LEU A 213 -33.91 -16.01 -32.33
CA LEU A 213 -33.78 -14.53 -32.31
C LEU A 213 -35.09 -13.92 -32.84
N ASN A 214 -35.62 -14.50 -33.93
CA ASN A 214 -36.87 -13.99 -34.53
C ASN A 214 -38.00 -14.11 -33.51
N LEU A 215 -38.07 -15.23 -32.80
CA LEU A 215 -39.15 -15.47 -31.81
C LEU A 215 -39.06 -14.43 -30.69
N GLN A 216 -37.86 -14.19 -30.17
CA GLN A 216 -37.71 -13.25 -29.03
C GLN A 216 -38.12 -11.83 -29.45
N PHE A 217 -37.64 -11.37 -30.60
CA PHE A 217 -37.98 -10.02 -31.11
C PHE A 217 -39.45 -9.95 -31.51
N GLY A 218 -40.01 -11.02 -32.04
CA GLY A 218 -41.40 -10.99 -32.56
C GLY A 218 -41.41 -10.51 -34.00
N THR A 219 -40.23 -10.35 -34.60
CA THR A 219 -40.11 -9.92 -36.01
C THR A 219 -39.83 -11.15 -36.88
N ARG A 220 -40.53 -11.30 -37.99
CA ARG A 220 -40.37 -12.50 -38.86
C ARG A 220 -38.94 -12.55 -39.41
N ASP A 221 -38.37 -11.41 -39.80
CA ASP A 221 -37.02 -11.38 -40.40
C ASP A 221 -36.08 -10.52 -39.55
N LEU A 222 -34.88 -11.00 -39.28
CA LEU A 222 -33.85 -10.23 -38.54
C LEU A 222 -33.39 -9.08 -39.44
N VAL A 223 -33.84 -9.06 -40.69
CA VAL A 223 -33.51 -7.96 -41.66
C VAL A 223 -33.92 -6.62 -41.04
N GLY A 224 -34.89 -6.62 -40.10
CA GLY A 224 -35.32 -5.41 -39.40
C GLY A 224 -34.20 -4.73 -38.61
N PHE A 225 -33.10 -5.44 -38.33
CA PHE A 225 -31.97 -4.91 -37.53
C PHE A 225 -30.65 -5.03 -38.29
N GLY A 226 -30.69 -5.51 -39.55
CA GLY A 226 -29.49 -5.75 -40.39
C GLY A 226 -28.45 -6.68 -39.76
N VAL A 227 -28.85 -7.89 -39.35
CA VAL A 227 -27.92 -8.92 -38.75
C VAL A 227 -27.97 -10.21 -39.57
N GLU A 228 -28.92 -10.33 -40.50
CA GLU A 228 -29.17 -11.57 -41.28
C GLU A 228 -27.90 -12.01 -42.03
N ASN A 229 -27.12 -11.04 -42.50
CA ASN A 229 -25.94 -11.27 -43.37
C ASN A 229 -24.69 -11.57 -42.54
N ALA A 230 -24.85 -11.93 -41.26
CA ALA A 230 -23.73 -12.26 -40.35
C ALA A 230 -24.10 -13.43 -39.45
N PRO A 231 -24.16 -14.68 -39.96
CA PRO A 231 -24.62 -15.82 -39.18
C PRO A 231 -23.72 -16.23 -38.00
N ARG A 232 -22.40 -16.07 -38.13
CA ARG A 232 -21.42 -16.52 -37.10
C ARG A 232 -21.74 -15.87 -35.76
N GLY A 233 -21.99 -14.55 -35.77
CA GLY A 233 -22.35 -13.80 -34.56
C GLY A 233 -23.71 -14.18 -34.00
N LEU A 234 -24.68 -14.45 -34.88
CA LEU A 234 -26.07 -14.79 -34.50
C LEU A 234 -26.05 -16.07 -33.67
N CYS A 235 -25.15 -17.01 -34.01
CA CYS A 235 -25.04 -18.32 -33.31
C CYS A 235 -24.73 -18.08 -31.82
N ALA A 236 -23.75 -17.23 -31.54
CA ALA A 236 -23.36 -16.87 -30.17
C ALA A 236 -24.54 -16.19 -29.47
N ALA A 237 -25.24 -15.31 -30.21
CA ALA A 237 -26.44 -14.61 -29.67
C ALA A 237 -27.44 -15.67 -29.18
N GLY A 238 -27.76 -16.66 -30.05
CA GLY A 238 -28.74 -17.70 -29.72
C GLY A 238 -28.42 -18.37 -28.40
N CYS A 239 -27.16 -18.83 -28.23
CA CYS A 239 -26.71 -19.49 -26.99
C CYS A 239 -26.83 -18.51 -25.82
N LEU A 240 -26.40 -17.26 -26.06
CA LEU A 240 -26.47 -16.21 -25.02
C LEU A 240 -27.94 -15.98 -24.65
N LEU A 241 -28.79 -15.83 -25.65
CA LEU A 241 -30.25 -15.59 -25.46
C LEU A 241 -30.83 -16.78 -24.69
N GLN A 242 -30.46 -18.00 -25.09
CA GLN A 242 -30.89 -19.25 -24.40
C GLN A 242 -30.25 -19.28 -23.00
N TYR A 243 -28.97 -18.90 -22.89
CA TYR A 243 -28.25 -18.91 -21.60
C TYR A 243 -28.95 -17.92 -20.66
N ALA A 244 -29.21 -16.71 -21.18
CA ALA A 244 -29.90 -15.64 -20.42
C ALA A 244 -31.30 -16.16 -20.03
N LYS A 245 -32.01 -16.73 -21.01
CA LYS A 245 -33.37 -17.30 -20.82
C LYS A 245 -33.28 -18.41 -19.77
N ASP A 246 -32.29 -19.31 -19.91
CA ASP A 246 -32.09 -20.47 -19.00
C ASP A 246 -31.77 -19.92 -17.62
N THR A 247 -30.89 -18.90 -17.54
CA THR A 247 -30.42 -18.32 -16.26
C THR A 247 -31.52 -17.51 -15.56
N GLN A 248 -32.52 -17.02 -16.30
CA GLN A 248 -33.62 -16.17 -15.73
C GLN A 248 -34.97 -16.91 -15.77
N ARG A 249 -35.04 -18.02 -16.53
CA ARG A 249 -36.20 -18.97 -16.55
C ARG A 249 -37.48 -18.28 -17.01
N THR A 250 -37.37 -17.07 -17.58
CA THR A 250 -38.56 -16.21 -17.89
C THR A 250 -38.34 -15.48 -19.22
N THR A 251 -39.38 -14.84 -19.76
CA THR A 251 -39.30 -14.02 -21.00
C THR A 251 -38.51 -12.75 -20.72
N LEU A 252 -37.85 -12.18 -21.74
CA LEU A 252 -36.95 -11.00 -21.62
C LEU A 252 -37.46 -9.94 -22.62
N PRO A 253 -38.66 -9.37 -22.39
CA PRO A 253 -39.26 -8.44 -23.35
C PRO A 253 -38.58 -7.06 -23.45
N HIS A 254 -37.76 -6.72 -22.46
CA HIS A 254 -36.96 -5.48 -22.45
C HIS A 254 -35.84 -5.58 -23.50
N ILE A 255 -35.38 -6.80 -23.74
CA ILE A 255 -34.37 -7.04 -24.80
C ILE A 255 -35.19 -7.03 -26.07
N ARG A 256 -35.48 -5.84 -26.56
CA ARG A 256 -36.41 -5.71 -27.71
C ARG A 256 -35.66 -5.47 -29.02
N SER A 257 -34.35 -5.49 -29.01
CA SER A 257 -33.61 -5.15 -30.25
C SER A 257 -32.23 -5.76 -30.34
N ILE A 258 -31.66 -5.87 -31.54
CA ILE A 258 -30.27 -6.36 -31.76
C ILE A 258 -29.54 -5.39 -32.68
N THR A 259 -28.25 -5.18 -32.45
CA THR A 259 -27.48 -4.19 -33.23
C THR A 259 -26.11 -4.73 -33.58
N MET A 260 -25.57 -4.35 -34.73
CA MET A 260 -24.25 -4.84 -35.20
C MET A 260 -23.22 -3.73 -35.01
N GLU A 261 -22.28 -3.95 -34.11
CA GLU A 261 -21.25 -2.90 -33.83
C GLU A 261 -20.21 -2.91 -34.96
N ARG A 262 -20.32 -1.95 -35.85
CA ARG A 262 -19.47 -1.89 -37.07
C ARG A 262 -18.11 -1.27 -36.75
N GLU A 263 -17.04 -1.92 -37.15
CA GLU A 263 -15.65 -1.41 -37.06
C GLU A 263 -15.53 -0.07 -37.83
N GLN A 264 -16.26 0.02 -38.95
CA GLN A 264 -16.27 1.20 -39.83
C GLN A 264 -16.90 2.41 -39.11
N ASP A 265 -17.86 2.17 -38.21
CA ASP A 265 -18.64 3.27 -37.56
C ASP A 265 -18.06 3.69 -36.21
N SER A 266 -16.82 3.29 -35.89
CA SER A 266 -16.17 3.61 -34.60
C SER A 266 -14.66 3.77 -34.74
N ILE A 267 -14.01 4.46 -33.76
CA ILE A 267 -12.51 4.53 -33.83
C ILE A 267 -11.94 3.26 -33.22
N ILE A 268 -11.17 2.48 -33.97
CA ILE A 268 -10.68 1.16 -33.47
C ILE A 268 -9.44 1.41 -32.63
N MET A 269 -9.57 1.44 -31.30
CA MET A 269 -8.42 1.54 -30.40
C MET A 269 -7.97 0.12 -30.06
N ASP A 270 -6.69 -0.20 -30.28
CA ASP A 270 -6.16 -1.54 -29.89
C ASP A 270 -6.14 -1.59 -28.36
N ALA A 271 -6.32 -2.76 -27.76
CA ALA A 271 -6.34 -2.96 -26.29
C ALA A 271 -5.19 -2.18 -25.65
N ALA A 272 -3.97 -2.27 -26.17
CA ALA A 272 -2.77 -1.68 -25.59
C ALA A 272 -2.88 -0.16 -25.48
N THR A 273 -3.26 0.52 -26.59
CA THR A 273 -3.44 1.98 -26.63
C THR A 273 -4.35 2.39 -25.50
N ARG A 274 -5.36 1.58 -25.23
CA ARG A 274 -6.42 1.91 -24.24
C ARG A 274 -5.88 1.79 -22.82
N ARG A 275 -4.78 1.05 -22.59
CA ARG A 275 -4.15 0.94 -21.25
C ARG A 275 -3.27 2.16 -20.99
N ASN A 276 -2.77 2.80 -22.04
CA ASN A 276 -1.83 3.93 -21.92
C ASN A 276 -2.62 5.24 -21.80
N LEU A 277 -3.74 5.36 -22.50
CA LEU A 277 -4.58 6.59 -22.47
C LEU A 277 -5.12 6.78 -21.05
N GLU A 278 -5.30 5.68 -20.29
CA GLU A 278 -5.89 5.77 -18.91
C GLU A 278 -7.26 6.42 -19.09
N ILE A 279 -8.15 5.72 -19.78
CA ILE A 279 -9.46 6.32 -20.16
C ILE A 279 -10.36 6.32 -18.93
N THR A 280 -10.56 5.16 -18.31
CA THR A 280 -11.29 5.00 -17.03
C THR A 280 -10.36 4.35 -16.00
N GLN A 281 -9.42 3.51 -16.44
CA GLN A 281 -8.53 2.74 -15.51
C GLN A 281 -7.07 2.99 -15.88
N ASN A 282 -6.25 3.42 -14.91
CA ASN A 282 -4.81 3.74 -15.11
C ASN A 282 -4.00 2.45 -15.24
N LEU A 283 -2.69 2.57 -15.52
CA LEU A 283 -1.75 1.43 -15.64
C LEU A 283 -1.74 0.68 -14.31
N ALA A 284 -1.76 1.41 -13.18
CA ALA A 284 -1.73 0.87 -11.80
C ALA A 284 -3.04 0.16 -11.46
N GLY A 285 -4.08 0.35 -12.28
CA GLY A 285 -5.39 -0.30 -12.06
C GLY A 285 -6.33 0.56 -11.25
N GLY A 286 -5.87 1.74 -10.81
CA GLY A 286 -6.67 2.69 -10.02
C GLY A 286 -7.60 3.53 -10.87
N ALA A 287 -8.44 4.36 -10.25
CA ALA A 287 -9.36 5.29 -10.94
C ALA A 287 -8.92 6.74 -10.70
N GLU A 288 -7.61 6.97 -10.50
CA GLU A 288 -7.04 8.34 -10.28
C GLU A 288 -6.24 8.76 -11.49
N ASN A 289 -6.16 10.08 -11.76
CA ASN A 289 -5.39 10.68 -12.89
C ASN A 289 -5.95 10.14 -14.22
N THR A 290 -7.24 9.83 -14.27
CA THR A 290 -7.90 9.27 -15.48
C THR A 290 -8.50 10.43 -16.30
N LEU A 291 -8.77 10.18 -17.59
CA LEU A 291 -9.51 11.15 -18.44
C LEU A 291 -10.91 11.29 -17.84
N ALA A 292 -11.47 10.14 -17.41
CA ALA A 292 -12.84 10.12 -16.85
C ALA A 292 -12.92 11.06 -15.66
N SER A 293 -12.04 10.94 -14.66
CA SER A 293 -12.21 11.75 -13.43
C SER A 293 -12.33 13.27 -13.60
N VAL A 294 -11.53 13.85 -14.50
CA VAL A 294 -11.50 15.32 -14.75
C VAL A 294 -12.55 15.70 -15.79
N LEU A 295 -13.05 14.77 -16.58
CA LEU A 295 -14.12 14.98 -17.59
C LEU A 295 -15.42 14.63 -16.85
N ASP A 296 -15.31 13.97 -15.69
CA ASP A 296 -16.56 13.49 -15.02
C ASP A 296 -16.88 14.24 -13.73
N CYS A 297 -17.94 15.01 -13.73
CA CYS A 297 -18.52 15.70 -12.54
C CYS A 297 -20.03 15.48 -12.69
N THR A 298 -20.45 14.37 -13.32
CA THR A 298 -21.90 14.09 -13.63
C THR A 298 -22.77 13.76 -12.41
N VAL A 299 -24.05 14.17 -12.44
CA VAL A 299 -25.01 13.89 -11.32
C VAL A 299 -25.47 12.43 -11.20
N THR A 300 -25.78 11.72 -12.30
CA THR A 300 -26.39 10.36 -12.16
C THR A 300 -25.44 9.21 -12.60
N PRO A 301 -25.42 7.98 -12.00
CA PRO A 301 -24.47 6.97 -12.46
C PRO A 301 -24.65 6.57 -13.91
N MET A 302 -25.91 6.47 -14.35
CA MET A 302 -26.36 6.18 -15.73
C MET A 302 -25.56 7.04 -16.68
N GLY A 303 -25.45 8.33 -16.39
CA GLY A 303 -24.79 9.32 -17.23
C GLY A 303 -23.29 9.00 -17.33
N SER A 304 -22.68 8.60 -16.20
CA SER A 304 -21.26 8.23 -16.15
C SER A 304 -21.00 6.98 -17.00
N ARG A 305 -21.94 6.05 -16.97
CA ARG A 305 -21.73 4.80 -17.73
C ARG A 305 -21.78 5.19 -19.20
N MET A 306 -22.81 5.90 -19.60
CA MET A 306 -23.00 6.30 -21.01
C MET A 306 -21.74 7.06 -21.44
N LEU A 307 -21.21 7.92 -20.54
CA LEU A 307 -19.96 8.64 -20.81
C LEU A 307 -18.80 7.64 -21.05
N LYS A 308 -18.69 6.65 -20.17
CA LYS A 308 -17.60 5.64 -20.20
C LYS A 308 -17.78 4.81 -21.49
N ARG A 309 -19.04 4.53 -21.88
CA ARG A 309 -19.32 3.77 -23.13
C ARG A 309 -18.92 4.64 -24.34
N TRP A 310 -19.30 5.93 -24.29
CA TRP A 310 -19.03 6.90 -25.36
C TRP A 310 -17.51 7.02 -25.51
N LEU A 311 -16.76 7.05 -24.41
CA LEU A 311 -15.27 7.11 -24.45
C LEU A 311 -14.73 5.86 -25.12
N HIS A 312 -15.17 4.67 -24.68
CA HIS A 312 -14.71 3.38 -25.26
C HIS A 312 -15.17 3.24 -26.71
N MET A 313 -16.37 3.73 -27.04
CA MET A 313 -16.93 3.65 -28.43
C MET A 313 -16.96 5.06 -29.07
N PRO A 314 -15.84 5.77 -29.41
CA PRO A 314 -15.95 7.04 -30.07
C PRO A 314 -16.58 6.85 -31.48
N VAL A 315 -17.61 7.66 -31.76
CA VAL A 315 -18.43 7.55 -32.98
C VAL A 315 -17.74 8.36 -34.08
N ARG A 316 -17.97 8.01 -35.35
CA ARG A 316 -17.29 8.59 -36.54
C ARG A 316 -18.23 9.46 -37.38
N ASP A 317 -19.55 9.25 -37.33
CA ASP A 317 -20.52 10.04 -38.14
C ASP A 317 -20.63 11.48 -37.60
N THR A 318 -20.54 12.44 -38.50
CA THR A 318 -20.52 13.92 -38.20
C THR A 318 -21.87 14.40 -37.67
N ARG A 319 -22.97 13.94 -38.28
CA ARG A 319 -24.34 14.40 -37.95
C ARG A 319 -24.58 14.28 -36.44
N VAL A 320 -24.20 13.14 -35.86
CA VAL A 320 -24.41 12.83 -34.41
C VAL A 320 -23.62 13.83 -33.57
N LEU A 321 -22.42 14.22 -34.02
CA LEU A 321 -21.52 15.17 -33.30
C LEU A 321 -22.09 16.60 -33.37
N LEU A 322 -22.49 17.04 -34.58
CA LEU A 322 -23.02 18.40 -34.79
C LEU A 322 -24.32 18.57 -33.99
N GLU A 323 -25.10 17.49 -33.89
CA GLU A 323 -26.35 17.47 -33.10
C GLU A 323 -26.02 17.71 -31.62
N ARG A 324 -25.02 17.00 -31.09
CA ARG A 324 -24.64 17.07 -29.66
C ARG A 324 -24.06 18.43 -29.29
N GLN A 325 -23.20 18.98 -30.12
CA GLN A 325 -22.46 20.24 -29.77
C GLN A 325 -23.46 21.37 -29.62
N GLN A 326 -24.34 21.53 -30.64
CA GLN A 326 -25.32 22.63 -30.66
C GLN A 326 -26.17 22.56 -29.38
N THR A 327 -26.55 21.33 -29.01
CA THR A 327 -27.36 21.05 -27.79
C THR A 327 -26.58 21.53 -26.55
N ILE A 328 -25.31 21.11 -26.42
CA ILE A 328 -24.47 21.44 -25.22
C ILE A 328 -24.31 22.96 -25.12
N GLY A 329 -24.09 23.64 -26.26
CA GLY A 329 -23.95 25.10 -26.30
C GLY A 329 -25.21 25.80 -25.82
N ALA A 330 -26.38 25.30 -26.23
CA ALA A 330 -27.69 25.84 -25.83
C ALA A 330 -27.94 25.58 -24.34
N LEU A 331 -27.52 24.41 -23.83
CA LEU A 331 -27.72 24.02 -22.41
C LEU A 331 -26.80 24.82 -21.46
N GLN A 332 -25.66 25.32 -21.97
CA GLN A 332 -24.59 25.95 -21.13
C GLN A 332 -25.17 27.00 -20.17
N ASP A 333 -26.11 27.82 -20.64
CA ASP A 333 -26.69 28.94 -19.87
C ASP A 333 -27.51 28.43 -18.67
N PHE A 334 -28.29 27.35 -18.89
CA PHE A 334 -29.27 26.85 -17.88
C PHE A 334 -28.64 25.79 -16.99
N THR A 335 -27.38 25.39 -17.26
CA THR A 335 -26.70 24.28 -16.54
C THR A 335 -26.91 24.41 -15.04
N ALA A 336 -26.82 25.63 -14.52
CA ALA A 336 -26.99 25.97 -13.08
C ALA A 336 -28.35 25.45 -12.59
N GLY A 337 -29.41 25.65 -13.37
CA GLY A 337 -30.77 25.22 -13.03
C GLY A 337 -31.04 23.77 -13.38
N LEU A 338 -30.29 23.21 -14.34
CA LEU A 338 -30.52 21.83 -14.84
C LEU A 338 -29.89 20.79 -13.90
N GLN A 339 -28.64 21.00 -13.43
CA GLN A 339 -27.91 19.97 -12.67
C GLN A 339 -28.69 19.48 -11.46
N PRO A 340 -29.28 20.35 -10.58
CA PRO A 340 -29.97 19.87 -9.37
C PRO A 340 -31.18 18.96 -9.63
N VAL A 341 -32.01 19.31 -10.60
CA VAL A 341 -33.31 18.61 -10.88
C VAL A 341 -32.97 17.22 -11.44
N LEU A 342 -31.95 17.14 -12.31
CA LEU A 342 -31.56 15.88 -13.00
C LEU A 342 -30.97 14.87 -11.98
N ARG A 343 -30.54 15.34 -10.81
CA ARG A 343 -29.88 14.49 -9.79
C ARG A 343 -30.94 13.62 -9.09
N GLN A 344 -32.15 14.14 -8.94
CA GLN A 344 -33.22 13.43 -8.22
C GLN A 344 -33.90 12.43 -9.16
N VAL A 345 -33.34 12.24 -10.37
CA VAL A 345 -33.97 11.32 -11.39
C VAL A 345 -33.78 9.87 -10.92
N GLY A 346 -32.56 9.50 -10.50
CA GLY A 346 -32.21 8.14 -10.02
C GLY A 346 -31.88 7.16 -11.17
N ASP A 347 -31.56 5.91 -10.82
CA ASP A 347 -31.03 4.91 -11.78
C ASP A 347 -32.17 4.32 -12.62
N LEU A 348 -32.73 5.10 -13.57
CA LEU A 348 -33.95 4.65 -14.30
C LEU A 348 -33.67 3.38 -15.11
N GLU A 349 -32.50 3.29 -15.77
CA GLU A 349 -32.18 2.16 -16.70
C GLU A 349 -32.25 0.80 -15.99
N ARG A 350 -31.56 0.66 -14.87
CA ARG A 350 -31.49 -0.60 -14.08
C ARG A 350 -32.84 -0.86 -13.38
N ILE A 351 -33.54 0.22 -13.02
CA ILE A 351 -34.89 0.15 -12.40
C ILE A 351 -35.87 -0.46 -13.40
N LEU A 352 -35.88 0.02 -14.64
CA LEU A 352 -36.82 -0.43 -15.73
C LEU A 352 -36.57 -1.91 -16.05
N ALA A 353 -35.31 -2.32 -15.98
CA ALA A 353 -34.95 -3.72 -16.26
C ALA A 353 -35.44 -4.62 -15.13
N ARG A 354 -35.27 -4.18 -13.88
CA ARG A 354 -35.77 -4.95 -12.72
C ARG A 354 -37.30 -5.03 -12.84
N LEU A 355 -37.94 -3.93 -13.27
CA LEU A 355 -39.40 -3.88 -13.52
C LEU A 355 -39.75 -4.89 -14.64
N ALA A 356 -38.95 -4.93 -15.68
CA ALA A 356 -39.14 -5.82 -16.86
C ALA A 356 -39.06 -7.28 -16.44
N LEU A 357 -38.06 -7.63 -15.61
CA LEU A 357 -37.85 -9.02 -15.11
C LEU A 357 -38.90 -9.35 -14.04
N ARG A 358 -39.72 -8.38 -13.67
CA ARG A 358 -40.78 -8.49 -12.60
C ARG A 358 -40.09 -8.73 -11.26
N THR A 359 -38.86 -8.19 -11.11
CA THR A 359 -38.03 -8.31 -9.88
C THR A 359 -37.70 -6.93 -9.30
N ALA A 360 -38.37 -5.85 -9.76
CA ALA A 360 -38.22 -4.49 -9.20
C ALA A 360 -38.85 -4.53 -7.76
N ARG A 361 -38.34 -3.68 -6.87
CA ARG A 361 -38.75 -3.61 -5.44
C ARG A 361 -39.29 -2.19 -5.18
N PRO A 362 -40.23 -1.95 -4.24
CA PRO A 362 -40.90 -0.66 -4.16
C PRO A 362 -40.00 0.57 -4.00
N ARG A 363 -38.83 0.38 -3.40
CA ARG A 363 -37.83 1.49 -3.25
C ARG A 363 -37.40 1.95 -4.64
N ASP A 364 -37.44 1.06 -5.64
CA ASP A 364 -37.16 1.41 -7.05
C ASP A 364 -38.36 2.18 -7.63
N LEU A 365 -39.58 1.80 -7.22
CA LEU A 365 -40.83 2.45 -7.73
C LEU A 365 -40.93 3.89 -7.20
N ALA A 366 -40.37 4.14 -6.02
CA ALA A 366 -40.28 5.50 -5.43
C ALA A 366 -39.40 6.40 -6.32
N ARG A 367 -38.25 5.87 -6.78
CA ARG A 367 -37.31 6.64 -7.65
C ARG A 367 -37.97 6.88 -9.01
N MET A 368 -38.82 5.94 -9.44
CA MET A 368 -39.54 6.03 -10.75
C MET A 368 -40.59 7.15 -10.73
N ARG A 369 -41.46 7.17 -9.72
CA ARG A 369 -42.49 8.24 -9.58
C ARG A 369 -41.78 9.57 -9.30
N HIS A 370 -40.67 9.54 -8.58
CA HIS A 370 -39.89 10.75 -8.25
C HIS A 370 -39.34 11.38 -9.55
N ALA A 371 -38.79 10.53 -10.44
CA ALA A 371 -38.26 10.95 -11.75
C ALA A 371 -39.44 11.51 -12.59
N PHE A 372 -40.62 10.91 -12.45
CA PHE A 372 -41.86 11.34 -13.14
C PHE A 372 -42.25 12.75 -12.67
N GLN A 373 -42.06 13.05 -11.38
CA GLN A 373 -42.33 14.39 -10.79
C GLN A 373 -41.32 15.44 -11.31
N GLN A 374 -40.06 15.05 -11.53
CA GLN A 374 -38.99 15.97 -12.01
C GLN A 374 -39.18 16.31 -13.51
N LEU A 375 -39.90 15.47 -14.28
CA LEU A 375 -40.01 15.65 -15.75
C LEU A 375 -40.70 16.97 -16.13
N PRO A 376 -41.87 17.33 -15.54
CA PRO A 376 -42.54 18.55 -15.94
C PRO A 376 -41.71 19.83 -15.81
N GLU A 377 -40.98 19.99 -14.69
CA GLU A 377 -40.10 21.16 -14.46
C GLU A 377 -38.97 21.14 -15.51
N LEU A 378 -38.45 19.94 -15.82
CA LEU A 378 -37.44 19.79 -16.90
C LEU A 378 -38.06 20.31 -18.20
N ARG A 379 -39.26 19.82 -18.54
CA ARG A 379 -39.98 20.20 -19.80
C ARG A 379 -40.16 21.72 -19.80
N ALA A 380 -40.44 22.32 -18.63
CA ALA A 380 -40.60 23.79 -18.50
C ALA A 380 -39.29 24.51 -18.84
N GLN A 381 -38.18 24.11 -18.20
CA GLN A 381 -36.86 24.76 -18.40
C GLN A 381 -36.38 24.51 -19.84
N LEU A 382 -36.68 23.33 -20.39
CA LEU A 382 -36.25 22.89 -21.75
C LEU A 382 -37.04 23.59 -22.85
N GLU A 383 -38.30 23.98 -22.57
CA GLU A 383 -39.21 24.64 -23.55
C GLU A 383 -38.64 25.99 -23.99
N THR A 384 -38.10 26.78 -23.05
CA THR A 384 -37.53 28.13 -23.31
C THR A 384 -36.30 28.00 -24.20
N VAL A 385 -35.55 26.88 -24.05
CA VAL A 385 -34.34 26.61 -24.88
C VAL A 385 -34.76 26.48 -26.35
N ASP A 386 -34.07 27.20 -27.25
CA ASP A 386 -34.32 27.18 -28.71
C ASP A 386 -33.17 26.42 -29.41
N SER A 387 -33.35 25.11 -29.60
CA SER A 387 -32.46 24.29 -30.46
C SER A 387 -33.20 22.98 -30.78
N ALA A 388 -33.03 22.45 -31.99
CA ALA A 388 -33.86 21.35 -32.52
C ALA A 388 -33.74 20.06 -31.71
N PRO A 389 -32.54 19.56 -31.38
CA PRO A 389 -32.45 18.29 -30.65
C PRO A 389 -32.98 18.38 -29.20
N VAL A 390 -32.92 19.57 -28.60
CA VAL A 390 -33.34 19.80 -27.18
C VAL A 390 -34.84 19.57 -27.06
N GLN A 391 -35.62 20.06 -28.03
CA GLN A 391 -37.10 19.86 -28.08
C GLN A 391 -37.40 18.40 -28.40
N ALA A 392 -36.56 17.77 -29.24
CA ALA A 392 -36.68 16.33 -29.57
C ALA A 392 -36.43 15.50 -28.31
N LEU A 393 -35.40 15.85 -27.55
CA LEU A 393 -35.09 15.18 -26.25
C LEU A 393 -36.27 15.41 -25.31
N ARG A 394 -36.86 16.62 -25.35
CA ARG A 394 -37.99 16.97 -24.47
C ARG A 394 -39.21 16.08 -24.76
N GLU A 395 -39.46 15.78 -26.05
CA GLU A 395 -40.57 14.91 -26.47
C GLU A 395 -40.29 13.47 -26.02
N LYS A 396 -39.02 13.04 -26.08
CA LYS A 396 -38.63 11.62 -25.88
C LYS A 396 -38.80 11.17 -24.43
N MET A 397 -38.65 12.09 -23.47
CA MET A 397 -38.85 11.82 -22.03
C MET A 397 -40.31 11.51 -21.74
N GLY A 398 -41.21 12.12 -22.52
CA GLY A 398 -42.67 11.84 -22.43
C GLY A 398 -43.26 12.41 -21.17
N GLU A 399 -44.51 12.08 -20.88
CA GLU A 399 -45.21 12.65 -19.70
C GLU A 399 -45.39 11.56 -18.64
N PHE A 400 -46.00 10.43 -19.03
CA PHE A 400 -46.24 9.30 -18.11
C PHE A 400 -46.98 9.82 -16.87
N ALA A 401 -47.77 10.88 -17.01
CA ALA A 401 -48.43 11.60 -15.89
C ALA A 401 -49.51 10.74 -15.25
N GLU A 402 -50.23 9.97 -16.07
CA GLU A 402 -51.32 9.06 -15.61
C GLU A 402 -50.69 7.95 -14.76
N LEU A 403 -49.51 7.46 -15.16
CA LEU A 403 -48.76 6.41 -14.41
C LEU A 403 -48.27 6.98 -13.09
N ARG A 404 -47.80 8.24 -13.11
CA ARG A 404 -47.34 8.93 -11.87
C ARG A 404 -48.53 9.01 -10.90
N ASP A 405 -49.69 9.42 -11.42
CA ASP A 405 -50.93 9.54 -10.61
C ASP A 405 -51.26 8.17 -10.04
N LEU A 406 -51.19 7.11 -10.86
CA LEU A 406 -51.45 5.71 -10.44
C LEU A 406 -50.47 5.34 -9.33
N LEU A 407 -49.18 5.67 -9.51
CA LEU A 407 -48.12 5.33 -8.53
C LEU A 407 -48.37 6.09 -7.21
N GLU A 408 -48.65 7.40 -7.31
CA GLU A 408 -48.94 8.25 -6.12
C GLU A 408 -50.19 7.66 -5.40
N ARG A 409 -51.15 7.13 -6.17
CA ARG A 409 -52.37 6.49 -5.60
C ARG A 409 -52.08 5.08 -5.10
N ALA A 410 -51.08 4.38 -5.70
CA ALA A 410 -50.86 2.94 -5.41
C ALA A 410 -49.56 2.64 -4.66
N ILE A 411 -48.81 3.66 -4.19
CA ILE A 411 -47.58 3.48 -3.36
C ILE A 411 -47.48 4.65 -2.38
N ILE A 412 -47.04 4.39 -1.14
CA ILE A 412 -46.82 5.48 -0.14
C ILE A 412 -45.57 6.27 -0.54
N ASP A 413 -45.36 7.43 0.10
CA ASP A 413 -44.29 8.39 -0.31
C ASP A 413 -42.92 7.70 -0.20
N THR A 414 -42.54 7.19 0.99
CA THR A 414 -41.23 6.51 1.23
C THR A 414 -41.48 5.03 1.53
N PRO A 415 -41.23 4.12 0.56
CA PRO A 415 -41.56 2.70 0.75
C PRO A 415 -40.46 1.91 1.43
N PRO A 416 -40.78 0.74 2.06
CA PRO A 416 -39.75 -0.17 2.58
C PRO A 416 -39.08 -0.97 1.46
N VAL A 417 -38.01 -1.68 1.79
CA VAL A 417 -37.24 -2.48 0.78
C VAL A 417 -37.97 -3.77 0.42
N LEU A 418 -38.53 -4.49 1.40
CA LEU A 418 -39.22 -5.79 1.20
C LEU A 418 -40.73 -5.61 1.11
N VAL A 419 -41.38 -6.38 0.22
CA VAL A 419 -42.85 -6.43 0.02
C VAL A 419 -43.42 -7.43 1.04
N ARG A 420 -42.57 -8.31 1.59
CA ARG A 420 -43.01 -9.42 2.50
C ARG A 420 -43.81 -8.94 3.71
N ASP A 421 -43.59 -7.71 4.17
CA ASP A 421 -44.24 -7.12 5.36
C ASP A 421 -45.24 -6.03 4.95
N GLY A 422 -45.34 -5.65 3.68
CA GLY A 422 -46.37 -4.71 3.20
C GLY A 422 -46.08 -3.26 3.56
N GLY A 423 -47.13 -2.43 3.75
CA GLY A 423 -47.04 -1.01 4.06
C GLY A 423 -46.43 -0.28 2.88
N VAL A 424 -46.67 -0.78 1.65
CA VAL A 424 -46.06 -0.24 0.39
C VAL A 424 -47.12 0.62 -0.33
N ILE A 425 -48.24 -0.01 -0.68
CA ILE A 425 -49.39 0.59 -1.44
C ILE A 425 -50.02 1.69 -0.59
N ALA A 426 -50.35 2.84 -1.21
CA ALA A 426 -51.01 3.98 -0.49
C ALA A 426 -52.54 3.75 -0.37
N SER A 427 -53.23 4.61 0.34
CA SER A 427 -54.60 4.34 0.86
C SER A 427 -55.69 5.11 0.08
N GLY A 428 -56.61 4.35 -0.52
CA GLY A 428 -57.68 4.89 -1.40
C GLY A 428 -57.73 4.22 -2.77
N TYR A 429 -56.75 3.36 -3.09
CA TYR A 429 -56.61 2.70 -4.41
C TYR A 429 -57.47 1.43 -4.44
N ASN A 430 -57.23 0.51 -3.50
CA ASN A 430 -58.05 -0.71 -3.32
C ASN A 430 -58.80 -0.50 -2.02
N GLU A 431 -60.12 -0.24 -2.08
CA GLU A 431 -60.99 -0.06 -0.91
C GLU A 431 -60.91 -1.33 -0.04
N GLU A 432 -60.73 -2.49 -0.67
CA GLU A 432 -60.61 -3.81 0.03
C GLU A 432 -59.32 -3.86 0.84
N LEU A 433 -58.22 -3.29 0.29
CA LEU A 433 -56.91 -3.24 1.00
C LEU A 433 -57.13 -2.55 2.35
N ASP A 434 -57.71 -1.34 2.31
CA ASP A 434 -57.91 -0.48 3.51
C ASP A 434 -58.91 -1.14 4.46
N GLU A 435 -59.85 -1.93 3.91
CA GLU A 435 -60.82 -2.71 4.74
C GLU A 435 -60.03 -3.71 5.57
N TRP A 436 -59.07 -4.42 4.95
CA TRP A 436 -58.21 -5.41 5.67
C TRP A 436 -57.20 -4.70 6.58
N ARG A 437 -56.78 -3.48 6.22
CA ARG A 437 -55.80 -2.71 7.03
C ARG A 437 -56.50 -2.08 8.24
N ALA A 438 -57.81 -1.88 8.15
CA ALA A 438 -58.61 -1.32 9.27
C ALA A 438 -58.56 -2.24 10.49
N LEU A 439 -58.62 -3.55 10.27
CA LEU A 439 -58.53 -4.59 11.33
C LEU A 439 -57.11 -4.57 11.90
N ALA A 440 -56.09 -4.31 11.05
CA ALA A 440 -54.67 -4.26 11.46
C ALA A 440 -54.44 -3.05 12.38
N ASP A 441 -55.03 -1.90 12.04
CA ASP A 441 -54.89 -0.66 12.84
C ASP A 441 -55.78 -0.72 14.08
N GLY A 442 -56.74 -1.68 14.12
CA GLY A 442 -57.58 -1.95 15.29
C GLY A 442 -56.83 -2.79 16.32
N ALA A 443 -55.56 -3.16 16.04
CA ALA A 443 -54.67 -3.84 17.01
C ALA A 443 -54.28 -2.91 18.17
N THR A 444 -54.09 -1.63 17.89
CA THR A 444 -53.57 -0.63 18.85
C THR A 444 -54.50 -0.47 20.07
N ASP A 445 -55.82 -0.36 19.84
CA ASP A 445 -56.78 0.09 20.88
C ASP A 445 -57.29 -1.08 21.72
N TYR A 446 -57.79 -2.14 21.08
CA TYR A 446 -58.45 -3.28 21.78
C TYR A 446 -57.49 -3.87 22.82
N LEU A 447 -56.21 -4.04 22.45
CA LEU A 447 -55.23 -4.71 23.34
C LEU A 447 -55.08 -3.91 24.64
N GLU A 448 -54.85 -2.60 24.53
CA GLU A 448 -54.67 -1.69 25.70
C GLU A 448 -56.02 -1.47 26.39
N ARG A 449 -57.11 -1.36 25.62
CA ARG A 449 -58.48 -1.17 26.16
C ARG A 449 -58.81 -2.37 27.07
N LEU A 450 -58.56 -3.59 26.59
CA LEU A 450 -58.79 -4.78 27.42
C LEU A 450 -57.76 -4.83 28.55
N GLU A 451 -56.51 -4.50 28.25
CA GLU A 451 -55.41 -4.56 29.25
C GLU A 451 -55.82 -3.74 30.48
N VAL A 452 -56.60 -2.66 30.29
CA VAL A 452 -57.16 -1.83 31.40
C VAL A 452 -58.49 -2.44 31.89
N ARG A 453 -59.29 -3.02 30.98
CA ARG A 453 -60.63 -3.58 31.33
C ARG A 453 -60.47 -4.78 32.27
N GLU A 454 -59.65 -5.77 31.87
CA GLU A 454 -59.40 -7.00 32.67
C GLU A 454 -58.62 -6.59 33.93
N ARG A 455 -57.76 -5.57 33.85
CA ARG A 455 -57.02 -5.02 35.02
C ARG A 455 -58.00 -4.40 36.02
N GLU A 456 -59.06 -3.76 35.53
CA GLU A 456 -60.15 -3.18 36.39
C GLU A 456 -61.06 -4.27 36.98
N ARG A 457 -61.32 -5.36 36.24
CA ARG A 457 -62.28 -6.44 36.66
C ARG A 457 -61.63 -7.34 37.73
N THR A 458 -60.51 -8.01 37.39
CA THR A 458 -59.78 -8.97 38.26
C THR A 458 -59.16 -8.22 39.46
N GLY A 459 -58.77 -6.95 39.27
CA GLY A 459 -58.14 -6.10 40.30
C GLY A 459 -56.65 -6.37 40.44
N LEU A 460 -56.00 -6.83 39.36
CA LEU A 460 -54.56 -7.22 39.30
C LEU A 460 -53.80 -6.16 38.50
N ASP A 461 -52.91 -5.41 39.16
CA ASP A 461 -52.18 -4.21 38.63
C ASP A 461 -50.99 -4.63 37.76
N THR A 462 -50.50 -5.88 37.90
CA THR A 462 -49.38 -6.48 37.10
C THR A 462 -49.92 -7.21 35.86
N LEU A 463 -51.20 -7.02 35.51
CA LEU A 463 -51.82 -7.60 34.29
C LEU A 463 -51.30 -6.85 33.06
N LYS A 464 -50.65 -7.59 32.14
CA LYS A 464 -50.10 -7.08 30.85
C LYS A 464 -50.60 -7.97 29.71
N VAL A 465 -51.16 -7.37 28.65
CA VAL A 465 -51.56 -8.06 27.38
C VAL A 465 -50.41 -7.87 26.39
N GLY A 466 -49.93 -8.96 25.80
CA GLY A 466 -48.84 -8.94 24.81
C GLY A 466 -48.96 -10.04 23.78
N PHE A 467 -48.11 -10.03 22.74
CA PHE A 467 -48.15 -11.00 21.61
C PHE A 467 -46.81 -11.68 21.42
N ASN A 468 -46.76 -13.00 21.62
CA ASN A 468 -45.54 -13.82 21.30
C ASN A 468 -45.76 -14.51 19.96
N ALA A 469 -44.74 -14.52 19.10
CA ALA A 469 -44.86 -15.04 17.70
C ALA A 469 -45.28 -16.52 17.74
N VAL A 470 -44.82 -17.27 18.73
CA VAL A 470 -45.09 -18.74 18.77
C VAL A 470 -46.36 -19.00 19.56
N HIS A 471 -46.62 -18.22 20.60
CA HIS A 471 -47.72 -18.47 21.57
C HIS A 471 -48.93 -17.57 21.28
N GLY A 472 -48.86 -16.77 20.22
CA GLY A 472 -49.98 -15.85 19.84
C GLY A 472 -50.22 -14.78 20.90
N TYR A 473 -51.48 -14.36 21.09
CA TYR A 473 -51.87 -13.27 22.05
C TYR A 473 -52.18 -13.88 23.42
N TYR A 474 -51.61 -13.32 24.49
CA TYR A 474 -51.72 -13.87 25.87
C TYR A 474 -52.12 -12.80 26.89
N ILE A 475 -52.25 -13.16 28.16
CA ILE A 475 -52.34 -12.17 29.26
C ILE A 475 -51.30 -12.56 30.31
N GLN A 476 -50.37 -11.67 30.64
CA GLN A 476 -49.22 -11.98 31.52
C GLN A 476 -49.54 -11.48 32.93
N ILE A 477 -49.83 -12.41 33.82
CA ILE A 477 -50.02 -12.15 35.28
C ILE A 477 -48.75 -12.60 35.98
N SER A 478 -48.06 -11.68 36.68
CA SER A 478 -46.81 -11.94 37.43
C SER A 478 -46.98 -13.12 38.40
N ARG A 479 -45.89 -13.82 38.74
CA ARG A 479 -45.87 -14.99 39.66
C ARG A 479 -46.43 -14.60 41.04
N GLY A 480 -46.26 -13.34 41.45
CA GLY A 480 -46.81 -12.80 42.72
C GLY A 480 -48.34 -12.70 42.71
N GLN A 481 -48.98 -12.76 41.54
CA GLN A 481 -50.45 -12.62 41.38
C GLN A 481 -51.04 -13.72 40.50
N SER A 482 -50.27 -14.74 40.10
CA SER A 482 -50.68 -15.77 39.13
C SER A 482 -51.58 -16.85 39.76
N HIS A 483 -51.88 -16.72 41.07
CA HIS A 483 -52.83 -17.58 41.84
C HIS A 483 -54.19 -16.88 42.04
N LEU A 484 -54.28 -15.56 41.80
CA LEU A 484 -55.53 -14.75 41.88
C LEU A 484 -56.19 -14.64 40.49
N ALA A 485 -55.53 -15.16 39.44
CA ALA A 485 -56.04 -15.24 38.04
C ALA A 485 -57.36 -16.00 38.03
N PRO A 486 -58.46 -15.44 37.44
CA PRO A 486 -59.73 -16.16 37.33
C PRO A 486 -59.61 -17.51 36.62
N ILE A 487 -60.60 -18.39 36.79
CA ILE A 487 -60.64 -19.76 36.20
C ILE A 487 -60.80 -19.62 34.68
N ASN A 488 -61.46 -18.55 34.22
CA ASN A 488 -61.67 -18.18 32.79
C ASN A 488 -60.33 -18.12 32.04
N TYR A 489 -59.30 -17.52 32.65
CA TYR A 489 -57.94 -17.31 32.10
C TYR A 489 -57.26 -18.67 31.90
N MET A 490 -57.15 -19.14 30.65
CA MET A 490 -56.58 -20.48 30.36
C MET A 490 -55.05 -20.33 30.30
N ARG A 491 -54.31 -21.16 31.05
CA ARG A 491 -52.81 -21.09 31.04
C ARG A 491 -52.31 -21.42 29.64
N ARG A 492 -51.38 -20.64 29.14
CA ARG A 492 -50.86 -20.81 27.77
C ARG A 492 -49.36 -21.10 27.84
N GLN A 493 -48.63 -20.25 28.56
CA GLN A 493 -47.14 -20.40 28.68
C GLN A 493 -46.79 -20.17 30.14
N THR A 494 -45.85 -20.95 30.69
CA THR A 494 -45.24 -20.77 32.02
C THR A 494 -43.88 -20.09 31.92
N LEU A 495 -43.69 -18.95 32.64
CA LEU A 495 -42.48 -18.14 32.54
C LEU A 495 -41.70 -18.21 33.86
N LYS A 496 -40.53 -17.56 33.84
CA LYS A 496 -39.59 -17.47 34.99
C LYS A 496 -40.23 -16.64 36.11
N ASN A 497 -40.84 -15.51 35.78
CA ASN A 497 -41.35 -14.53 36.79
C ASN A 497 -42.84 -14.24 36.55
N ALA A 498 -43.51 -14.98 35.71
CA ALA A 498 -44.88 -14.65 35.26
C ALA A 498 -45.59 -15.90 34.74
N GLU A 499 -46.87 -15.74 34.38
CA GLU A 499 -47.70 -16.83 33.81
C GLU A 499 -48.65 -16.27 32.74
N ARG A 500 -48.76 -16.94 31.60
CA ARG A 500 -49.47 -16.38 30.40
C ARG A 500 -50.77 -17.14 30.20
N TYR A 501 -51.88 -16.40 30.01
CA TYR A 501 -53.25 -16.97 29.94
C TYR A 501 -53.95 -16.57 28.65
N ILE A 502 -54.93 -17.36 28.20
CA ILE A 502 -55.75 -17.07 26.97
C ILE A 502 -57.22 -17.23 27.32
N ILE A 503 -58.10 -16.43 26.69
CA ILE A 503 -59.57 -16.61 26.74
C ILE A 503 -60.10 -16.64 25.31
N PRO A 504 -61.31 -17.21 25.06
CA PRO A 504 -61.83 -17.37 23.70
C PRO A 504 -62.04 -16.03 22.96
N GLU A 505 -62.33 -14.96 23.71
CA GLU A 505 -62.50 -13.59 23.18
C GLU A 505 -61.19 -13.11 22.54
N LEU A 506 -60.08 -13.21 23.28
CA LEU A 506 -58.72 -12.86 22.78
C LEU A 506 -58.37 -13.78 21.61
N LYS A 507 -58.63 -15.10 21.78
CA LYS A 507 -58.32 -16.12 20.75
C LYS A 507 -59.10 -15.78 19.46
N GLU A 508 -60.37 -15.37 19.60
CA GLU A 508 -61.25 -14.96 18.48
C GLU A 508 -60.64 -13.73 17.79
N TYR A 509 -60.19 -12.75 18.58
CA TYR A 509 -59.51 -11.54 18.04
C TYR A 509 -58.21 -11.95 17.36
N GLU A 510 -57.44 -12.85 18.00
CA GLU A 510 -56.12 -13.31 17.51
C GLU A 510 -56.33 -14.09 16.19
N ASP A 511 -57.43 -14.83 16.08
CA ASP A 511 -57.76 -15.57 14.83
C ASP A 511 -58.08 -14.56 13.70
N LYS A 512 -58.99 -13.61 13.98
CA LYS A 512 -59.48 -12.67 12.95
C LYS A 512 -58.36 -11.72 12.48
N VAL A 513 -57.47 -11.33 13.41
CA VAL A 513 -56.38 -10.36 13.10
C VAL A 513 -55.31 -11.00 12.18
N LEU A 514 -54.90 -12.24 12.49
CA LEU A 514 -53.85 -12.94 11.72
C LEU A 514 -54.38 -13.31 10.32
N THR A 515 -55.66 -13.69 10.25
CA THR A 515 -56.32 -14.03 8.97
C THR A 515 -56.43 -12.76 8.09
N SER A 516 -56.89 -11.66 8.73
CA SER A 516 -57.02 -10.35 8.04
C SER A 516 -55.64 -9.82 7.63
N LYS A 517 -54.61 -10.13 8.45
CA LYS A 517 -53.20 -9.78 8.09
C LYS A 517 -52.85 -10.50 6.80
N GLY A 518 -52.98 -11.86 6.81
CA GLY A 518 -52.64 -12.71 5.66
C GLY A 518 -53.46 -12.31 4.44
N LYS A 519 -54.72 -11.91 4.70
CA LYS A 519 -55.61 -11.42 3.62
C LYS A 519 -55.04 -10.10 3.07
N ALA A 520 -54.67 -9.18 3.97
CA ALA A 520 -54.13 -7.87 3.60
C ALA A 520 -52.85 -8.07 2.76
N LEU A 521 -51.94 -8.92 3.24
CA LEU A 521 -50.59 -9.07 2.65
C LEU A 521 -50.69 -9.71 1.26
N ALA A 522 -51.47 -10.79 1.17
CA ALA A 522 -51.67 -11.51 -0.10
C ALA A 522 -52.27 -10.55 -1.13
N LEU A 523 -53.21 -9.69 -0.68
CA LEU A 523 -53.84 -8.67 -1.57
C LEU A 523 -52.75 -7.68 -2.03
N GLU A 524 -51.89 -7.26 -1.08
CA GLU A 524 -50.80 -6.30 -1.37
C GLU A 524 -49.86 -6.88 -2.47
N LYS A 525 -49.54 -8.18 -2.32
CA LYS A 525 -48.65 -8.88 -3.28
C LYS A 525 -49.36 -8.99 -4.64
N GLN A 526 -50.66 -9.36 -4.62
CA GLN A 526 -51.46 -9.56 -5.85
C GLN A 526 -51.60 -8.24 -6.61
N LEU A 527 -51.70 -7.11 -5.90
CA LEU A 527 -51.76 -5.76 -6.50
C LEU A 527 -50.36 -5.34 -6.97
N TYR A 528 -49.34 -5.72 -6.19
CA TYR A 528 -47.94 -5.42 -6.51
C TYR A 528 -47.62 -6.05 -7.89
N GLU A 529 -48.22 -7.22 -8.18
CA GLU A 529 -48.11 -7.85 -9.53
C GLU A 529 -48.85 -6.97 -10.56
N GLU A 530 -50.04 -6.46 -10.20
CA GLU A 530 -50.91 -5.68 -11.10
C GLU A 530 -50.20 -4.39 -11.52
N LEU A 531 -49.34 -3.86 -10.63
CA LEU A 531 -48.54 -2.63 -10.93
C LEU A 531 -47.66 -2.90 -12.15
N PHE A 532 -47.00 -4.07 -12.20
CA PHE A 532 -46.17 -4.47 -13.38
C PHE A 532 -47.07 -4.57 -14.61
N ASP A 533 -48.26 -5.20 -14.44
CA ASP A 533 -49.26 -5.39 -15.54
C ASP A 533 -49.74 -4.05 -16.07
N LEU A 534 -49.92 -3.04 -15.21
CA LEU A 534 -50.36 -1.69 -15.62
C LEU A 534 -49.25 -0.96 -16.41
N LEU A 535 -47.98 -1.13 -16.04
CA LEU A 535 -46.87 -0.30 -16.55
C LEU A 535 -46.13 -1.02 -17.70
N LEU A 536 -46.36 -2.32 -17.87
CA LEU A 536 -45.58 -3.13 -18.85
C LEU A 536 -45.81 -2.65 -20.29
N PRO A 537 -47.06 -2.33 -20.69
CA PRO A 537 -47.33 -1.81 -22.03
C PRO A 537 -46.39 -0.67 -22.47
N HIS A 538 -46.10 0.29 -21.56
CA HIS A 538 -45.34 1.53 -21.89
C HIS A 538 -43.84 1.34 -21.73
N LEU A 539 -43.42 0.12 -21.42
CA LEU A 539 -42.02 -0.20 -21.06
C LEU A 539 -41.10 0.26 -22.20
N GLU A 540 -41.51 0.06 -23.47
CA GLU A 540 -40.73 0.54 -24.62
C GLU A 540 -40.52 2.07 -24.53
N ALA A 541 -41.56 2.83 -24.19
CA ALA A 541 -41.47 4.30 -24.06
C ALA A 541 -40.62 4.70 -22.84
N LEU A 542 -40.75 3.95 -21.73
CA LEU A 542 -39.95 4.21 -20.50
C LEU A 542 -38.46 3.98 -20.82
N GLN A 543 -38.17 2.92 -21.60
CA GLN A 543 -36.80 2.59 -22.02
C GLN A 543 -36.27 3.69 -22.96
N GLN A 544 -37.15 4.31 -23.75
CA GLN A 544 -36.79 5.47 -24.59
C GLN A 544 -36.57 6.69 -23.69
N SER A 545 -37.34 6.82 -22.61
CA SER A 545 -37.22 7.95 -21.65
C SER A 545 -35.82 7.93 -20.98
N ALA A 546 -35.42 6.77 -20.44
CA ALA A 546 -34.10 6.60 -19.78
C ALA A 546 -32.96 6.83 -20.79
N SER A 547 -33.18 6.45 -22.05
CA SER A 547 -32.18 6.57 -23.15
C SER A 547 -31.97 8.03 -23.52
N ALA A 548 -32.85 8.94 -23.06
CA ALA A 548 -32.75 10.39 -23.32
C ALA A 548 -32.31 11.14 -22.05
N LEU A 549 -32.73 10.68 -20.86
CA LEU A 549 -32.43 11.40 -19.59
C LEU A 549 -30.93 11.42 -19.33
N ALA A 550 -30.31 10.23 -19.34
CA ALA A 550 -28.85 10.09 -19.14
C ALA A 550 -28.14 10.65 -20.37
N GLU A 551 -28.81 10.60 -21.54
CA GLU A 551 -28.29 11.20 -22.79
C GLU A 551 -28.33 12.73 -22.69
N LEU A 552 -29.09 13.26 -21.70
CA LEU A 552 -29.12 14.72 -21.38
C LEU A 552 -28.07 15.01 -20.29
N ASP A 553 -27.95 14.12 -19.29
CA ASP A 553 -27.01 14.28 -18.14
C ASP A 553 -25.60 14.48 -18.69
N VAL A 554 -25.19 13.66 -19.66
CA VAL A 554 -23.91 13.79 -20.38
C VAL A 554 -23.80 15.19 -21.01
N LEU A 555 -24.87 15.66 -21.70
CA LEU A 555 -24.82 16.94 -22.45
C LEU A 555 -24.78 18.15 -21.50
N VAL A 556 -25.27 17.99 -20.26
CA VAL A 556 -25.31 19.11 -19.28
C VAL A 556 -23.97 19.16 -18.55
N ASN A 557 -23.40 18.00 -18.20
CA ASN A 557 -22.06 17.98 -17.58
C ASN A 557 -21.02 18.50 -18.58
N LEU A 558 -21.11 18.04 -19.84
CA LEU A 558 -20.09 18.46 -20.83
C LEU A 558 -20.24 19.96 -21.04
N ALA A 559 -21.35 20.54 -20.58
CA ALA A 559 -21.52 22.00 -20.66
C ALA A 559 -20.97 22.66 -19.40
N GLU A 560 -21.24 22.09 -18.24
CA GLU A 560 -20.73 22.61 -16.93
C GLU A 560 -19.20 22.58 -16.98
N ARG A 561 -18.61 21.45 -17.38
CA ARG A 561 -17.13 21.30 -17.47
C ARG A 561 -16.60 22.29 -18.51
N ALA A 562 -17.29 22.47 -19.63
CA ALA A 562 -16.87 23.40 -20.69
C ALA A 562 -16.87 24.83 -20.15
N TYR A 563 -17.90 25.22 -19.41
CA TYR A 563 -18.00 26.58 -18.79
C TYR A 563 -16.95 26.72 -17.69
N THR A 564 -16.80 25.71 -16.82
CA THR A 564 -15.86 25.74 -15.67
C THR A 564 -14.41 25.74 -16.14
N LEU A 565 -14.06 24.92 -17.13
CA LEU A 565 -12.66 24.75 -17.62
C LEU A 565 -12.47 25.56 -18.90
N ASN A 566 -13.46 26.35 -19.32
CA ASN A 566 -13.37 27.24 -20.51
C ASN A 566 -13.06 26.43 -21.77
N TYR A 567 -13.60 25.21 -21.91
CA TYR A 567 -13.43 24.39 -23.14
C TYR A 567 -14.16 25.06 -24.30
N THR A 568 -13.67 24.89 -25.53
CA THR A 568 -14.31 25.46 -26.77
C THR A 568 -14.67 24.37 -27.77
N CYS A 569 -15.79 24.50 -28.46
CA CYS A 569 -16.28 23.47 -29.43
C CYS A 569 -15.30 23.35 -30.62
N PRO A 570 -14.96 22.12 -31.06
CA PRO A 570 -14.07 21.94 -32.20
C PRO A 570 -14.77 21.57 -33.52
N THR A 571 -14.46 22.29 -34.59
CA THR A 571 -15.08 22.02 -35.93
C THR A 571 -14.51 20.73 -36.54
N PHE A 572 -15.33 19.95 -37.24
CA PHE A 572 -14.85 18.73 -37.94
C PHE A 572 -14.50 19.11 -39.37
N ILE A 573 -13.37 18.63 -39.87
CA ILE A 573 -13.00 18.90 -41.29
C ILE A 573 -12.99 17.56 -42.03
N ASP A 574 -12.94 17.58 -43.36
CA ASP A 574 -13.06 16.30 -44.11
C ASP A 574 -11.73 15.56 -44.18
N LYS A 575 -10.60 16.26 -44.30
CA LYS A 575 -9.28 15.59 -44.43
C LYS A 575 -8.81 15.16 -43.04
N PRO A 576 -8.22 13.96 -42.87
CA PRO A 576 -7.58 13.56 -41.63
C PRO A 576 -6.51 14.61 -41.31
N GLY A 577 -6.56 15.22 -40.13
CA GLY A 577 -5.52 16.21 -39.71
C GLY A 577 -5.99 16.96 -38.47
N ILE A 578 -5.13 17.11 -37.44
CA ILE A 578 -5.58 17.76 -36.17
C ILE A 578 -4.83 19.07 -35.97
N ARG A 579 -5.55 20.22 -35.95
CA ARG A 579 -4.84 21.49 -35.63
C ARG A 579 -5.32 21.97 -34.27
N ILE A 580 -4.38 22.25 -33.35
CA ILE A 580 -4.71 22.66 -31.96
C ILE A 580 -4.09 24.03 -31.67
N THR A 581 -4.82 24.94 -31.02
CA THR A 581 -4.22 26.25 -30.61
C THR A 581 -4.33 26.37 -29.08
N GLU A 582 -3.24 26.78 -28.41
CA GLU A 582 -3.21 26.94 -26.94
C GLU A 582 -3.57 25.61 -26.28
N GLY A 583 -2.98 24.50 -26.75
CA GLY A 583 -3.34 23.16 -26.22
C GLY A 583 -2.96 22.92 -24.77
N ARG A 584 -3.96 22.53 -23.95
CA ARG A 584 -3.72 22.19 -22.52
C ARG A 584 -4.17 20.76 -22.28
N HIS A 585 -3.23 19.86 -21.94
CA HIS A 585 -3.52 18.48 -21.52
C HIS A 585 -4.53 18.54 -20.37
N PRO A 586 -5.63 17.77 -20.42
CA PRO A 586 -6.68 17.89 -19.42
C PRO A 586 -6.36 17.44 -17.99
N VAL A 587 -5.91 16.19 -17.86
CA VAL A 587 -5.71 15.56 -16.52
C VAL A 587 -4.63 16.33 -15.75
N VAL A 588 -3.51 16.71 -16.35
CA VAL A 588 -2.43 17.39 -15.59
C VAL A 588 -2.89 18.77 -15.14
N GLU A 589 -3.60 19.48 -16.00
CA GLU A 589 -3.91 20.87 -15.63
C GLU A 589 -5.02 20.82 -14.59
N GLN A 590 -5.40 19.62 -14.19
CA GLN A 590 -6.42 19.49 -13.13
C GLN A 590 -5.90 18.82 -11.86
N VAL A 591 -4.59 18.66 -11.72
CA VAL A 591 -4.04 18.13 -10.42
C VAL A 591 -2.79 18.92 -10.10
N LEU A 592 -2.55 20.03 -10.80
CA LEU A 592 -1.27 20.77 -10.64
C LEU A 592 -1.48 22.16 -10.03
N ASN A 593 -0.80 22.47 -8.93
CA ASN A 593 -0.88 23.83 -8.35
C ASN A 593 -0.27 24.81 -9.35
N GLU A 594 0.86 24.44 -9.93
CA GLU A 594 1.51 25.31 -10.93
C GLU A 594 0.66 25.29 -12.21
N PRO A 595 0.52 26.43 -12.92
CA PRO A 595 -0.32 26.48 -14.10
C PRO A 595 0.29 25.65 -15.24
N PHE A 596 -0.57 25.03 -16.07
CA PHE A 596 -0.05 24.26 -17.22
C PHE A 596 0.28 25.26 -18.32
N ILE A 597 1.54 25.35 -18.72
CA ILE A 597 1.86 26.24 -19.85
C ILE A 597 1.32 25.53 -21.08
N ALA A 598 0.44 26.18 -21.82
CA ALA A 598 -0.23 25.49 -22.94
C ALA A 598 0.61 25.55 -24.21
N ASN A 599 0.36 24.67 -25.18
CA ASN A 599 1.21 24.64 -26.40
C ASN A 599 0.40 24.28 -27.62
N PRO A 600 0.52 25.03 -28.75
CA PRO A 600 -0.19 24.63 -29.98
C PRO A 600 0.45 23.43 -30.70
N LEU A 601 -0.38 22.65 -31.43
CA LEU A 601 0.15 21.50 -32.19
C LEU A 601 -0.52 21.51 -33.57
N ASN A 602 0.20 21.11 -34.62
CA ASN A 602 -0.44 21.01 -35.95
C ASN A 602 -0.17 19.64 -36.57
N LEU A 603 -1.22 18.92 -37.00
CA LEU A 603 -1.04 17.64 -37.74
C LEU A 603 -1.84 17.74 -39.03
N SER A 604 -1.26 17.35 -40.17
CA SER A 604 -1.96 17.56 -41.47
C SER A 604 -1.56 16.48 -42.47
N PRO A 605 -2.05 16.42 -43.74
CA PRO A 605 -1.55 15.44 -44.68
C PRO A 605 -0.04 15.70 -44.68
N GLN A 606 0.35 16.95 -44.45
CA GLN A 606 1.80 17.28 -44.49
C GLN A 606 2.45 17.26 -43.09
N ARG A 607 1.78 17.75 -42.05
CA ARG A 607 2.48 17.82 -40.73
C ARG A 607 2.19 16.52 -39.97
N ARG A 608 2.19 15.39 -40.67
CA ARG A 608 1.81 14.09 -40.04
C ARG A 608 2.81 13.65 -38.96
N MET A 609 4.13 13.89 -39.18
CA MET A 609 5.12 13.29 -38.23
C MET A 609 5.84 14.35 -37.42
N LEU A 610 5.84 14.17 -36.09
CA LEU A 610 6.65 15.11 -35.26
C LEU A 610 7.65 14.31 -34.42
N ILE A 611 8.96 14.52 -34.59
CA ILE A 611 9.97 13.89 -33.71
C ILE A 611 10.06 14.74 -32.46
N ILE A 612 9.85 14.14 -31.28
CA ILE A 612 10.00 14.90 -30.00
C ILE A 612 11.33 14.50 -29.34
N THR A 613 12.20 15.47 -29.10
CA THR A 613 13.49 15.30 -28.34
C THR A 613 13.50 16.20 -27.10
N GLY A 614 14.53 16.06 -26.27
CA GLY A 614 14.69 16.97 -25.13
C GLY A 614 14.98 16.24 -23.85
N PRO A 615 15.25 16.95 -22.75
CA PRO A 615 15.64 16.29 -21.55
C PRO A 615 14.60 15.46 -20.82
N ASN A 616 15.09 14.50 -20.07
CA ASN A 616 14.16 13.72 -19.23
C ASN A 616 13.70 14.70 -18.18
N MET A 617 12.50 14.50 -17.66
CA MET A 617 11.89 15.41 -16.65
C MET A 617 11.45 16.68 -17.38
N GLY A 618 11.47 16.66 -18.71
CA GLY A 618 10.99 17.81 -19.49
C GLY A 618 9.56 17.59 -19.93
N GLY A 619 8.93 16.52 -19.48
CA GLY A 619 7.58 16.21 -19.97
C GLY A 619 7.54 16.02 -21.47
N LYS A 620 8.52 15.32 -22.05
CA LYS A 620 8.48 15.03 -23.50
C LYS A 620 7.18 14.27 -23.72
N SER A 621 6.82 13.41 -22.77
CA SER A 621 5.57 12.62 -22.86
C SER A 621 4.22 13.34 -22.81
N THR A 622 4.01 14.25 -21.84
CA THR A 622 2.73 14.96 -21.62
C THR A 622 2.27 15.69 -22.89
N TYR A 623 3.21 16.19 -23.72
CA TYR A 623 2.84 16.95 -24.93
C TYR A 623 2.01 15.99 -25.80
N MET A 624 2.31 14.67 -25.86
CA MET A 624 1.63 13.83 -26.90
C MET A 624 0.27 13.38 -26.37
N ARG A 625 0.23 12.96 -25.12
CA ARG A 625 -0.99 12.45 -24.47
C ARG A 625 -2.10 13.50 -24.65
N GLN A 626 -1.75 14.78 -24.57
CA GLN A 626 -2.69 15.92 -24.78
C GLN A 626 -3.34 15.81 -26.16
N THR A 627 -2.57 15.52 -27.21
CA THR A 627 -3.15 15.47 -28.58
C THR A 627 -4.13 14.31 -28.67
N ALA A 628 -3.69 13.12 -28.26
CA ALA A 628 -4.52 11.88 -28.40
C ALA A 628 -5.85 12.09 -27.64
N LEU A 629 -5.76 12.65 -26.42
CA LEU A 629 -6.96 12.83 -25.58
C LEU A 629 -7.88 13.90 -26.21
N ILE A 630 -7.30 14.94 -26.80
CA ILE A 630 -8.14 15.92 -27.57
C ILE A 630 -8.78 15.18 -28.75
N ALA A 631 -7.98 14.41 -29.50
CA ALA A 631 -8.48 13.70 -30.69
C ALA A 631 -9.62 12.77 -30.28
N LEU A 632 -9.49 12.12 -29.13
CA LEU A 632 -10.54 11.23 -28.59
C LEU A 632 -11.76 12.10 -28.23
N MET A 633 -11.59 13.17 -27.44
CA MET A 633 -12.72 14.01 -26.96
C MET A 633 -13.48 14.62 -28.15
N ALA A 634 -12.75 14.99 -29.19
CA ALA A 634 -13.36 15.56 -30.41
C ALA A 634 -14.44 14.59 -30.91
N TYR A 635 -14.11 13.29 -30.89
CA TYR A 635 -14.95 12.20 -31.48
C TYR A 635 -15.88 11.59 -30.45
N ILE A 636 -15.91 12.13 -29.22
CA ILE A 636 -17.01 11.78 -28.29
C ILE A 636 -18.08 12.87 -28.40
N GLY A 637 -17.69 14.03 -29.06
CA GLY A 637 -18.64 15.10 -29.39
C GLY A 637 -18.63 16.22 -28.40
N SER A 638 -17.73 16.19 -27.43
CA SER A 638 -17.68 17.19 -26.33
C SER A 638 -16.80 18.38 -26.76
N TYR A 639 -16.65 19.38 -25.89
CA TYR A 639 -15.75 20.52 -26.15
C TYR A 639 -14.34 20.10 -25.72
N VAL A 640 -13.32 20.94 -26.01
CA VAL A 640 -11.91 20.55 -25.77
C VAL A 640 -11.16 21.63 -24.98
N PRO A 641 -10.16 21.30 -24.12
CA PRO A 641 -9.52 22.28 -23.29
C PRO A 641 -8.49 23.04 -24.12
N ALA A 642 -8.93 23.58 -25.24
CA ALA A 642 -8.05 24.41 -26.09
C ALA A 642 -8.93 25.53 -26.63
N GLN A 643 -8.30 26.62 -27.07
CA GLN A 643 -9.07 27.74 -27.63
C GLN A 643 -9.87 27.21 -28.82
N LYS A 644 -9.26 26.34 -29.60
CA LYS A 644 -9.95 25.88 -30.84
C LYS A 644 -9.30 24.61 -31.32
N VAL A 645 -10.13 23.62 -31.66
CA VAL A 645 -9.57 22.34 -32.20
C VAL A 645 -10.24 22.08 -33.55
N GLU A 646 -9.45 21.62 -34.52
CA GLU A 646 -10.00 21.28 -35.86
C GLU A 646 -9.64 19.82 -36.06
N ILE A 647 -10.60 18.91 -36.24
CA ILE A 647 -10.25 17.44 -36.26
C ILE A 647 -10.55 16.83 -37.63
N GLY A 648 -9.66 15.93 -38.11
CA GLY A 648 -9.90 15.19 -39.38
C GLY A 648 -10.32 13.78 -39.05
N PRO A 649 -11.08 13.04 -39.88
CA PRO A 649 -11.59 11.72 -39.49
C PRO A 649 -10.47 10.72 -39.16
N ILE A 650 -10.67 9.89 -38.13
CA ILE A 650 -9.58 9.00 -37.69
C ILE A 650 -10.13 7.59 -37.51
N ASP A 651 -9.44 6.55 -38.08
CA ASP A 651 -10.01 5.18 -38.01
C ASP A 651 -9.46 4.47 -36.77
N ARG A 652 -8.17 4.63 -36.50
CA ARG A 652 -7.52 3.91 -35.39
C ARG A 652 -6.49 4.77 -34.67
N ILE A 653 -6.44 4.64 -33.33
CA ILE A 653 -5.42 5.31 -32.45
C ILE A 653 -4.49 4.24 -31.88
N PHE A 654 -3.21 4.24 -32.25
CA PHE A 654 -2.22 3.28 -31.71
C PHE A 654 -1.40 3.99 -30.63
N THR A 655 -1.03 3.32 -29.53
CA THR A 655 -0.14 3.90 -28.49
C THR A 655 0.61 2.82 -27.72
N ARG A 656 1.91 3.00 -27.43
CA ARG A 656 2.70 2.10 -26.58
C ARG A 656 3.49 3.00 -25.65
N VAL A 657 2.94 3.32 -24.48
CA VAL A 657 3.64 4.17 -23.46
C VAL A 657 4.76 3.35 -22.86
N GLY A 658 5.89 3.97 -22.53
CA GLY A 658 7.07 3.27 -21.97
C GLY A 658 8.31 3.57 -22.81
N PHE A 670 13.17 -5.28 -26.53
CA PHE A 670 12.40 -6.04 -25.50
C PHE A 670 11.19 -6.75 -26.15
N MET A 671 10.74 -7.84 -25.56
CA MET A 671 9.69 -8.76 -26.11
C MET A 671 8.35 -8.08 -26.29
N VAL A 672 7.87 -7.37 -25.27
CA VAL A 672 6.50 -6.75 -25.28
C VAL A 672 6.48 -5.56 -26.25
N GLU A 673 7.60 -4.87 -26.41
CA GLU A 673 7.61 -3.63 -27.26
C GLU A 673 7.45 -3.96 -28.73
N MET A 674 8.10 -5.02 -29.21
CA MET A 674 8.10 -5.30 -30.67
C MET A 674 6.70 -5.81 -31.09
N THR A 675 5.99 -6.49 -30.19
CA THR A 675 4.70 -7.15 -30.49
C THR A 675 3.64 -6.10 -30.90
N GLU A 676 3.61 -5.02 -30.12
CA GLU A 676 2.58 -3.98 -30.32
C GLU A 676 3.03 -3.16 -31.50
N THR A 677 4.32 -3.03 -31.75
CA THR A 677 4.88 -2.26 -32.89
C THR A 677 4.62 -3.03 -34.19
N ALA A 678 4.93 -4.32 -34.15
CA ALA A 678 4.64 -5.19 -35.32
C ALA A 678 3.16 -5.04 -35.64
N ASN A 679 2.31 -5.09 -34.60
CA ASN A 679 0.82 -5.02 -34.73
C ASN A 679 0.43 -3.72 -35.44
N ILE A 680 1.04 -2.60 -35.07
CA ILE A 680 0.68 -1.27 -35.65
C ILE A 680 1.07 -1.25 -37.13
N LEU A 681 2.28 -1.67 -37.48
CA LEU A 681 2.80 -1.49 -38.84
C LEU A 681 2.12 -2.42 -39.85
N HIS A 682 1.30 -3.35 -39.36
CA HIS A 682 0.47 -4.24 -40.21
C HIS A 682 -0.96 -3.70 -40.33
N ASN A 683 -1.48 -3.06 -39.27
CA ASN A 683 -2.93 -2.72 -39.17
C ASN A 683 -3.17 -1.19 -39.16
N ALA A 684 -2.13 -0.37 -39.37
CA ALA A 684 -2.25 1.11 -39.45
C ALA A 684 -2.51 1.52 -40.92
N THR A 685 -3.31 2.57 -41.11
CA THR A 685 -3.65 3.10 -42.44
C THR A 685 -3.42 4.62 -42.53
N GLU A 686 -4.00 5.26 -43.55
CA GLU A 686 -3.92 6.73 -43.78
C GLU A 686 -4.73 7.55 -42.74
N TYR A 687 -5.75 6.97 -42.11
CA TYR A 687 -6.63 7.65 -41.14
C TYR A 687 -6.21 7.33 -39.69
N SER A 688 -5.02 6.72 -39.52
CA SER A 688 -4.53 6.24 -38.20
C SER A 688 -3.71 7.32 -37.50
N LEU A 689 -3.94 7.52 -36.17
CA LEU A 689 -3.07 8.39 -35.31
C LEU A 689 -2.22 7.44 -34.46
N VAL A 690 -0.89 7.45 -34.63
CA VAL A 690 0.05 6.55 -33.92
C VAL A 690 0.78 7.40 -32.89
N LEU A 691 1.09 6.86 -31.73
CA LEU A 691 1.73 7.64 -30.66
C LEU A 691 2.86 6.84 -30.01
N MET A 692 3.98 6.55 -30.70
CA MET A 692 5.15 5.86 -30.10
C MET A 692 5.68 6.74 -28.98
N ASP A 693 5.88 6.20 -27.76
CA ASP A 693 6.32 6.98 -26.57
C ASP A 693 7.83 6.78 -26.34
N GLU A 694 8.38 5.59 -26.60
CA GLU A 694 9.84 5.33 -26.58
C GLU A 694 10.00 4.21 -27.59
N ILE A 695 11.02 4.26 -28.44
CA ILE A 695 11.18 3.22 -29.50
C ILE A 695 12.64 3.04 -29.82
N GLY A 696 13.04 1.84 -30.22
CA GLY A 696 14.46 1.53 -30.49
C GLY A 696 15.33 1.75 -29.25
N ARG A 697 14.86 1.39 -28.06
CA ARG A 697 15.64 1.55 -26.80
C ARG A 697 15.68 0.20 -26.07
N GLY A 698 16.08 -0.88 -26.75
CA GLY A 698 16.17 -2.21 -26.13
C GLY A 698 17.49 -2.44 -25.43
N THR A 699 18.60 -2.24 -26.13
CA THR A 699 19.95 -2.36 -25.56
C THR A 699 20.92 -2.07 -26.69
N SER A 700 22.20 -2.13 -26.41
CA SER A 700 23.28 -1.92 -27.41
C SER A 700 23.34 -0.45 -27.82
N THR A 701 22.24 0.14 -28.34
CA THR A 701 22.18 1.53 -28.89
C THR A 701 22.58 1.60 -30.36
N TYR A 702 23.13 0.54 -30.96
CA TYR A 702 23.35 0.45 -32.43
C TYR A 702 22.35 -0.62 -32.90
N ASP A 703 21.65 -1.25 -31.94
CA ASP A 703 20.62 -2.26 -32.27
C ASP A 703 19.28 -1.53 -32.30
N GLY A 704 18.91 -0.88 -31.18
CA GLY A 704 17.63 -0.13 -31.15
C GLY A 704 17.60 0.94 -32.23
N LEU A 705 18.73 1.52 -32.62
CA LEU A 705 18.82 2.53 -33.69
C LEU A 705 18.31 1.91 -34.96
N SER A 706 18.80 0.74 -35.32
CA SER A 706 18.37 0.12 -36.59
C SER A 706 16.92 -0.35 -36.48
N LEU A 707 16.29 -0.26 -35.33
CA LEU A 707 14.85 -0.61 -35.21
C LEU A 707 13.97 0.63 -35.45
N ALA A 708 14.03 1.58 -34.54
CA ALA A 708 13.13 2.76 -34.61
C ALA A 708 13.36 3.57 -35.89
N TRP A 709 14.62 3.72 -36.32
CA TRP A 709 14.96 4.53 -37.50
C TRP A 709 14.08 4.05 -38.66
N ALA A 710 14.02 2.73 -38.87
CA ALA A 710 13.22 2.09 -39.92
C ALA A 710 11.72 2.19 -39.60
N CYS A 711 11.36 2.03 -38.32
CA CYS A 711 9.93 2.00 -37.88
C CYS A 711 9.22 3.31 -38.30
N ALA A 712 9.91 4.45 -38.08
CA ALA A 712 9.32 5.77 -38.40
C ALA A 712 9.20 5.98 -39.90
N GLU A 713 10.23 5.58 -40.63
CA GLU A 713 10.30 5.75 -42.12
C GLU A 713 9.14 4.97 -42.76
N ASN A 714 8.85 3.77 -42.23
CA ASN A 714 7.72 2.94 -42.70
C ASN A 714 6.40 3.57 -42.27
N LEU A 715 6.35 4.19 -41.08
CA LEU A 715 5.15 4.91 -40.58
C LEU A 715 4.91 6.19 -41.40
N ALA A 716 5.90 6.66 -42.16
CA ALA A 716 5.73 7.93 -42.92
C ALA A 716 6.00 7.78 -44.42
N ASN A 717 6.22 6.57 -44.92
CA ASN A 717 6.40 6.37 -46.38
C ASN A 717 5.25 5.54 -46.97
N LYS A 718 4.72 4.58 -46.22
CA LYS A 718 3.63 3.70 -46.72
C LYS A 718 2.36 3.88 -45.88
N ILE A 719 2.45 3.69 -44.58
CA ILE A 719 1.21 3.79 -43.74
C ILE A 719 0.68 5.20 -43.85
N LYS A 720 1.57 6.20 -43.89
CA LYS A 720 1.19 7.63 -44.05
C LYS A 720 0.22 8.00 -42.95
N ALA A 721 0.43 7.49 -41.74
CA ALA A 721 -0.44 7.83 -40.60
C ALA A 721 0.05 9.14 -40.00
N LEU A 722 -0.48 9.53 -38.84
CA LEU A 722 0.05 10.70 -38.10
C LEU A 722 0.87 10.14 -36.94
N THR A 723 2.03 10.72 -36.61
CA THR A 723 2.77 10.18 -35.42
C THR A 723 3.37 11.28 -34.57
N LEU A 724 3.41 11.06 -33.26
CA LEU A 724 4.15 11.99 -32.36
C LEU A 724 5.28 11.22 -31.71
N PHE A 725 6.29 10.82 -32.50
CA PHE A 725 7.37 9.96 -31.98
C PHE A 725 8.11 10.65 -30.82
N ALA A 726 8.17 10.03 -29.65
CA ALA A 726 9.03 10.57 -28.56
C ALA A 726 10.31 9.74 -28.60
N THR A 727 11.42 10.32 -29.01
CA THR A 727 12.67 9.51 -29.14
C THR A 727 13.87 10.18 -28.48
N HIS A 728 14.55 9.44 -27.57
CA HIS A 728 15.77 9.98 -26.90
C HIS A 728 16.89 10.12 -27.96
N TYR A 729 16.87 9.27 -28.98
CA TYR A 729 17.94 9.31 -30.00
C TYR A 729 18.01 10.69 -30.65
N PHE A 730 19.25 11.20 -30.83
CA PHE A 730 19.51 12.51 -31.42
C PHE A 730 19.84 12.33 -32.90
N GLU A 731 19.84 11.08 -33.37
CA GLU A 731 20.18 10.71 -34.77
C GLU A 731 18.90 10.57 -35.59
N LEU A 732 17.76 10.38 -34.94
CA LEU A 732 16.43 10.34 -35.60
C LEU A 732 15.91 11.74 -35.91
N THR A 733 16.69 12.76 -35.52
CA THR A 733 16.40 14.20 -35.71
C THR A 733 16.89 14.66 -37.08
N GLN A 734 17.56 13.82 -37.86
CA GLN A 734 17.99 14.14 -39.22
C GLN A 734 16.96 13.64 -40.23
N LEU A 735 15.85 13.03 -39.79
CA LEU A 735 14.78 12.55 -40.68
C LEU A 735 14.24 13.66 -41.59
N PRO A 736 13.91 14.88 -41.12
CA PRO A 736 13.32 15.90 -41.99
C PRO A 736 14.12 16.16 -43.28
N GLU A 737 15.45 16.12 -43.22
CA GLU A 737 16.36 16.30 -44.39
C GLU A 737 16.27 15.09 -45.34
N LYS A 738 15.99 13.90 -44.80
CA LYS A 738 15.92 12.62 -45.57
C LYS A 738 14.47 12.35 -45.99
N MET A 739 13.51 12.59 -45.10
CA MET A 739 12.09 12.15 -45.26
C MET A 739 11.15 13.36 -45.12
N GLU A 740 10.14 13.43 -45.98
CA GLU A 740 9.08 14.48 -45.95
C GLU A 740 7.96 14.02 -45.04
N GLY A 741 7.37 14.95 -44.29
CA GLY A 741 6.30 14.65 -43.30
C GLY A 741 6.86 14.84 -41.92
N VAL A 742 8.16 14.56 -41.72
CA VAL A 742 8.78 14.64 -40.36
C VAL A 742 9.09 16.10 -40.02
N ALA A 743 8.96 16.48 -38.74
CA ALA A 743 9.37 17.83 -38.30
C ALA A 743 9.85 17.80 -36.85
N ASN A 744 11.08 18.19 -36.57
CA ASN A 744 11.62 18.12 -35.19
C ASN A 744 10.91 19.15 -34.32
N VAL A 745 10.47 18.76 -33.12
CA VAL A 745 9.93 19.69 -32.09
C VAL A 745 10.59 19.31 -30.76
N HIS A 746 10.90 20.29 -29.91
CA HIS A 746 11.69 20.04 -28.67
C HIS A 746 11.07 20.72 -27.44
N LEU A 747 11.05 20.04 -26.30
CA LEU A 747 10.57 20.66 -25.03
C LEU A 747 11.82 21.10 -24.29
N ASP A 748 12.00 22.39 -24.05
CA ASP A 748 13.25 22.92 -23.43
C ASP A 748 13.03 23.23 -21.96
N ALA A 749 13.94 22.77 -21.11
CA ALA A 749 14.01 23.14 -19.69
C ALA A 749 15.08 24.24 -19.62
N LEU A 750 14.80 25.34 -18.95
CA LEU A 750 15.74 26.51 -18.90
C LEU A 750 16.75 26.39 -17.76
N GLU A 751 17.86 27.11 -17.87
CA GLU A 751 18.95 27.08 -16.85
C GLU A 751 19.49 28.48 -16.56
N HIS A 752 19.06 29.11 -15.47
CA HIS A 752 19.59 30.43 -14.99
C HIS A 752 20.37 30.21 -13.69
N GLY A 753 21.67 30.39 -13.73
CA GLY A 753 22.52 30.12 -12.55
C GLY A 753 22.69 28.64 -12.31
N ASP A 754 22.43 28.16 -11.09
CA ASP A 754 22.65 26.72 -10.76
C ASP A 754 21.32 25.98 -10.65
N THR A 755 20.22 26.58 -11.17
CA THR A 755 18.90 25.93 -11.02
C THR A 755 18.27 25.63 -12.40
N ILE A 756 17.76 24.41 -12.57
CA ILE A 756 17.04 24.04 -13.82
C ILE A 756 15.53 24.20 -13.57
N ALA A 757 14.84 24.69 -14.57
CA ALA A 757 13.36 24.89 -14.48
C ALA A 757 12.63 24.08 -15.53
N PHE A 758 11.38 23.68 -15.29
CA PHE A 758 10.61 22.84 -16.23
C PHE A 758 9.52 23.70 -16.87
N MET A 759 9.75 24.17 -18.10
CA MET A 759 8.82 25.10 -18.80
C MET A 759 7.73 24.26 -19.47
N HIS A 760 8.07 23.02 -19.85
CA HIS A 760 7.20 22.13 -20.66
C HIS A 760 6.55 22.94 -21.78
N SER A 761 7.37 23.70 -22.50
CA SER A 761 6.89 24.55 -23.62
C SER A 761 7.37 23.91 -24.93
N VAL A 762 6.57 23.97 -25.99
CA VAL A 762 6.94 23.24 -27.25
C VAL A 762 7.38 24.25 -28.30
N GLN A 763 8.52 24.03 -28.90
CA GLN A 763 9.09 24.96 -29.94
C GLN A 763 9.77 24.14 -31.05
N ASP A 764 10.30 24.81 -32.07
CA ASP A 764 10.94 24.17 -33.28
C ASP A 764 12.42 23.88 -33.03
N GLY A 765 12.95 22.83 -33.67
CA GLY A 765 14.40 22.47 -33.60
C GLY A 765 14.73 21.51 -32.48
N ALA A 766 15.99 21.44 -32.08
CA ALA A 766 16.48 20.75 -30.85
C ALA A 766 17.97 21.14 -30.69
N ALA A 767 18.55 20.93 -29.50
CA ALA A 767 19.83 21.49 -29.03
C ALA A 767 20.97 20.47 -29.12
N SER A 768 22.01 20.73 -29.90
CA SER A 768 23.17 19.84 -30.00
C SER A 768 23.89 19.75 -28.66
N LYS A 769 24.40 20.87 -28.17
CA LYS A 769 24.95 20.93 -26.81
C LYS A 769 23.71 20.67 -25.97
N SER A 770 23.80 19.78 -25.01
CA SER A 770 22.64 19.45 -24.16
C SER A 770 22.73 20.24 -22.85
N TYR A 771 21.65 20.30 -22.09
CA TYR A 771 21.71 20.92 -20.75
C TYR A 771 22.73 20.18 -19.87
N GLY A 772 23.05 18.94 -20.23
CA GLY A 772 24.11 18.17 -19.52
C GLY A 772 25.52 18.78 -19.50
N LEU A 773 26.00 19.29 -20.61
CA LEU A 773 27.30 20.00 -20.69
C LEU A 773 27.30 21.15 -19.68
N ALA A 774 26.14 21.76 -19.44
CA ALA A 774 26.01 22.84 -18.45
C ALA A 774 25.82 22.25 -17.06
N VAL A 775 25.08 21.15 -16.98
CA VAL A 775 24.84 20.48 -15.67
C VAL A 775 26.19 19.95 -15.16
N ALA A 776 27.09 19.60 -16.06
CA ALA A 776 28.43 19.13 -15.67
C ALA A 776 29.14 20.23 -14.88
N ALA A 777 29.00 21.49 -15.31
CA ALA A 777 29.60 22.64 -14.57
C ALA A 777 28.97 22.81 -13.18
N LEU A 778 27.68 22.58 -13.04
CA LEU A 778 26.99 22.61 -11.72
C LEU A 778 27.48 21.38 -10.95
N ALA A 779 27.83 21.49 -9.66
CA ALA A 779 28.49 20.38 -8.96
C ALA A 779 29.54 19.87 -9.95
N GLY A 780 30.49 20.74 -10.30
CA GLY A 780 31.43 20.50 -11.41
C GLY A 780 32.43 19.36 -11.28
N VAL A 781 32.57 18.61 -12.37
CA VAL A 781 33.63 17.58 -12.49
C VAL A 781 34.94 18.31 -12.62
N PRO A 782 36.13 17.67 -12.52
CA PRO A 782 37.37 18.38 -12.75
C PRO A 782 37.33 19.09 -14.11
N LYS A 783 37.93 20.27 -14.18
CA LYS A 783 37.80 21.11 -15.41
C LYS A 783 38.39 20.37 -16.62
N GLU A 784 39.46 19.58 -16.43
CA GLU A 784 39.98 18.80 -17.57
C GLU A 784 38.91 17.82 -18.06
N VAL A 785 38.19 17.18 -17.14
CA VAL A 785 37.19 16.14 -17.54
C VAL A 785 36.04 16.77 -18.34
N ILE A 786 35.50 17.90 -17.88
CA ILE A 786 34.41 18.60 -18.64
C ILE A 786 34.98 19.06 -19.98
N LYS A 787 36.22 19.55 -19.99
CA LYS A 787 36.86 20.01 -21.25
C LYS A 787 36.98 18.81 -22.19
N ARG A 788 37.33 17.65 -21.63
CA ARG A 788 37.53 16.44 -22.45
C ARG A 788 36.21 16.00 -23.10
N ALA A 789 35.09 16.23 -22.43
CA ALA A 789 33.79 15.91 -23.05
C ALA A 789 33.55 16.84 -24.22
N ARG A 790 33.71 18.15 -23.97
CA ARG A 790 33.51 19.14 -25.05
C ARG A 790 34.33 18.66 -26.24
N GLN A 791 35.54 18.16 -25.99
CA GLN A 791 36.43 17.71 -27.08
C GLN A 791 35.70 16.58 -27.80
N LYS A 792 35.09 15.66 -27.07
CA LYS A 792 34.40 14.46 -27.65
C LYS A 792 33.03 14.79 -28.23
N LEU A 793 32.25 15.70 -27.63
CA LEU A 793 30.92 16.10 -28.13
C LEU A 793 31.09 16.72 -29.51
N ARG A 794 32.12 17.56 -29.67
CA ARG A 794 32.48 18.21 -30.95
C ARG A 794 32.91 17.13 -31.94
N GLU A 795 33.69 16.16 -31.51
CA GLU A 795 34.23 15.09 -32.39
C GLU A 795 33.11 14.24 -32.97
N LEU A 796 32.14 13.83 -32.16
CA LEU A 796 31.03 12.93 -32.60
C LEU A 796 30.23 13.62 -33.69
N GLU A 797 29.69 14.80 -33.40
CA GLU A 797 28.75 15.50 -34.32
C GLU A 797 29.49 15.91 -35.62
N SER A 798 30.75 16.35 -35.49
CA SER A 798 31.57 16.85 -36.63
C SER A 798 31.89 15.76 -37.65
N ILE A 799 32.31 14.57 -37.20
CA ILE A 799 32.67 13.42 -38.08
C ILE A 799 31.44 13.03 -38.89
N SER A 800 30.25 13.07 -38.25
CA SER A 800 28.95 12.81 -38.92
C SER A 800 28.66 13.96 -39.91
N SER B 2 -4.52 38.10 29.32
CA SER B 2 -5.52 39.15 29.65
C SER B 2 -4.98 40.03 30.78
N ALA B 3 -4.52 39.45 31.88
CA ALA B 3 -3.91 40.21 33.00
C ALA B 3 -2.44 40.48 32.66
N ILE B 4 -1.75 41.30 33.45
CA ILE B 4 -0.30 41.62 33.23
C ILE B 4 0.45 40.30 33.42
N GLU B 5 1.47 39.99 32.62
CA GLU B 5 2.22 38.70 32.66
C GLU B 5 3.57 38.91 33.35
N ASN B 6 3.73 39.98 34.14
CA ASN B 6 4.99 40.16 34.91
C ASN B 6 5.18 38.96 35.84
N PHE B 7 6.37 38.78 36.44
CA PHE B 7 6.70 37.58 37.26
C PHE B 7 5.64 37.38 38.37
N ASP B 8 5.20 38.47 39.02
CA ASP B 8 4.31 38.47 40.22
C ASP B 8 2.88 38.02 39.88
N ALA B 9 2.35 38.48 38.75
CA ALA B 9 0.96 38.28 38.27
C ALA B 9 0.63 36.77 38.17
N HIS B 10 1.60 35.95 37.75
CA HIS B 10 1.46 34.48 37.60
C HIS B 10 1.29 33.80 38.96
N THR B 11 0.65 32.63 38.98
CA THR B 11 0.47 31.79 40.20
C THR B 11 1.78 31.06 40.48
N PRO B 12 2.08 30.69 41.74
CA PRO B 12 3.38 30.14 42.10
C PRO B 12 3.90 28.96 41.25
N MET B 13 2.98 28.11 40.77
CA MET B 13 3.30 26.94 39.91
C MET B 13 3.83 27.40 38.55
N MET B 14 3.21 28.41 37.93
CA MET B 14 3.57 28.93 36.59
C MET B 14 4.83 29.80 36.67
N GLN B 15 5.04 30.48 37.80
CA GLN B 15 6.28 31.27 38.07
C GLN B 15 7.48 30.33 37.99
N GLN B 16 7.33 29.16 38.62
CA GLN B 16 8.35 28.08 38.70
C GLN B 16 8.58 27.51 37.29
N TYR B 17 7.52 27.25 36.53
CA TYR B 17 7.59 26.69 35.16
C TYR B 17 8.26 27.70 34.21
N LEU B 18 7.88 28.97 34.31
CA LEU B 18 8.36 30.05 33.40
C LEU B 18 9.90 30.16 33.48
N ARG B 19 10.48 30.09 34.68
CA ARG B 19 11.95 30.10 34.90
C ARG B 19 12.57 28.82 34.35
N LEU B 20 11.92 27.67 34.60
CA LEU B 20 12.39 26.33 34.14
C LEU B 20 12.41 26.29 32.60
N LYS B 21 11.34 26.78 31.97
CA LYS B 21 11.19 26.84 30.49
C LYS B 21 12.23 27.82 29.95
N ALA B 22 12.49 28.89 30.68
CA ALA B 22 13.45 29.96 30.30
C ALA B 22 14.86 29.39 30.18
N GLN B 23 15.20 28.37 30.98
CA GLN B 23 16.51 27.67 30.94
C GLN B 23 16.66 26.97 29.58
N HIS B 24 15.58 26.35 29.09
CA HIS B 24 15.54 25.63 27.79
C HIS B 24 14.33 26.09 26.98
N PRO B 25 14.35 27.34 26.44
CA PRO B 25 13.18 27.92 25.77
C PRO B 25 12.99 27.52 24.30
N GLU B 26 14.01 26.92 23.67
CA GLU B 26 14.02 26.55 22.23
C GLU B 26 13.60 25.09 22.05
N ILE B 27 13.28 24.40 23.14
CA ILE B 27 12.86 22.96 23.14
C ILE B 27 11.60 22.82 24.00
N LEU B 28 10.81 21.77 23.71
CA LEU B 28 9.57 21.46 24.47
C LEU B 28 9.94 20.92 25.84
N LEU B 29 9.00 20.96 26.78
CA LEU B 29 9.17 20.39 28.14
C LEU B 29 7.93 19.57 28.51
N PHE B 30 8.16 18.44 29.17
CA PHE B 30 7.10 17.63 29.84
C PHE B 30 7.20 17.96 31.33
N TYR B 31 6.17 18.62 31.86
CA TYR B 31 6.10 19.16 33.24
C TYR B 31 5.20 18.26 34.08
N ARG B 32 5.77 17.59 35.10
CA ARG B 32 5.06 16.59 35.93
C ARG B 32 3.97 17.27 36.75
N MET B 33 2.72 16.86 36.53
CA MET B 33 1.51 17.52 37.08
C MET B 33 0.43 16.43 37.13
N GLY B 34 0.73 15.39 37.92
CA GLY B 34 0.04 14.09 37.83
C GLY B 34 0.47 13.35 36.57
N ASP B 35 -0.29 12.31 36.23
CA ASP B 35 0.02 11.48 35.05
C ASP B 35 0.20 12.43 33.88
N PHE B 36 -0.70 13.41 33.77
CA PHE B 36 -0.63 14.28 32.58
C PHE B 36 0.53 15.26 32.73
N TYR B 37 1.57 15.09 31.92
CA TYR B 37 2.65 16.10 31.91
C TYR B 37 2.01 17.30 31.24
N GLU B 38 1.63 18.33 32.00
CA GLU B 38 0.84 19.39 31.31
C GLU B 38 1.81 20.27 30.49
N LEU B 39 1.48 20.56 29.23
CA LEU B 39 2.25 21.48 28.33
C LEU B 39 1.45 22.78 28.15
N PHE B 40 2.08 23.94 27.97
CA PHE B 40 1.37 25.25 28.04
C PHE B 40 1.69 26.14 26.82
N TYR B 41 0.80 27.12 26.56
CA TYR B 41 0.96 28.19 25.55
C TYR B 41 1.39 27.60 24.19
N ASP B 42 2.54 28.04 23.68
CA ASP B 42 3.05 27.67 22.34
C ASP B 42 3.34 26.16 22.29
N ASP B 43 3.83 25.59 23.39
CA ASP B 43 4.16 24.15 23.48
C ASP B 43 2.88 23.33 23.30
N ALA B 44 1.80 23.76 23.96
CA ALA B 44 0.48 23.09 23.90
C ALA B 44 0.00 23.10 22.45
N LYS B 45 0.36 24.15 21.70
CA LYS B 45 -0.03 24.30 20.28
C LYS B 45 0.67 23.22 19.44
N ARG B 46 1.99 23.15 19.54
CA ARG B 46 2.81 22.19 18.74
C ARG B 46 2.41 20.76 19.11
N ALA B 47 2.25 20.47 20.40
CA ALA B 47 1.87 19.13 20.91
C ALA B 47 0.57 18.68 20.24
N SER B 48 -0.41 19.59 20.19
CA SER B 48 -1.76 19.32 19.63
C SER B 48 -1.66 18.95 18.14
N GLN B 49 -0.70 19.54 17.42
CA GLN B 49 -0.49 19.27 15.98
C GLN B 49 0.12 17.88 15.79
N LEU B 50 1.14 17.54 16.57
CA LEU B 50 1.94 16.29 16.37
C LEU B 50 1.36 15.12 17.17
N LEU B 51 1.28 15.25 18.50
CA LEU B 51 0.77 14.17 19.37
C LEU B 51 -0.73 14.00 19.09
N ASP B 52 -1.34 14.97 18.40
CA ASP B 52 -2.76 14.93 17.97
C ASP B 52 -3.65 14.92 19.22
N ILE B 53 -3.11 15.35 20.36
CA ILE B 53 -3.88 15.51 21.64
C ILE B 53 -4.68 16.81 21.55
N SER B 54 -5.90 16.82 22.08
CA SER B 54 -6.82 17.98 22.01
C SER B 54 -6.19 19.19 22.71
N LEU B 55 -6.03 20.31 22.02
CA LEU B 55 -5.58 21.58 22.64
C LEU B 55 -6.73 22.10 23.49
N THR B 56 -6.53 22.23 24.81
CA THR B 56 -7.50 22.86 25.74
C THR B 56 -6.85 24.12 26.33
N LYS B 57 -7.57 24.85 27.18
CA LYS B 57 -6.99 26.01 27.91
C LYS B 57 -7.16 25.77 29.41
N ARG B 58 -6.07 25.91 30.18
CA ARG B 58 -6.13 25.80 31.67
C ARG B 58 -6.84 27.06 32.19
N GLY B 59 -7.50 26.96 33.34
CA GLY B 59 -8.22 28.12 33.90
C GLY B 59 -7.27 29.27 34.18
N ALA B 60 -7.69 30.50 33.89
CA ALA B 60 -6.78 31.66 34.03
C ALA B 60 -6.77 32.17 35.47
N SER B 61 -6.19 31.40 36.39
CA SER B 61 -6.04 31.87 37.80
C SER B 61 -5.10 33.07 37.81
N ALA B 62 -4.05 33.03 36.98
CA ALA B 62 -3.07 34.14 36.86
C ALA B 62 -3.75 35.40 36.30
N GLY B 63 -4.86 35.24 35.57
CA GLY B 63 -5.56 36.37 34.95
C GLY B 63 -5.28 36.52 33.48
N GLU B 64 -4.30 35.76 32.96
CA GLU B 64 -4.00 35.71 31.51
C GLU B 64 -4.40 34.29 31.04
N PRO B 65 -5.13 34.10 29.92
CA PRO B 65 -5.51 32.74 29.53
C PRO B 65 -4.31 31.84 29.23
N ILE B 66 -4.32 30.60 29.74
CA ILE B 66 -3.16 29.70 29.55
C ILE B 66 -3.59 28.53 28.66
N PRO B 67 -3.08 28.37 27.42
CA PRO B 67 -3.37 27.17 26.62
C PRO B 67 -2.71 25.96 27.33
N MET B 68 -3.22 24.75 27.09
CA MET B 68 -2.73 23.55 27.84
C MET B 68 -2.98 22.26 27.06
N ALA B 69 -2.06 21.29 27.15
CA ALA B 69 -2.22 19.88 26.72
C ALA B 69 -1.58 18.98 27.80
N GLY B 70 -1.94 17.69 27.84
CA GLY B 70 -1.37 16.72 28.79
C GLY B 70 -1.43 15.29 28.29
N ILE B 71 -0.45 14.46 28.68
CA ILE B 71 -0.36 13.01 28.28
C ILE B 71 0.00 12.18 29.52
N PRO B 72 -0.57 10.96 29.69
CA PRO B 72 -0.32 10.16 30.90
C PRO B 72 1.15 9.71 31.02
N TYR B 73 1.66 9.64 32.26
CA TYR B 73 3.09 9.40 32.58
C TYR B 73 3.51 7.99 32.15
N HIS B 74 2.61 7.01 32.30
CA HIS B 74 2.87 5.57 32.03
C HIS B 74 2.92 5.30 30.52
N ALA B 75 2.35 6.19 29.71
CA ALA B 75 2.30 6.06 28.23
C ALA B 75 3.21 7.09 27.57
N VAL B 76 4.12 7.72 28.34
CA VAL B 76 5.02 8.82 27.85
C VAL B 76 5.85 8.30 26.66
N GLU B 77 6.40 7.10 26.79
CA GLU B 77 7.36 6.48 25.83
C GLU B 77 6.76 6.49 24.42
N ASN B 78 5.46 6.27 24.31
CA ASN B 78 4.73 6.21 23.02
C ASN B 78 4.81 7.56 22.33
N TYR B 79 4.48 8.62 23.06
CA TYR B 79 4.50 10.02 22.55
C TYR B 79 5.95 10.46 22.33
N LEU B 80 6.88 9.98 23.17
CA LEU B 80 8.32 10.28 22.98
C LEU B 80 8.75 9.73 21.62
N ALA B 81 8.31 8.51 21.29
CA ALA B 81 8.65 7.87 20.00
C ALA B 81 8.10 8.72 18.86
N LYS B 82 6.86 9.21 19.01
CA LYS B 82 6.22 10.04 17.95
C LYS B 82 7.08 11.29 17.73
N LEU B 83 7.49 11.94 18.82
CA LEU B 83 8.29 13.19 18.75
C LEU B 83 9.69 12.88 18.19
N VAL B 84 10.30 11.76 18.60
CA VAL B 84 11.68 11.39 18.19
C VAL B 84 11.71 11.18 16.66
N ASN B 85 10.68 10.57 16.09
CA ASN B 85 10.59 10.34 14.62
C ASN B 85 10.56 11.69 13.92
N GLN B 86 9.87 12.67 14.51
CA GLN B 86 9.75 14.05 13.94
C GLN B 86 11.02 14.84 14.25
N GLY B 87 11.94 14.28 15.04
CA GLY B 87 13.21 14.94 15.41
C GLY B 87 12.97 16.07 16.38
N GLU B 88 11.94 15.98 17.24
CA GLU B 88 11.61 17.05 18.22
C GLU B 88 12.28 16.74 19.57
N SER B 89 13.22 17.58 20.00
CA SER B 89 13.87 17.46 21.34
C SER B 89 12.84 17.83 22.40
N VAL B 90 12.83 17.10 23.52
CA VAL B 90 11.88 17.33 24.63
C VAL B 90 12.60 17.14 25.97
N ALA B 91 12.40 18.05 26.93
CA ALA B 91 12.95 17.92 28.30
C ALA B 91 11.94 17.19 29.19
N ILE B 92 12.44 16.36 30.11
CA ILE B 92 11.62 15.71 31.16
C ILE B 92 12.04 16.31 32.50
N CYS B 93 11.09 16.93 33.19
CA CYS B 93 11.24 17.53 34.53
C CYS B 93 10.37 16.76 35.53
N GLU B 94 10.82 16.60 36.76
CA GLU B 94 10.10 15.76 37.76
C GLU B 94 10.11 16.43 39.14
N GLN B 95 9.17 16.06 40.02
CA GLN B 95 9.08 16.62 41.40
C GLN B 95 10.16 15.91 42.25
N ILE B 96 11.43 16.32 42.11
CA ILE B 96 12.58 15.58 42.72
C ILE B 96 12.45 15.72 44.23
N GLY B 97 12.57 16.95 44.71
CA GLY B 97 12.45 17.20 46.14
C GLY B 97 11.04 16.83 46.53
N ASP B 98 10.84 16.34 47.75
CA ASP B 98 9.50 15.96 48.25
C ASP B 98 8.77 17.29 48.48
N PRO B 99 7.45 17.33 48.73
CA PRO B 99 6.74 18.62 48.82
C PRO B 99 7.40 19.55 49.83
N ALA B 100 8.05 19.01 50.86
CA ALA B 100 8.76 19.81 51.89
C ALA B 100 9.90 20.64 51.29
N THR B 101 10.63 20.14 50.29
CA THR B 101 11.84 20.82 49.74
C THR B 101 11.49 22.22 49.22
N SER B 102 10.36 22.41 48.54
CA SER B 102 9.90 23.75 48.08
C SER B 102 8.62 24.10 48.85
N LYS B 103 8.61 25.22 49.56
CA LYS B 103 7.44 25.64 50.39
C LYS B 103 6.26 25.83 49.44
N GLY B 104 6.51 26.35 48.24
CA GLY B 104 5.47 26.58 47.23
C GLY B 104 5.37 25.35 46.34
N PRO B 105 5.35 25.46 44.99
CA PRO B 105 5.19 24.25 44.18
C PRO B 105 6.38 23.34 44.49
N VAL B 106 6.17 22.03 44.60
CA VAL B 106 7.23 21.05 45.01
C VAL B 106 8.45 21.21 44.12
N GLU B 107 9.66 21.09 44.68
CA GLU B 107 10.90 21.37 43.91
C GLU B 107 10.82 20.57 42.61
N ARG B 108 11.01 21.24 41.48
CA ARG B 108 10.93 20.60 40.16
C ARG B 108 12.22 20.88 39.42
N LYS B 109 12.92 19.83 38.98
CA LYS B 109 14.18 19.95 38.23
C LYS B 109 14.09 19.07 36.98
N VAL B 110 14.68 19.55 35.89
CA VAL B 110 14.81 18.77 34.62
C VAL B 110 15.66 17.55 34.95
N VAL B 111 15.08 16.34 34.87
CA VAL B 111 15.77 15.06 35.21
C VAL B 111 16.60 14.57 34.01
N ARG B 112 16.11 14.80 32.79
CA ARG B 112 16.78 14.37 31.54
C ARG B 112 16.22 15.19 30.38
N ILE B 113 16.98 15.30 29.30
CA ILE B 113 16.55 15.95 28.03
C ILE B 113 16.54 14.87 26.95
N VAL B 114 15.35 14.35 26.65
CA VAL B 114 15.16 13.28 25.62
C VAL B 114 15.36 13.93 24.26
N THR B 115 16.51 13.65 23.65
CA THR B 115 16.90 14.14 22.32
C THR B 115 17.08 12.94 21.41
N PRO B 116 16.86 13.12 20.08
CA PRO B 116 17.00 12.01 19.14
C PRO B 116 18.37 11.35 19.26
N GLY B 117 19.40 12.10 19.66
CA GLY B 117 20.75 11.54 19.83
C GLY B 117 20.88 10.65 21.05
N THR B 118 20.40 11.10 22.20
CA THR B 118 20.61 10.38 23.49
C THR B 118 19.39 9.54 23.85
N ILE B 119 18.78 8.84 22.90
CA ILE B 119 17.65 7.96 23.29
C ILE B 119 18.25 6.61 23.69
N SER B 120 18.36 6.36 24.99
CA SER B 120 18.94 5.11 25.53
C SER B 120 17.83 4.10 25.78
N ASP B 121 16.58 4.53 25.75
CA ASP B 121 15.41 3.63 25.94
C ASP B 121 15.35 2.66 24.77
N GLU B 122 15.26 1.36 25.05
CA GLU B 122 15.24 0.31 24.00
C GLU B 122 14.04 0.50 23.07
N ALA B 123 12.88 0.87 23.63
CA ALA B 123 11.62 1.05 22.87
C ALA B 123 11.83 2.03 21.71
N LEU B 124 12.76 2.97 21.85
CA LEU B 124 12.96 4.03 20.84
C LEU B 124 14.10 3.65 19.90
N LEU B 125 14.67 2.46 20.04
CA LEU B 125 15.85 2.04 19.24
C LEU B 125 15.52 0.80 18.41
N GLN B 126 15.50 0.91 17.08
CA GLN B 126 15.35 -0.26 16.18
C GLN B 126 16.47 -1.24 16.53
N GLU B 127 16.13 -2.47 16.92
CA GLU B 127 17.04 -3.45 17.58
C GLU B 127 18.32 -3.63 16.75
N ARG B 128 18.17 -3.79 15.44
CA ARG B 128 19.28 -4.07 14.49
C ARG B 128 19.63 -2.78 13.72
N GLN B 129 19.68 -1.62 14.41
CA GLN B 129 20.19 -0.32 13.85
C GLN B 129 20.79 0.52 14.99
N ASP B 130 22.01 1.05 14.83
CA ASP B 130 22.70 1.87 15.86
C ASP B 130 22.16 3.32 15.81
N ASN B 131 21.84 3.87 16.98
CA ASN B 131 21.48 5.29 17.20
C ASN B 131 22.77 6.02 17.55
N LEU B 132 22.97 7.23 17.03
CA LEU B 132 24.19 8.05 17.26
C LEU B 132 23.81 9.48 17.66
N LEU B 133 24.77 10.23 18.18
CA LEU B 133 24.61 11.68 18.50
C LEU B 133 25.91 12.40 18.19
N ALA B 134 25.83 13.51 17.46
CA ALA B 134 27.00 14.23 16.92
C ALA B 134 26.74 15.74 16.90
N ALA B 135 27.84 16.52 16.91
CA ALA B 135 27.86 17.97 16.66
C ALA B 135 28.85 18.23 15.53
N ILE B 136 28.78 19.41 14.90
CA ILE B 136 29.68 19.80 13.77
C ILE B 136 29.86 21.33 13.80
N TRP B 137 31.09 21.84 13.87
CA TRP B 137 31.39 23.30 13.84
C TRP B 137 32.44 23.55 12.76
N GLN B 138 32.29 24.58 11.94
CA GLN B 138 33.21 24.84 10.79
C GLN B 138 34.31 25.83 11.20
N ASP B 139 35.56 25.55 10.82
CA ASP B 139 36.73 26.42 11.12
C ASP B 139 37.41 26.69 9.78
N SER B 140 38.20 27.75 9.65
CA SER B 140 38.88 28.12 8.38
C SER B 140 39.81 26.98 7.96
N LYS B 141 40.52 26.37 8.92
CA LYS B 141 41.47 25.25 8.63
C LYS B 141 40.70 24.02 8.13
N GLY B 142 39.55 23.69 8.73
CA GLY B 142 38.78 22.48 8.38
C GLY B 142 37.54 22.32 9.24
N PHE B 143 36.85 21.18 9.15
CA PHE B 143 35.62 20.89 9.94
C PHE B 143 35.94 19.97 11.12
N GLY B 144 35.32 20.14 12.29
CA GLY B 144 35.45 19.24 13.46
C GLY B 144 34.19 18.45 13.70
N TYR B 145 34.15 17.19 13.25
CA TYR B 145 32.97 16.31 13.38
C TYR B 145 33.19 15.26 14.46
N ALA B 146 32.35 15.30 15.50
CA ALA B 146 32.40 14.36 16.65
C ALA B 146 31.17 13.45 16.61
N THR B 147 31.29 12.25 17.17
CA THR B 147 30.16 11.28 17.31
C THR B 147 30.27 10.53 18.63
N LEU B 148 29.12 10.26 19.24
CA LEU B 148 29.07 9.46 20.48
C LEU B 148 27.93 8.46 20.36
N ASP B 149 28.22 7.18 20.47
CA ASP B 149 27.16 6.16 20.54
C ASP B 149 26.86 6.07 22.03
N ILE B 150 25.90 6.85 22.50
CA ILE B 150 25.53 6.91 23.95
C ILE B 150 25.05 5.52 24.39
N SER B 151 24.52 4.71 23.48
CA SER B 151 23.97 3.38 23.81
C SER B 151 25.10 2.35 23.92
N SER B 152 26.36 2.73 23.70
CA SER B 152 27.49 1.77 23.75
C SER B 152 28.67 2.33 24.53
N GLY B 153 28.86 3.65 24.53
CA GLY B 153 30.06 4.28 25.14
C GLY B 153 31.14 4.50 24.09
N ARG B 154 30.97 3.93 22.89
CA ARG B 154 31.90 4.14 21.76
C ARG B 154 31.84 5.62 21.36
N PHE B 155 32.94 6.35 21.52
CA PHE B 155 33.06 7.81 21.32
C PHE B 155 34.13 8.04 20.26
N ARG B 156 33.76 8.69 19.16
CA ARG B 156 34.67 8.93 18.03
C ARG B 156 34.73 10.42 17.70
N LEU B 157 35.64 10.76 16.80
CA LEU B 157 35.97 12.15 16.40
C LEU B 157 36.64 12.08 15.03
N SER B 158 36.56 13.15 14.24
CA SER B 158 37.25 13.24 12.93
C SER B 158 37.39 14.71 12.52
N GLU B 159 38.40 14.99 11.69
CA GLU B 159 38.60 16.30 11.04
C GLU B 159 38.58 16.08 9.54
N PRO B 160 37.38 15.89 8.92
CA PRO B 160 37.31 15.70 7.48
C PRO B 160 37.75 16.99 6.76
N ALA B 161 38.39 16.83 5.61
CA ALA B 161 39.04 17.92 4.82
C ALA B 161 38.03 18.98 4.36
N ASP B 162 36.96 18.56 3.67
CA ASP B 162 36.03 19.48 2.96
C ASP B 162 34.60 18.91 2.88
N ARG B 163 33.71 19.76 2.36
CA ARG B 163 32.23 19.62 2.30
C ARG B 163 31.78 18.21 1.87
N GLU B 164 32.32 17.68 0.77
CA GLU B 164 31.86 16.40 0.15
C GLU B 164 32.04 15.24 1.14
N THR B 165 33.16 15.23 1.88
CA THR B 165 33.47 14.21 2.91
C THR B 165 32.55 14.39 4.11
N MET B 166 32.18 15.64 4.44
CA MET B 166 31.21 15.88 5.53
C MET B 166 29.94 15.09 5.21
N ALA B 167 29.44 15.20 3.97
CA ALA B 167 28.17 14.56 3.57
C ALA B 167 28.30 13.03 3.66
N ALA B 168 29.44 12.49 3.22
CA ALA B 168 29.70 11.04 3.28
C ALA B 168 29.66 10.59 4.75
N GLU B 169 30.31 11.35 5.64
CA GLU B 169 30.32 11.04 7.08
C GLU B 169 28.90 11.18 7.64
N LEU B 170 28.20 12.24 7.27
CA LEU B 170 26.83 12.51 7.80
C LEU B 170 25.90 11.36 7.43
N GLN B 171 25.93 10.89 6.19
CA GLN B 171 25.06 9.76 5.81
C GLN B 171 25.51 8.48 6.53
N ARG B 172 26.82 8.21 6.59
CA ARG B 172 27.33 6.94 7.18
C ARG B 172 26.89 6.87 8.65
N THR B 173 27.08 7.96 9.37
CA THR B 173 26.60 8.05 10.77
C THR B 173 25.08 8.11 10.80
N ASN B 174 24.44 8.83 9.86
CA ASN B 174 22.99 9.10 9.85
C ASN B 174 22.53 9.54 11.23
N PRO B 175 23.09 10.64 11.79
CA PRO B 175 22.81 11.00 13.17
C PRO B 175 21.37 11.50 13.29
N ALA B 176 20.53 10.74 13.98
CA ALA B 176 19.12 11.12 14.21
C ALA B 176 19.07 12.54 14.79
N GLU B 177 20.15 12.99 15.44
CA GLU B 177 20.30 14.39 15.90
C GLU B 177 21.65 14.94 15.49
N LEU B 178 21.70 16.24 15.18
CA LEU B 178 22.97 16.94 14.85
C LEU B 178 23.00 18.32 15.51
N LEU B 179 24.03 18.59 16.31
CA LEU B 179 24.26 19.92 16.93
C LEU B 179 25.23 20.72 16.05
N TYR B 180 25.07 22.03 16.01
CA TYR B 180 26.03 22.91 15.29
C TYR B 180 26.05 24.30 15.91
N ALA B 181 26.91 25.16 15.36
CA ALA B 181 27.22 26.51 15.89
C ALA B 181 26.60 27.57 14.99
N GLU B 182 26.18 28.69 15.58
CA GLU B 182 25.48 29.81 14.89
C GLU B 182 26.31 30.33 13.71
N ASP B 183 27.65 30.23 13.78
CA ASP B 183 28.57 30.78 12.76
C ASP B 183 28.77 29.79 11.60
N PHE B 184 28.07 28.66 11.56
CA PHE B 184 28.32 27.60 10.55
C PHE B 184 27.96 28.16 9.16
N ALA B 185 28.95 28.21 8.27
CA ALA B 185 28.84 28.86 6.93
C ALA B 185 28.02 27.98 5.96
N GLU B 186 28.38 26.70 5.80
CA GLU B 186 27.77 25.79 4.76
C GLU B 186 26.45 25.23 5.30
N MET B 187 25.33 25.91 5.07
CA MET B 187 24.02 25.58 5.70
C MET B 187 23.16 24.68 4.79
N SER B 188 23.67 24.30 3.62
CA SER B 188 23.04 23.29 2.73
C SER B 188 23.13 21.89 3.37
N LEU B 189 24.29 21.53 3.92
CA LEU B 189 24.54 20.20 4.53
C LEU B 189 23.67 20.02 5.77
N ILE B 190 23.51 21.09 6.56
CA ILE B 190 22.88 21.06 7.91
C ILE B 190 21.35 21.02 7.76
N GLU B 191 20.80 21.83 6.85
CA GLU B 191 19.32 21.93 6.66
C GLU B 191 18.80 20.62 6.05
N GLY B 192 17.66 20.13 6.55
CA GLY B 192 17.04 18.88 6.10
C GLY B 192 17.35 17.71 7.03
N ARG B 193 18.39 17.84 7.86
CA ARG B 193 18.73 16.81 8.88
C ARG B 193 17.67 16.85 9.99
N ARG B 194 17.27 15.68 10.48
CA ARG B 194 16.27 15.53 11.57
C ARG B 194 16.90 15.96 12.90
N GLY B 195 16.10 16.58 13.78
CA GLY B 195 16.53 17.02 15.11
C GLY B 195 17.69 17.98 15.05
N LEU B 196 17.55 19.03 14.24
CA LEU B 196 18.61 20.03 14.00
C LEU B 196 18.70 20.98 15.19
N ARG B 197 19.91 21.20 15.74
CA ARG B 197 20.13 22.05 16.94
C ARG B 197 21.20 23.11 16.65
N ARG B 198 20.85 24.39 16.85
CA ARG B 198 21.78 25.54 16.83
C ARG B 198 22.24 25.77 18.28
N ARG B 199 23.48 26.19 18.49
CA ARG B 199 24.06 26.31 19.86
C ARG B 199 24.81 27.63 20.03
N PRO B 200 25.09 28.08 21.28
CA PRO B 200 25.96 29.24 21.52
C PRO B 200 27.41 28.99 21.08
N LEU B 201 28.16 30.07 20.84
CA LEU B 201 29.56 29.99 20.33
C LEU B 201 30.54 29.59 21.43
N TRP B 202 30.30 30.04 22.68
CA TRP B 202 31.21 29.84 23.83
C TRP B 202 31.40 28.34 24.14
N GLU B 203 30.46 27.49 23.70
CA GLU B 203 30.52 26.01 23.88
C GLU B 203 31.62 25.39 23.01
N PHE B 204 32.01 26.01 21.89
CA PHE B 204 33.00 25.47 20.93
C PHE B 204 34.38 26.11 21.16
N GLU B 205 34.66 26.54 22.39
CA GLU B 205 36.00 27.06 22.81
C GLU B 205 36.95 25.88 23.02
N ILE B 206 38.21 26.00 22.59
CA ILE B 206 39.23 24.91 22.66
C ILE B 206 39.63 24.63 24.12
N ASP B 207 39.90 25.68 24.91
CA ASP B 207 40.46 25.56 26.29
C ASP B 207 39.53 24.70 27.15
N THR B 208 38.23 25.02 27.13
CA THR B 208 37.17 24.33 27.91
C THR B 208 37.19 22.84 27.55
N ALA B 209 37.28 22.53 26.26
CA ALA B 209 37.32 21.16 25.72
C ALA B 209 38.57 20.43 26.20
N ARG B 210 39.73 21.08 26.17
CA ARG B 210 40.98 20.42 26.60
C ARG B 210 40.77 19.91 28.03
N GLN B 211 40.33 20.78 28.93
CA GLN B 211 40.11 20.42 30.37
C GLN B 211 38.97 19.41 30.49
N GLN B 212 37.84 19.62 29.82
CA GLN B 212 36.63 18.76 30.02
C GLN B 212 36.92 17.33 29.61
N LEU B 213 37.55 17.11 28.45
CA LEU B 213 37.83 15.75 27.95
C LEU B 213 38.77 15.05 28.94
N ASN B 214 39.80 15.76 29.38
CA ASN B 214 40.79 15.19 30.35
C ASN B 214 40.06 14.81 31.63
N LEU B 215 39.17 15.66 32.11
CA LEU B 215 38.43 15.42 33.38
C LEU B 215 37.58 14.16 33.24
N GLN B 216 36.84 14.02 32.14
CA GLN B 216 35.92 12.88 31.95
C GLN B 216 36.72 11.58 31.90
N PHE B 217 37.79 11.54 31.12
CA PHE B 217 38.64 10.33 30.98
C PHE B 217 39.40 10.07 32.30
N GLY B 218 39.81 11.10 33.02
CA GLY B 218 40.65 10.96 34.22
C GLY B 218 42.12 10.85 33.85
N THR B 219 42.44 11.10 32.57
CA THR B 219 43.84 11.10 32.07
C THR B 219 44.32 12.54 31.96
N ARG B 220 45.52 12.83 32.47
CA ARG B 220 46.06 14.22 32.50
C ARG B 220 46.22 14.74 31.06
N ASP B 221 46.70 13.91 30.14
CA ASP B 221 46.95 14.31 28.72
C ASP B 221 46.12 13.44 27.79
N LEU B 222 45.46 14.08 26.82
CA LEU B 222 44.69 13.35 25.77
C LEU B 222 45.66 12.59 24.88
N VAL B 223 46.96 12.80 25.06
CA VAL B 223 48.04 12.09 24.31
C VAL B 223 47.83 10.58 24.48
N GLY B 224 47.19 10.14 25.58
CA GLY B 224 46.87 8.73 25.82
C GLY B 224 46.01 8.10 24.73
N PHE B 225 45.32 8.89 23.91
CA PHE B 225 44.42 8.41 22.84
C PHE B 225 44.80 9.02 21.48
N GLY B 226 45.88 9.80 21.41
CA GLY B 226 46.36 10.49 20.20
C GLY B 226 45.31 11.39 19.55
N VAL B 227 44.76 12.35 20.28
CA VAL B 227 43.75 13.34 19.78
C VAL B 227 44.25 14.77 19.99
N GLU B 228 45.34 14.94 20.75
CA GLU B 228 45.90 16.27 21.15
C GLU B 228 46.17 17.13 19.92
N ASN B 229 46.64 16.51 18.84
CA ASN B 229 47.13 17.19 17.61
C ASN B 229 45.95 17.49 16.66
N ALA B 230 44.71 17.47 17.15
CA ALA B 230 43.51 17.76 16.34
C ALA B 230 42.49 18.55 17.17
N PRO B 231 42.73 19.85 17.45
CA PRO B 231 41.86 20.63 18.32
C PRO B 231 40.45 20.89 17.79
N ARG B 232 40.28 21.05 16.47
CA ARG B 232 38.97 21.40 15.83
C ARG B 232 37.92 20.37 16.25
N GLY B 233 38.25 19.09 16.14
CA GLY B 233 37.37 17.96 16.51
C GLY B 233 37.08 17.92 18.00
N LEU B 234 38.09 18.20 18.82
CA LEU B 234 38.00 18.14 20.30
C LEU B 234 36.93 19.13 20.77
N CYS B 235 36.84 20.29 20.10
CA CYS B 235 35.88 21.38 20.45
C CYS B 235 34.46 20.83 20.39
N ALA B 236 34.12 20.16 19.29
CA ALA B 236 32.80 19.54 19.07
C ALA B 236 32.58 18.47 20.14
N ALA B 237 33.61 17.68 20.44
CA ALA B 237 33.57 16.64 21.48
C ALA B 237 33.10 17.28 22.78
N GLY B 238 33.80 18.34 23.20
CA GLY B 238 33.51 19.06 24.46
C GLY B 238 32.04 19.41 24.58
N CYS B 239 31.50 20.08 23.54
CA CYS B 239 30.07 20.47 23.48
C CYS B 239 29.21 19.21 23.56
N LEU B 240 29.57 18.19 22.78
CA LEU B 240 28.84 16.89 22.74
C LEU B 240 28.86 16.29 24.14
N LEU B 241 30.05 16.21 24.74
CA LEU B 241 30.27 15.65 26.10
C LEU B 241 29.41 16.45 27.09
N GLN B 242 29.45 17.78 27.00
CA GLN B 242 28.63 18.69 27.84
C GLN B 242 27.15 18.49 27.48
N TYR B 243 26.83 18.38 26.20
CA TYR B 243 25.44 18.19 25.72
C TYR B 243 24.92 16.87 26.27
N ALA B 244 25.70 15.81 26.11
CA ALA B 244 25.39 14.46 26.64
C ALA B 244 25.21 14.55 28.16
N LYS B 245 26.18 15.19 28.82
CA LYS B 245 26.17 15.43 30.28
C LYS B 245 24.90 16.20 30.66
N ASP B 246 24.63 17.29 29.93
CA ASP B 246 23.45 18.18 30.13
C ASP B 246 22.18 17.37 29.90
N THR B 247 22.14 16.57 28.83
CA THR B 247 20.96 15.78 28.41
C THR B 247 20.69 14.63 29.39
N GLN B 248 21.70 14.14 30.11
CA GLN B 248 21.56 12.99 31.05
C GLN B 248 21.76 13.43 32.50
N ARG B 249 22.24 14.65 32.73
CA ARG B 249 22.35 15.33 34.07
C ARG B 249 23.22 14.51 35.04
N THR B 250 23.99 13.53 34.53
CA THR B 250 24.76 12.54 35.36
C THR B 250 26.12 12.27 34.72
N THR B 251 27.02 11.61 35.46
CA THR B 251 28.37 11.20 34.99
C THR B 251 28.23 10.08 33.95
N LEU B 252 29.20 9.97 33.04
CA LEU B 252 29.18 9.02 31.89
C LEU B 252 30.45 8.17 31.94
N PRO B 253 30.61 7.31 32.96
CA PRO B 253 31.86 6.54 33.13
C PRO B 253 32.10 5.43 32.09
N HIS B 254 31.05 5.01 31.39
CA HIS B 254 31.13 4.01 30.28
C HIS B 254 31.86 4.64 29.09
N ILE B 255 31.72 5.94 28.93
CA ILE B 255 32.44 6.70 27.87
C ILE B 255 33.85 6.86 28.42
N ARG B 256 34.65 5.80 28.33
CA ARG B 256 35.96 5.75 29.01
C ARG B 256 37.10 6.01 28.03
N SER B 257 36.80 6.29 26.76
CA SER B 257 37.88 6.42 25.76
C SER B 257 37.46 7.29 24.59
N ILE B 258 38.43 7.82 23.86
CA ILE B 258 38.19 8.61 22.62
C ILE B 258 39.10 8.06 21.53
N THR B 259 38.61 8.06 20.30
CA THR B 259 39.36 7.50 19.15
C THR B 259 39.22 8.44 17.96
N MET B 260 40.29 8.53 17.17
CA MET B 260 40.31 9.34 15.94
C MET B 260 40.12 8.40 14.76
N GLU B 261 38.99 8.52 14.06
CA GLU B 261 38.70 7.66 12.89
C GLU B 261 39.56 8.15 11.73
N ARG B 262 40.64 7.42 11.45
CA ARG B 262 41.61 7.78 10.37
C ARG B 262 41.06 7.27 9.04
N GLU B 263 41.06 8.16 8.04
CA GLU B 263 40.73 7.83 6.63
C GLU B 263 41.66 6.72 6.13
N GLN B 264 42.92 6.78 6.55
CA GLN B 264 44.00 5.83 6.21
C GLN B 264 43.69 4.42 6.73
N ASP B 265 42.98 4.29 7.86
CA ASP B 265 42.77 2.98 8.55
C ASP B 265 41.43 2.35 8.17
N SER B 266 40.73 2.84 7.14
CA SER B 266 39.40 2.31 6.74
C SER B 266 39.14 2.49 5.24
N ILE B 267 38.20 1.72 4.67
CA ILE B 267 37.78 1.90 3.25
C ILE B 267 36.76 3.05 3.23
N ILE B 268 37.08 4.12 2.53
CA ILE B 268 36.24 5.34 2.53
C ILE B 268 35.15 5.14 1.47
N MET B 269 33.95 4.73 1.86
CA MET B 269 32.82 4.62 0.90
C MET B 269 32.08 5.96 0.88
N ASP B 270 31.92 6.55 -0.30
CA ASP B 270 31.11 7.79 -0.45
C ASP B 270 29.67 7.47 -0.08
N ALA B 271 28.93 8.47 0.38
CA ALA B 271 27.53 8.30 0.80
C ALA B 271 26.74 7.60 -0.31
N ALA B 272 26.91 8.04 -1.55
CA ALA B 272 26.07 7.57 -2.67
C ALA B 272 26.32 6.09 -2.92
N THR B 273 27.59 5.66 -3.00
CA THR B 273 27.95 4.24 -3.20
C THR B 273 27.16 3.39 -2.23
N ARG B 274 27.07 3.83 -0.99
CA ARG B 274 26.44 3.08 0.11
C ARG B 274 24.99 2.77 -0.26
N ARG B 275 24.27 3.72 -0.86
CA ARG B 275 22.82 3.52 -1.10
C ARG B 275 22.61 2.52 -2.24
N ASN B 276 23.64 2.21 -3.02
CA ASN B 276 23.49 1.42 -4.27
C ASN B 276 23.81 -0.06 -4.02
N LEU B 277 24.81 -0.35 -3.19
CA LEU B 277 25.20 -1.75 -2.90
C LEU B 277 24.19 -2.39 -1.96
N GLU B 278 23.19 -1.61 -1.53
CA GLU B 278 22.07 -2.13 -0.72
C GLU B 278 22.66 -2.87 0.48
N ILE B 279 23.63 -2.25 1.16
CA ILE B 279 24.46 -2.90 2.21
C ILE B 279 23.53 -3.31 3.35
N THR B 280 22.84 -2.32 3.93
CA THR B 280 21.80 -2.52 4.98
C THR B 280 20.44 -2.03 4.49
N GLN B 281 20.41 -1.01 3.65
CA GLN B 281 19.16 -0.35 3.17
C GLN B 281 19.18 -0.31 1.63
N ASN B 282 18.11 -0.81 0.99
CA ASN B 282 17.94 -0.85 -0.48
C ASN B 282 17.63 0.55 -1.02
N LEU B 283 17.60 0.69 -2.35
CA LEU B 283 17.22 1.94 -3.06
C LEU B 283 15.82 2.35 -2.61
N ALA B 284 14.90 1.38 -2.50
CA ALA B 284 13.49 1.56 -2.10
C ALA B 284 13.38 1.96 -0.62
N GLY B 285 14.46 1.83 0.15
CA GLY B 285 14.51 2.26 1.56
C GLY B 285 14.16 1.12 2.51
N GLY B 286 13.80 -0.05 1.98
CA GLY B 286 13.45 -1.24 2.78
C GLY B 286 14.68 -1.99 3.27
N ALA B 287 14.49 -3.05 4.06
CA ALA B 287 15.56 -3.93 4.58
C ALA B 287 15.46 -5.32 3.93
N GLU B 288 14.95 -5.41 2.69
CA GLU B 288 14.80 -6.68 1.94
C GLU B 288 15.79 -6.69 0.77
N ASN B 289 16.22 -7.88 0.35
CA ASN B 289 17.19 -8.10 -0.77
C ASN B 289 18.51 -7.38 -0.46
N THR B 290 18.87 -7.26 0.82
CA THR B 290 20.10 -6.55 1.28
C THR B 290 21.23 -7.56 1.42
N LEU B 291 22.49 -7.09 1.40
CA LEU B 291 23.67 -7.93 1.71
C LEU B 291 23.50 -8.41 3.15
N ALA B 292 22.98 -7.54 4.00
CA ALA B 292 22.64 -7.84 5.41
C ALA B 292 21.68 -9.03 5.45
N SER B 293 20.57 -8.97 4.72
CA SER B 293 19.48 -9.98 4.77
C SER B 293 20.03 -11.39 4.50
N VAL B 294 21.04 -11.48 3.62
CA VAL B 294 21.67 -12.78 3.22
C VAL B 294 22.83 -13.13 4.16
N LEU B 295 23.62 -12.13 4.59
CA LEU B 295 24.78 -12.34 5.51
C LEU B 295 24.36 -12.32 6.99
N ASP B 296 23.08 -12.09 7.30
CA ASP B 296 22.64 -11.87 8.70
C ASP B 296 21.62 -12.95 9.09
N CYS B 297 22.12 -13.98 9.77
CA CYS B 297 21.30 -14.90 10.60
C CYS B 297 21.90 -14.90 12.01
N THR B 298 22.49 -13.76 12.40
CA THR B 298 23.18 -13.57 13.70
C THR B 298 22.17 -13.88 14.81
N VAL B 299 22.68 -14.50 15.86
CA VAL B 299 21.86 -15.10 16.95
C VAL B 299 21.53 -14.01 17.99
N THR B 300 22.25 -12.88 18.00
CA THR B 300 21.97 -11.71 18.88
C THR B 300 22.01 -10.42 18.06
N PRO B 301 21.06 -9.46 18.27
CA PRO B 301 21.04 -8.22 17.49
C PRO B 301 22.39 -7.47 17.50
N MET B 302 23.07 -7.48 18.64
CA MET B 302 24.43 -6.90 18.84
C MET B 302 25.33 -7.34 17.69
N GLY B 303 25.31 -8.63 17.37
CA GLY B 303 26.13 -9.25 16.32
C GLY B 303 25.78 -8.66 14.96
N SER B 304 24.49 -8.45 14.69
CA SER B 304 24.02 -7.85 13.43
C SER B 304 24.51 -6.40 13.33
N ARG B 305 24.43 -5.66 14.43
CA ARG B 305 24.89 -4.25 14.49
C ARG B 305 26.39 -4.20 14.24
N MET B 306 27.17 -5.06 14.88
CA MET B 306 28.65 -5.12 14.72
C MET B 306 28.93 -5.49 13.27
N LEU B 307 28.15 -6.42 12.71
CA LEU B 307 28.25 -6.82 11.28
C LEU B 307 28.00 -5.58 10.42
N LYS B 308 26.91 -4.86 10.69
CA LYS B 308 26.48 -3.66 9.94
C LYS B 308 27.55 -2.59 10.10
N ARG B 309 28.14 -2.45 11.29
CA ARG B 309 29.24 -1.48 11.55
C ARG B 309 30.44 -1.90 10.72
N TRP B 310 30.82 -3.18 10.79
CA TRP B 310 31.96 -3.78 10.06
C TRP B 310 31.78 -3.50 8.58
N LEU B 311 30.56 -3.70 8.10
CA LEU B 311 30.19 -3.44 6.68
C LEU B 311 30.38 -1.94 6.41
N HIS B 312 29.87 -1.09 7.31
CA HIS B 312 29.88 0.40 7.20
C HIS B 312 31.28 0.96 7.49
N MET B 313 32.17 0.21 8.16
CA MET B 313 33.60 0.58 8.40
C MET B 313 34.47 -0.63 8.07
N PRO B 314 34.76 -0.89 6.78
CA PRO B 314 35.66 -1.99 6.44
C PRO B 314 37.10 -1.64 6.84
N VAL B 315 37.76 -2.55 7.55
CA VAL B 315 39.11 -2.35 8.14
C VAL B 315 40.16 -2.65 7.06
N ARG B 316 41.35 -2.03 7.15
CA ARG B 316 42.40 -2.11 6.11
C ARG B 316 43.63 -2.91 6.56
N ASP B 317 43.89 -3.01 7.87
CA ASP B 317 45.10 -3.72 8.39
C ASP B 317 44.91 -5.23 8.19
N THR B 318 45.95 -5.90 7.68
CA THR B 318 45.97 -7.34 7.31
C THR B 318 45.89 -8.22 8.57
N ARG B 319 46.66 -7.89 9.60
CA ARG B 319 46.80 -8.69 10.84
C ARG B 319 45.40 -9.04 11.39
N VAL B 320 44.52 -8.03 11.46
CA VAL B 320 43.15 -8.15 12.02
C VAL B 320 42.33 -9.14 11.17
N LEU B 321 42.56 -9.15 9.85
CA LEU B 321 41.84 -10.03 8.89
C LEU B 321 42.35 -11.47 9.03
N LEU B 322 43.66 -11.65 9.02
CA LEU B 322 44.30 -13.00 9.13
C LEU B 322 43.89 -13.64 10.46
N GLU B 323 43.79 -12.82 11.51
CA GLU B 323 43.32 -13.25 12.85
C GLU B 323 41.90 -13.82 12.75
N ARG B 324 41.00 -13.08 12.10
CA ARG B 324 39.55 -13.41 12.01
C ARG B 324 39.33 -14.67 11.16
N GLN B 325 40.02 -14.80 10.03
CA GLN B 325 39.75 -15.92 9.10
C GLN B 325 40.12 -17.24 9.76
N GLN B 326 41.32 -17.31 10.33
CA GLN B 326 41.84 -18.53 11.00
C GLN B 326 40.83 -18.96 12.06
N THR B 327 40.31 -18.00 12.83
CA THR B 327 39.28 -18.19 13.88
C THR B 327 38.03 -18.83 13.26
N ILE B 328 37.49 -18.23 12.19
CA ILE B 328 36.23 -18.69 11.52
C ILE B 328 36.42 -20.11 11.01
N GLY B 329 37.59 -20.40 10.43
CA GLY B 329 37.93 -21.74 9.89
C GLY B 329 37.94 -22.78 10.98
N ALA B 330 38.51 -22.44 12.14
CA ALA B 330 38.59 -23.30 13.33
C ALA B 330 37.18 -23.51 13.92
N LEU B 331 36.34 -22.46 13.92
CA LEU B 331 34.95 -22.50 14.47
C LEU B 331 34.01 -23.33 13.58
N GLN B 332 34.30 -23.43 12.28
CA GLN B 332 33.40 -24.03 11.25
C GLN B 332 32.86 -25.40 11.72
N ASP B 333 33.72 -26.22 12.33
CA ASP B 333 33.39 -27.61 12.75
C ASP B 333 32.34 -27.59 13.89
N PHE B 334 32.48 -26.68 14.84
CA PHE B 334 31.68 -26.64 16.09
C PHE B 334 30.44 -25.75 15.91
N THR B 335 30.30 -25.07 14.77
CA THR B 335 29.22 -24.07 14.52
C THR B 335 27.87 -24.62 14.97
N ALA B 336 27.61 -25.90 14.69
CA ALA B 336 26.38 -26.61 15.08
C ALA B 336 26.13 -26.48 16.59
N GLY B 337 27.18 -26.66 17.39
CA GLY B 337 27.13 -26.59 18.87
C GLY B 337 27.22 -25.16 19.39
N LEU B 338 27.81 -24.25 18.61
CA LEU B 338 28.05 -22.84 19.03
C LEU B 338 26.78 -21.98 18.87
N GLN B 339 26.08 -22.08 17.74
CA GLN B 339 24.94 -21.18 17.40
C GLN B 339 23.88 -21.18 18.51
N PRO B 340 23.41 -22.33 19.05
CA PRO B 340 22.33 -22.31 20.06
C PRO B 340 22.69 -21.61 21.38
N VAL B 341 23.90 -21.85 21.89
CA VAL B 341 24.36 -21.34 23.21
C VAL B 341 24.50 -19.81 23.11
N LEU B 342 25.03 -19.32 21.99
CA LEU B 342 25.30 -17.87 21.77
C LEU B 342 23.99 -17.08 21.65
N ARG B 343 22.86 -17.76 21.39
CA ARG B 343 21.54 -17.11 21.19
C ARG B 343 20.99 -16.62 22.53
N GLN B 344 21.28 -17.37 23.59
CA GLN B 344 20.73 -17.09 24.94
C GLN B 344 21.56 -15.98 25.59
N VAL B 345 22.54 -15.40 24.89
CA VAL B 345 23.45 -14.35 25.42
C VAL B 345 22.67 -13.05 25.65
N GLY B 346 21.92 -12.57 24.65
CA GLY B 346 21.14 -11.30 24.71
C GLY B 346 21.97 -10.04 24.40
N ASP B 347 21.32 -8.87 24.39
CA ASP B 347 21.88 -7.58 23.91
C ASP B 347 22.82 -6.99 24.98
N LEU B 348 24.00 -7.59 25.21
CA LEU B 348 24.90 -7.19 26.32
C LEU B 348 25.34 -5.72 26.18
N GLU B 349 25.66 -5.26 24.96
CA GLU B 349 26.27 -3.92 24.73
C GLU B 349 25.34 -2.80 25.21
N ARG B 350 24.07 -2.84 24.78
CA ARG B 350 23.06 -1.81 25.13
C ARG B 350 22.64 -1.97 26.60
N ILE B 351 22.68 -3.19 27.11
CA ILE B 351 22.36 -3.52 28.52
C ILE B 351 23.41 -2.84 29.42
N LEU B 352 24.70 -3.00 29.12
CA LEU B 352 25.84 -2.47 29.91
C LEU B 352 25.79 -0.95 29.95
N ALA B 353 25.35 -0.33 28.86
CA ALA B 353 25.27 1.13 28.75
C ALA B 353 24.12 1.62 29.60
N ARG B 354 22.97 0.94 29.55
CA ARG B 354 21.81 1.29 30.39
C ARG B 354 22.23 1.14 31.86
N LEU B 355 22.98 0.09 32.17
CA LEU B 355 23.56 -0.18 33.52
C LEU B 355 24.45 1.00 33.92
N ALA B 356 25.29 1.45 32.98
CA ALA B 356 26.27 2.54 33.17
C ALA B 356 25.55 3.86 33.46
N LEU B 357 24.50 4.17 32.69
CA LEU B 357 23.68 5.41 32.85
C LEU B 357 22.80 5.29 34.09
N ARG B 358 22.79 4.13 34.76
CA ARG B 358 21.97 3.83 35.97
C ARG B 358 20.49 3.85 35.57
N THR B 359 20.20 3.48 34.30
CA THR B 359 18.84 3.43 33.71
C THR B 359 18.51 2.01 33.20
N ALA B 360 19.30 1.00 33.56
CA ALA B 360 19.05 -0.41 33.19
C ALA B 360 17.79 -0.91 33.89
N ARG B 361 17.05 -1.85 33.26
CA ARG B 361 15.79 -2.42 33.82
C ARG B 361 16.00 -3.92 34.05
N PRO B 362 15.37 -4.53 35.07
CA PRO B 362 15.70 -5.89 35.49
C PRO B 362 15.64 -6.97 34.40
N ARG B 363 14.78 -6.76 33.39
CA ARG B 363 14.66 -7.67 32.23
C ARG B 363 16.01 -7.74 31.51
N ASP B 364 16.78 -6.66 31.56
CA ASP B 364 18.15 -6.57 31.01
C ASP B 364 19.12 -7.34 31.92
N LEU B 365 18.90 -7.29 33.23
CA LEU B 365 19.77 -7.97 34.24
C LEU B 365 19.61 -9.48 34.15
N ALA B 366 18.42 -9.94 33.75
CA ALA B 366 18.12 -11.37 33.48
C ALA B 366 19.01 -11.86 32.33
N ARG B 367 19.09 -11.08 31.24
CA ARG B 367 19.89 -11.42 30.02
C ARG B 367 21.38 -11.41 30.38
N MET B 368 21.78 -10.55 31.33
CA MET B 368 23.18 -10.39 31.78
C MET B 368 23.63 -11.65 32.55
N ARG B 369 22.87 -12.05 33.57
CA ARG B 369 23.14 -13.26 34.40
C ARG B 369 23.05 -14.51 33.50
N HIS B 370 22.13 -14.49 32.54
CA HIS B 370 21.89 -15.61 31.60
C HIS B 370 23.13 -15.79 30.72
N ALA B 371 23.67 -14.69 30.19
CA ALA B 371 24.90 -14.65 29.38
C ALA B 371 26.08 -15.16 30.23
N PHE B 372 26.09 -14.81 31.52
CA PHE B 372 27.11 -15.25 32.50
C PHE B 372 27.05 -16.78 32.66
N GLN B 373 25.85 -17.36 32.63
CA GLN B 373 25.64 -18.83 32.72
C GLN B 373 26.13 -19.53 31.44
N GLN B 374 25.97 -18.90 30.28
CA GLN B 374 26.37 -19.48 28.97
C GLN B 374 27.89 -19.44 28.77
N LEU B 375 28.61 -18.56 29.49
CA LEU B 375 30.08 -18.36 29.28
C LEU B 375 30.87 -19.64 29.56
N PRO B 376 30.70 -20.33 30.72
CA PRO B 376 31.49 -21.52 31.00
C PRO B 376 31.42 -22.62 29.92
N GLU B 377 30.23 -22.92 29.42
CA GLU B 377 30.03 -23.94 28.34
C GLU B 377 30.73 -23.44 27.06
N LEU B 378 30.66 -22.14 26.78
CA LEU B 378 31.40 -21.52 25.64
C LEU B 378 32.89 -21.80 25.85
N ARG B 379 33.41 -21.44 27.04
CA ARG B 379 34.84 -21.62 27.41
C ARG B 379 35.22 -23.10 27.23
N ALA B 380 34.31 -24.02 27.56
CA ALA B 380 34.52 -25.48 27.41
C ALA B 380 34.69 -25.83 25.93
N GLN B 381 33.72 -25.44 25.10
CA GLN B 381 33.72 -25.75 23.63
C GLN B 381 34.91 -25.06 22.96
N LEU B 382 35.26 -23.86 23.41
CA LEU B 382 36.35 -23.01 22.84
C LEU B 382 37.74 -23.53 23.23
N GLU B 383 37.86 -24.22 24.38
CA GLU B 383 39.14 -24.75 24.93
C GLU B 383 39.72 -25.81 23.98
N THR B 384 38.87 -26.71 23.48
CA THR B 384 39.25 -27.82 22.57
C THR B 384 39.77 -27.24 21.24
N VAL B 385 39.22 -26.11 20.83
CA VAL B 385 39.61 -25.38 19.58
C VAL B 385 41.08 -24.96 19.72
N ASP B 386 41.91 -25.28 18.71
CA ASP B 386 43.36 -24.94 18.66
C ASP B 386 43.58 -23.85 17.60
N SER B 387 43.54 -22.59 18.04
CA SER B 387 43.92 -21.40 17.23
C SER B 387 44.13 -20.23 18.19
N ALA B 388 45.12 -19.37 17.91
CA ALA B 388 45.64 -18.36 18.87
C ALA B 388 44.57 -17.33 19.24
N PRO B 389 43.86 -16.68 18.28
CA PRO B 389 42.88 -15.66 18.64
C PRO B 389 41.66 -16.21 19.40
N VAL B 390 41.32 -17.48 19.20
CA VAL B 390 40.13 -18.15 19.82
C VAL B 390 40.34 -18.21 21.33
N GLN B 391 41.55 -18.58 21.77
CA GLN B 391 41.92 -18.65 23.21
C GLN B 391 42.01 -17.24 23.78
N ALA B 392 42.45 -16.27 22.98
CA ALA B 392 42.50 -14.84 23.34
C ALA B 392 41.08 -14.32 23.56
N LEU B 393 40.18 -14.64 22.64
CA LEU B 393 38.74 -14.28 22.75
C LEU B 393 38.16 -14.96 23.99
N ARG B 394 38.59 -16.19 24.28
CA ARG B 394 38.11 -16.99 25.44
C ARG B 394 38.50 -16.28 26.74
N GLU B 395 39.71 -15.72 26.82
CA GLU B 395 40.20 -14.97 27.99
C GLU B 395 39.40 -13.66 28.14
N LYS B 396 39.06 -13.02 27.03
CA LYS B 396 38.49 -11.64 27.02
C LYS B 396 37.06 -11.62 27.57
N MET B 397 36.31 -12.72 27.39
CA MET B 397 34.91 -12.84 27.91
C MET B 397 34.93 -12.92 29.44
N GLY B 398 36.01 -13.45 30.02
CA GLY B 398 36.22 -13.51 31.48
C GLY B 398 35.25 -14.47 32.15
N GLU B 399 35.21 -14.46 33.48
CA GLU B 399 34.37 -15.40 34.26
C GLU B 399 33.17 -14.66 34.86
N PHE B 400 33.44 -13.59 35.61
CA PHE B 400 32.38 -12.78 36.29
C PHE B 400 31.47 -13.71 37.08
N ALA B 401 32.00 -14.82 37.59
CA ALA B 401 31.23 -15.90 38.27
C ALA B 401 30.66 -15.40 39.61
N GLU B 402 31.43 -14.57 40.32
CA GLU B 402 31.05 -13.96 41.61
C GLU B 402 29.85 -13.03 41.40
N LEU B 403 29.86 -12.28 40.28
CA LEU B 403 28.77 -11.34 39.90
C LEU B 403 27.53 -12.15 39.53
N ARG B 404 27.71 -13.27 38.82
CA ARG B 404 26.59 -14.19 38.46
C ARG B 404 25.95 -14.68 39.75
N ASP B 405 26.77 -15.14 40.70
CA ASP B 405 26.30 -15.63 42.01
C ASP B 405 25.50 -14.52 42.69
N LEU B 406 26.05 -13.30 42.71
CA LEU B 406 25.39 -12.09 43.29
C LEU B 406 24.04 -11.87 42.61
N LEU B 407 24.01 -11.95 41.28
CA LEU B 407 22.78 -11.71 40.47
C LEU B 407 21.76 -12.82 40.75
N GLU B 408 22.19 -14.09 40.75
CA GLU B 408 21.31 -15.25 41.08
C GLU B 408 20.75 -15.08 42.49
N ARG B 409 21.55 -14.50 43.41
CA ARG B 409 21.13 -14.21 44.81
C ARG B 409 20.26 -12.96 44.86
N ALA B 410 20.46 -12.00 43.94
CA ALA B 410 19.84 -10.65 44.04
C ALA B 410 18.82 -10.37 42.91
N ILE B 411 18.43 -11.35 42.09
CA ILE B 411 17.37 -11.20 41.04
C ILE B 411 16.64 -12.53 40.88
N ILE B 412 15.32 -12.53 40.71
CA ILE B 412 14.54 -13.78 40.45
C ILE B 412 14.81 -14.24 39.01
N ASP B 413 14.40 -15.45 38.67
CA ASP B 413 14.70 -16.09 37.35
C ASP B 413 14.19 -15.19 36.21
N THR B 414 12.87 -14.95 36.14
CA THR B 414 12.20 -14.15 35.09
C THR B 414 11.64 -12.87 35.70
N PRO B 415 12.30 -11.70 35.52
CA PRO B 415 11.87 -10.45 36.17
C PRO B 415 10.81 -9.68 35.38
N PRO B 416 10.03 -8.79 36.04
CA PRO B 416 9.14 -7.87 35.33
C PRO B 416 9.90 -6.70 34.68
N VAL B 417 9.22 -5.91 33.86
CA VAL B 417 9.83 -4.77 33.10
C VAL B 417 10.05 -3.58 34.07
N LEU B 418 9.08 -3.25 34.93
CA LEU B 418 9.15 -2.07 35.83
C LEU B 418 9.64 -2.46 37.22
N VAL B 419 10.47 -1.60 37.83
CA VAL B 419 10.93 -1.70 39.25
C VAL B 419 9.86 -1.06 40.14
N ARG B 420 8.97 -0.26 39.53
CA ARG B 420 7.86 0.47 40.19
C ARG B 420 6.99 -0.50 41.01
N ASP B 421 6.85 -1.76 40.59
CA ASP B 421 5.97 -2.77 41.27
C ASP B 421 6.79 -3.86 41.96
N GLY B 422 8.11 -3.90 41.78
CA GLY B 422 9.01 -4.83 42.52
C GLY B 422 8.91 -6.27 42.03
N GLY B 423 9.14 -7.25 42.92
CA GLY B 423 9.17 -8.69 42.59
C GLY B 423 10.33 -9.00 41.66
N VAL B 424 11.43 -8.26 41.80
CA VAL B 424 12.65 -8.32 40.93
C VAL B 424 13.73 -9.13 41.65
N ILE B 425 14.16 -8.62 42.81
CA ILE B 425 15.27 -9.17 43.66
C ILE B 425 14.84 -10.53 44.19
N ALA B 426 15.73 -11.54 44.22
CA ALA B 426 15.42 -12.91 44.70
C ALA B 426 15.59 -12.98 46.23
N SER B 427 15.24 -14.12 46.83
CA SER B 427 14.97 -14.26 48.27
C SER B 427 16.13 -14.95 49.00
N GLY B 428 16.73 -14.24 49.98
CA GLY B 428 17.92 -14.69 50.73
C GLY B 428 19.05 -13.67 50.72
N TYR B 429 18.96 -12.61 49.92
CA TYR B 429 20.02 -11.58 49.75
C TYR B 429 19.93 -10.54 50.87
N ASN B 430 18.79 -9.86 50.96
CA ASN B 430 18.47 -8.90 52.05
C ASN B 430 17.40 -9.57 52.91
N GLU B 431 17.78 -10.03 54.11
CA GLU B 431 16.85 -10.62 55.11
C GLU B 431 15.73 -9.63 55.42
N GLU B 432 16.01 -8.33 55.39
CA GLU B 432 15.02 -7.25 55.64
C GLU B 432 14.00 -7.21 54.49
N LEU B 433 14.45 -7.40 53.25
CA LEU B 433 13.55 -7.46 52.06
C LEU B 433 12.48 -8.50 52.31
N ASP B 434 12.90 -9.74 52.62
CA ASP B 434 12.01 -10.92 52.81
C ASP B 434 11.14 -10.71 54.05
N GLU B 435 11.61 -9.95 55.04
CA GLU B 435 10.82 -9.56 56.24
C GLU B 435 9.63 -8.72 55.77
N TRP B 436 9.87 -7.73 54.90
CA TRP B 436 8.81 -6.85 54.34
C TRP B 436 7.95 -7.61 53.33
N ARG B 437 8.54 -8.60 52.64
CA ARG B 437 7.81 -9.43 51.64
C ARG B 437 6.92 -10.46 52.33
N ALA B 438 7.22 -10.83 53.58
CA ALA B 438 6.43 -11.79 54.39
C ALA B 438 5.01 -11.24 54.61
N LEU B 439 4.91 -9.94 54.88
CA LEU B 439 3.61 -9.23 55.04
C LEU B 439 2.85 -9.21 53.70
N ALA B 440 3.59 -9.08 52.59
CA ALA B 440 3.04 -9.04 51.21
C ALA B 440 2.45 -10.42 50.85
N ASP B 441 3.16 -11.50 51.21
CA ASP B 441 2.70 -12.90 50.92
C ASP B 441 1.61 -13.30 51.93
N GLY B 442 1.46 -12.54 53.03
CA GLY B 442 0.36 -12.70 54.00
C GLY B 442 -0.93 -12.07 53.48
N ALA B 443 -0.91 -11.48 52.27
CA ALA B 443 -2.11 -10.95 51.58
C ALA B 443 -3.01 -12.09 51.09
N THR B 444 -2.43 -13.21 50.68
CA THR B 444 -3.15 -14.35 50.03
C THR B 444 -4.17 -14.96 51.00
N ASP B 445 -3.79 -15.20 52.26
CA ASP B 445 -4.58 -16.03 53.21
C ASP B 445 -5.62 -15.18 53.95
N TYR B 446 -5.22 -14.08 54.58
CA TYR B 446 -6.08 -13.24 55.46
C TYR B 446 -7.33 -12.82 54.68
N LEU B 447 -7.16 -12.37 53.45
CA LEU B 447 -8.28 -11.81 52.63
C LEU B 447 -9.35 -12.88 52.42
N GLU B 448 -8.96 -14.08 51.98
CA GLU B 448 -9.89 -15.22 51.73
C GLU B 448 -10.36 -15.80 53.07
N ARG B 449 -9.47 -15.87 54.07
CA ARG B 449 -9.80 -16.37 55.43
C ARG B 449 -10.92 -15.50 56.02
N LEU B 450 -10.78 -14.18 55.94
CA LEU B 450 -11.83 -13.26 56.42
C LEU B 450 -13.04 -13.36 55.50
N GLU B 451 -12.82 -13.44 54.18
CA GLU B 451 -13.92 -13.49 53.17
C GLU B 451 -14.87 -14.63 53.55
N VAL B 452 -14.35 -15.72 54.13
CA VAL B 452 -15.15 -16.87 54.63
C VAL B 452 -15.62 -16.59 56.07
N ARG B 453 -14.80 -15.92 56.89
CA ARG B 453 -15.08 -15.65 58.33
C ARG B 453 -16.28 -14.71 58.46
N GLU B 454 -16.23 -13.56 57.79
CA GLU B 454 -17.32 -12.54 57.78
C GLU B 454 -18.54 -13.12 57.04
N ARG B 455 -18.31 -13.97 56.03
CA ARG B 455 -19.40 -14.69 55.31
C ARG B 455 -20.11 -15.66 56.25
N GLU B 456 -19.37 -16.29 57.16
CA GLU B 456 -19.93 -17.22 58.20
C GLU B 456 -20.64 -16.45 59.32
N ARG B 457 -20.16 -15.25 59.69
CA ARG B 457 -20.70 -14.45 60.83
C ARG B 457 -22.02 -13.76 60.44
N THR B 458 -21.98 -12.90 59.42
CA THR B 458 -23.14 -12.10 58.90
C THR B 458 -24.19 -13.02 58.28
N GLY B 459 -23.76 -14.13 57.67
CA GLY B 459 -24.62 -15.11 56.98
C GLY B 459 -24.98 -14.67 55.57
N LEU B 460 -24.11 -13.89 54.92
CA LEU B 460 -24.30 -13.30 53.56
C LEU B 460 -23.37 -14.02 52.57
N ASP B 461 -23.96 -14.77 51.62
CA ASP B 461 -23.24 -15.67 50.67
C ASP B 461 -22.64 -14.88 49.49
N THR B 462 -23.13 -13.65 49.23
CA THR B 462 -22.63 -12.73 48.17
C THR B 462 -21.55 -11.79 48.72
N LEU B 463 -21.02 -12.06 49.92
CA LEU B 463 -19.91 -11.27 50.54
C LEU B 463 -18.61 -11.60 49.81
N LYS B 464 -17.97 -10.59 49.21
CA LYS B 464 -16.67 -10.68 48.49
C LYS B 464 -15.72 -9.61 49.04
N VAL B 465 -14.50 -10.02 49.44
CA VAL B 465 -13.39 -9.10 49.84
C VAL B 465 -12.51 -8.89 48.61
N GLY B 466 -12.24 -7.62 48.27
CA GLY B 466 -11.40 -7.24 47.12
C GLY B 466 -10.65 -5.95 47.38
N PHE B 467 -9.74 -5.58 46.47
CA PHE B 467 -8.87 -4.38 46.59
C PHE B 467 -9.00 -3.50 45.34
N ASN B 468 -9.50 -2.28 45.51
CA ASN B 468 -9.53 -1.24 44.44
C ASN B 468 -8.37 -0.26 44.67
N ALA B 469 -7.64 0.10 43.62
CA ALA B 469 -6.41 0.92 43.70
C ALA B 469 -6.69 2.24 44.40
N VAL B 470 -7.85 2.85 44.16
CA VAL B 470 -8.19 4.21 44.68
C VAL B 470 -8.92 4.06 46.02
N HIS B 471 -9.75 3.02 46.18
CA HIS B 471 -10.62 2.86 47.37
C HIS B 471 -10.01 1.89 48.39
N GLY B 472 -8.81 1.38 48.14
CA GLY B 472 -8.12 0.44 49.04
C GLY B 472 -8.87 -0.88 49.17
N TYR B 473 -8.84 -1.50 50.34
CA TYR B 473 -9.45 -2.83 50.62
C TYR B 473 -10.88 -2.63 51.13
N TYR B 474 -11.85 -3.35 50.55
CA TYR B 474 -13.32 -3.17 50.81
C TYR B 474 -13.97 -4.52 51.12
N ILE B 475 -15.28 -4.51 51.41
CA ILE B 475 -16.12 -5.74 51.41
C ILE B 475 -17.33 -5.45 50.53
N GLN B 476 -17.54 -6.25 49.48
CA GLN B 476 -18.57 -6.03 48.45
C GLN B 476 -19.79 -6.89 48.79
N ILE B 477 -20.85 -6.26 49.28
CA ILE B 477 -22.16 -6.91 49.55
C ILE B 477 -23.09 -6.48 48.42
N SER B 478 -23.62 -7.43 47.65
CA SER B 478 -24.55 -7.20 46.50
C SER B 478 -25.75 -6.35 46.95
N ARG B 479 -26.38 -5.64 46.01
CA ARG B 479 -27.52 -4.72 46.29
C ARG B 479 -28.70 -5.52 46.89
N GLY B 480 -28.82 -6.81 46.53
CA GLY B 480 -29.83 -7.74 47.09
C GLY B 480 -29.64 -8.05 48.56
N GLN B 481 -28.44 -7.79 49.11
CA GLN B 481 -28.07 -8.09 50.52
C GLN B 481 -27.41 -6.89 51.22
N SER B 482 -27.36 -5.71 50.60
CA SER B 482 -26.62 -4.52 51.10
C SER B 482 -27.40 -3.80 52.21
N HIS B 483 -28.58 -4.30 52.59
CA HIS B 483 -29.42 -3.80 53.72
C HIS B 483 -29.30 -4.72 54.95
N LEU B 484 -28.75 -5.93 54.80
CA LEU B 484 -28.48 -6.90 55.91
C LEU B 484 -27.04 -6.75 56.44
N ALA B 485 -26.23 -5.88 55.80
CA ALA B 485 -24.86 -5.53 56.23
C ALA B 485 -24.89 -4.99 57.67
N PRO B 486 -24.07 -5.53 58.61
CA PRO B 486 -24.00 -4.99 59.97
C PRO B 486 -23.65 -3.50 60.02
N ILE B 487 -23.91 -2.85 61.15
CA ILE B 487 -23.64 -1.40 61.38
C ILE B 487 -22.13 -1.15 61.39
N ASN B 488 -21.35 -2.17 61.82
CA ASN B 488 -19.86 -2.20 61.85
C ASN B 488 -19.29 -1.87 60.45
N TYR B 489 -19.88 -2.44 59.40
CA TYR B 489 -19.48 -2.31 57.96
C TYR B 489 -19.67 -0.85 57.52
N MET B 490 -18.58 -0.08 57.41
CA MET B 490 -18.67 1.37 57.04
C MET B 490 -18.74 1.46 55.51
N ARG B 491 -19.74 2.16 54.96
CA ARG B 491 -19.88 2.32 53.48
C ARG B 491 -18.64 3.07 52.96
N ARG B 492 -18.08 2.58 51.87
CA ARG B 492 -16.83 3.13 51.29
C ARG B 492 -17.13 3.61 49.88
N GLN B 493 -17.70 2.74 49.05
CA GLN B 493 -18.00 3.04 47.62
C GLN B 493 -19.44 2.58 47.35
N THR B 494 -20.19 3.42 46.63
CA THR B 494 -21.55 3.12 46.14
C THR B 494 -21.38 2.52 44.74
N LEU B 495 -21.30 1.20 44.68
CA LEU B 495 -21.15 0.46 43.41
C LEU B 495 -22.49 0.55 42.65
N LYS B 496 -22.46 0.23 41.37
CA LYS B 496 -23.65 0.26 40.48
C LYS B 496 -24.59 -0.89 40.86
N ASN B 497 -24.07 -2.09 41.15
CA ASN B 497 -24.90 -3.30 41.39
C ASN B 497 -24.64 -3.90 42.80
N ALA B 498 -23.88 -3.20 43.63
CA ALA B 498 -23.49 -3.67 44.98
C ALA B 498 -23.17 -2.47 45.88
N GLU B 499 -22.62 -2.73 47.07
CA GLU B 499 -22.15 -1.69 48.01
C GLU B 499 -20.85 -2.12 48.69
N ARG B 500 -19.89 -1.21 48.83
CA ARG B 500 -18.54 -1.56 49.35
C ARG B 500 -18.38 -0.96 50.75
N TYR B 501 -17.89 -1.77 51.70
CA TYR B 501 -17.81 -1.42 53.14
C TYR B 501 -16.38 -1.59 53.66
N ILE B 502 -16.03 -0.88 54.74
CA ILE B 502 -14.70 -0.96 55.41
C ILE B 502 -14.93 -1.12 56.91
N ILE B 503 -14.05 -1.84 57.59
CA ILE B 503 -14.02 -1.92 59.10
C ILE B 503 -12.59 -1.60 59.54
N PRO B 504 -12.38 -1.18 60.82
CA PRO B 504 -11.05 -0.76 61.28
C PRO B 504 -10.00 -1.88 61.22
N GLU B 505 -10.44 -3.14 61.36
CA GLU B 505 -9.58 -4.36 61.26
C GLU B 505 -8.97 -4.44 59.85
N LEU B 506 -9.82 -4.38 58.82
CA LEU B 506 -9.39 -4.36 57.39
C LEU B 506 -8.53 -3.14 57.13
N LYS B 507 -8.97 -1.97 57.61
CA LYS B 507 -8.27 -0.67 57.43
C LYS B 507 -6.87 -0.78 58.06
N GLU B 508 -6.77 -1.39 59.25
CA GLU B 508 -5.50 -1.63 59.97
C GLU B 508 -4.60 -2.53 59.13
N TYR B 509 -5.17 -3.61 58.57
CA TYR B 509 -4.44 -4.54 57.66
C TYR B 509 -4.02 -3.78 56.40
N GLU B 510 -4.93 -2.98 55.83
CA GLU B 510 -4.72 -2.21 54.58
C GLU B 510 -3.64 -1.15 54.83
N ASP B 511 -3.59 -0.58 56.03
CA ASP B 511 -2.53 0.41 56.40
C ASP B 511 -1.18 -0.31 56.45
N LYS B 512 -1.08 -1.41 57.20
CA LYS B 512 0.20 -2.11 57.47
C LYS B 512 0.73 -2.72 56.17
N VAL B 513 -0.14 -3.22 55.28
CA VAL B 513 0.26 -3.90 54.03
C VAL B 513 0.83 -2.89 53.03
N LEU B 514 0.18 -1.73 52.85
CA LEU B 514 0.61 -0.70 51.87
C LEU B 514 1.89 -0.03 52.35
N THR B 515 2.03 0.17 53.67
CA THR B 515 3.27 0.74 54.29
C THR B 515 4.41 -0.25 54.09
N SER B 516 4.18 -1.53 54.41
CA SER B 516 5.18 -2.62 54.25
C SER B 516 5.51 -2.80 52.77
N LYS B 517 4.54 -2.59 51.88
CA LYS B 517 4.76 -2.57 50.41
C LYS B 517 5.76 -1.48 50.09
N GLY B 518 5.42 -0.24 50.43
CA GLY B 518 6.25 0.96 50.18
C GLY B 518 7.61 0.81 50.83
N LYS B 519 7.67 0.15 52.00
CA LYS B 519 8.94 -0.16 52.69
C LYS B 519 9.71 -1.18 51.85
N ALA B 520 9.03 -2.24 51.40
CA ALA B 520 9.63 -3.31 50.58
C ALA B 520 10.15 -2.70 49.27
N LEU B 521 9.33 -1.86 48.63
CA LEU B 521 9.57 -1.30 47.27
C LEU B 521 10.75 -0.35 47.33
N ALA B 522 10.75 0.58 48.29
CA ALA B 522 11.81 1.58 48.47
C ALA B 522 13.13 0.85 48.73
N LEU B 523 13.09 -0.24 49.53
CA LEU B 523 14.27 -1.09 49.81
C LEU B 523 14.74 -1.73 48.50
N GLU B 524 13.79 -2.24 47.71
CA GLU B 524 14.05 -2.90 46.40
C GLU B 524 14.78 -1.91 45.50
N LYS B 525 14.31 -0.66 45.44
CA LYS B 525 14.90 0.42 44.62
C LYS B 525 16.31 0.74 45.15
N GLN B 526 16.45 0.88 46.47
CA GLN B 526 17.72 1.25 47.16
C GLN B 526 18.77 0.17 46.90
N LEU B 527 18.36 -1.11 46.87
CA LEU B 527 19.25 -2.26 46.56
C LEU B 527 19.53 -2.31 45.06
N TYR B 528 18.52 -2.00 44.26
CA TYR B 528 18.61 -1.97 42.79
C TYR B 528 19.68 -0.94 42.40
N GLU B 529 19.84 0.14 43.17
CA GLU B 529 20.96 1.11 43.03
C GLU B 529 22.27 0.40 43.36
N GLU B 530 22.29 -0.35 44.48
CA GLU B 530 23.49 -1.03 45.01
C GLU B 530 24.02 -2.04 43.98
N LEU B 531 23.13 -2.64 43.20
CA LEU B 531 23.50 -3.58 42.11
C LEU B 531 24.44 -2.87 41.13
N PHE B 532 24.09 -1.64 40.72
CA PHE B 532 24.95 -0.80 39.84
C PHE B 532 26.28 -0.55 40.54
N ASP B 533 26.24 -0.20 41.83
CA ASP B 533 27.44 0.09 42.66
C ASP B 533 28.35 -1.13 42.78
N LEU B 534 27.78 -2.34 42.85
CA LEU B 534 28.55 -3.61 42.94
C LEU B 534 29.23 -3.92 41.59
N LEU B 535 28.57 -3.62 40.46
CA LEU B 535 29.03 -4.06 39.11
C LEU B 535 29.86 -2.96 38.43
N LEU B 536 29.79 -1.71 38.91
CA LEU B 536 30.42 -0.54 38.25
C LEU B 536 31.94 -0.70 38.16
N PRO B 537 32.65 -1.16 39.22
CA PRO B 537 34.09 -1.40 39.13
C PRO B 537 34.55 -2.22 37.91
N HIS B 538 33.83 -3.29 37.57
CA HIS B 538 34.21 -4.29 36.52
C HIS B 538 33.60 -3.89 35.18
N LEU B 539 32.93 -2.74 35.12
CA LEU B 539 32.18 -2.28 33.92
C LEU B 539 33.13 -2.26 32.72
N GLU B 540 34.38 -1.83 32.92
CA GLU B 540 35.43 -1.83 31.87
C GLU B 540 35.60 -3.25 31.31
N ALA B 541 35.69 -4.26 32.18
CA ALA B 541 35.88 -5.67 31.78
C ALA B 541 34.61 -6.21 31.11
N LEU B 542 33.43 -5.81 31.61
CA LEU B 542 32.12 -6.22 31.03
C LEU B 542 32.01 -5.65 29.62
N GLN B 543 32.44 -4.40 29.44
CA GLN B 543 32.44 -3.71 28.12
C GLN B 543 33.44 -4.41 27.19
N GLN B 544 34.53 -4.96 27.73
CA GLN B 544 35.49 -5.78 26.94
C GLN B 544 34.85 -7.14 26.62
N SER B 545 34.04 -7.69 27.55
CA SER B 545 33.33 -8.99 27.35
C SER B 545 32.36 -8.89 26.18
N ALA B 546 31.50 -7.87 26.15
CA ALA B 546 30.51 -7.64 25.07
C ALA B 546 31.22 -7.39 23.75
N SER B 547 32.39 -6.73 23.79
CA SER B 547 33.22 -6.40 22.60
C SER B 547 33.81 -7.67 21.98
N ALA B 548 33.79 -8.80 22.70
CA ALA B 548 34.27 -10.12 22.24
C ALA B 548 33.11 -11.05 21.90
N LEU B 549 32.01 -11.00 22.66
CA LEU B 549 30.87 -11.95 22.51
C LEU B 549 30.21 -11.78 21.14
N ALA B 550 29.79 -10.56 20.82
CA ALA B 550 29.18 -10.23 19.52
C ALA B 550 30.27 -10.32 18.45
N GLU B 551 31.53 -10.07 18.82
CA GLU B 551 32.71 -10.23 17.93
C GLU B 551 32.93 -11.73 17.66
N LEU B 552 32.32 -12.61 18.46
CA LEU B 552 32.31 -14.09 18.25
C LEU B 552 31.08 -14.48 17.44
N ASP B 553 29.92 -13.88 17.75
CA ASP B 553 28.62 -14.14 17.05
C ASP B 553 28.84 -13.97 15.55
N VAL B 554 29.48 -12.88 15.16
CA VAL B 554 29.87 -12.58 13.75
C VAL B 554 30.72 -13.74 13.21
N LEU B 555 31.73 -14.18 13.95
CA LEU B 555 32.70 -15.19 13.46
C LEU B 555 32.06 -16.58 13.33
N VAL B 556 30.97 -16.84 14.06
CA VAL B 556 30.21 -18.12 13.97
C VAL B 556 29.15 -18.00 12.87
N ASN B 557 28.47 -16.86 12.78
CA ASN B 557 27.42 -16.64 11.76
C ASN B 557 28.08 -16.77 10.39
N LEU B 558 29.24 -16.14 10.19
CA LEU B 558 29.99 -16.20 8.91
C LEU B 558 30.40 -17.65 8.63
N ALA B 559 30.78 -18.42 9.66
CA ALA B 559 31.20 -19.82 9.46
C ALA B 559 29.99 -20.68 9.05
N GLU B 560 28.84 -20.45 9.67
CA GLU B 560 27.61 -21.19 9.32
C GLU B 560 27.32 -20.90 7.85
N ARG B 561 27.15 -19.61 7.53
CA ARG B 561 26.73 -19.19 6.18
C ARG B 561 27.81 -19.61 5.22
N ALA B 562 29.03 -19.77 5.71
CA ALA B 562 30.07 -20.29 4.80
C ALA B 562 29.80 -21.76 4.52
N TYR B 563 29.62 -22.58 5.55
CA TYR B 563 29.47 -24.04 5.33
C TYR B 563 28.26 -24.23 4.42
N THR B 564 27.16 -23.53 4.73
CA THR B 564 25.88 -23.69 3.98
C THR B 564 26.07 -23.27 2.51
N LEU B 565 26.52 -22.04 2.26
CA LEU B 565 26.58 -21.49 0.88
C LEU B 565 27.96 -21.72 0.25
N ASN B 566 28.78 -22.55 0.89
CA ASN B 566 30.09 -22.94 0.33
C ASN B 566 31.01 -21.72 0.16
N TYR B 567 31.06 -20.81 1.12
CA TYR B 567 32.02 -19.69 1.05
C TYR B 567 33.42 -20.24 1.32
N THR B 568 34.44 -19.67 0.68
CA THR B 568 35.86 -20.10 0.82
C THR B 568 36.75 -18.91 1.20
N CYS B 569 37.70 -19.08 2.11
CA CYS B 569 38.55 -17.97 2.62
C CYS B 569 39.37 -17.35 1.49
N PRO B 570 39.42 -15.99 1.38
CA PRO B 570 40.27 -15.33 0.39
C PRO B 570 41.60 -14.78 0.89
N THR B 571 42.70 -15.14 0.24
CA THR B 571 44.07 -14.69 0.63
C THR B 571 44.25 -13.20 0.28
N PHE B 572 44.95 -12.44 1.12
CA PHE B 572 45.27 -11.02 0.85
C PHE B 572 46.62 -10.95 0.15
N ILE B 573 46.71 -10.15 -0.91
CA ILE B 573 48.00 -9.92 -1.61
C ILE B 573 48.39 -8.46 -1.41
N ASP B 574 49.61 -8.08 -1.74
CA ASP B 574 50.10 -6.71 -1.42
C ASP B 574 49.69 -5.73 -2.51
N LYS B 575 49.64 -6.14 -3.78
CA LYS B 575 49.28 -5.23 -4.90
C LYS B 575 47.75 -5.12 -4.98
N PRO B 576 47.17 -3.91 -5.16
CA PRO B 576 45.73 -3.76 -5.38
C PRO B 576 45.34 -4.55 -6.63
N GLY B 577 44.40 -5.50 -6.49
CA GLY B 577 43.94 -6.35 -7.60
C GLY B 577 43.11 -7.51 -7.11
N ILE B 578 41.96 -7.78 -7.72
CA ILE B 578 40.95 -8.78 -7.24
C ILE B 578 40.84 -9.92 -8.25
N ARG B 579 41.26 -11.14 -7.91
CA ARG B 579 41.06 -12.30 -8.83
C ARG B 579 40.01 -13.23 -8.21
N ILE B 580 38.96 -13.55 -8.97
CA ILE B 580 37.78 -14.34 -8.49
C ILE B 580 37.64 -15.58 -9.37
N THR B 581 37.36 -16.75 -8.80
CA THR B 581 37.09 -17.99 -9.56
C THR B 581 35.70 -18.50 -9.17
N GLU B 582 34.87 -18.87 -10.15
CA GLU B 582 33.49 -19.38 -9.94
C GLU B 582 32.70 -18.38 -9.08
N GLY B 583 32.74 -17.10 -9.44
CA GLY B 583 32.07 -16.03 -8.67
C GLY B 583 30.54 -16.11 -8.70
N ARG B 584 29.93 -16.13 -7.50
CA ARG B 584 28.45 -16.21 -7.30
C ARG B 584 27.93 -15.00 -6.50
N HIS B 585 27.28 -14.02 -7.14
CA HIS B 585 26.63 -12.88 -6.45
C HIS B 585 25.80 -13.42 -5.30
N PRO B 586 25.96 -12.90 -4.05
CA PRO B 586 25.27 -13.48 -2.90
C PRO B 586 23.75 -13.33 -2.87
N VAL B 587 23.23 -12.12 -3.01
CA VAL B 587 21.76 -11.94 -2.83
C VAL B 587 20.94 -12.70 -3.90
N VAL B 588 21.25 -12.56 -5.19
CA VAL B 588 20.39 -13.19 -6.24
C VAL B 588 20.42 -14.69 -6.09
N GLU B 589 21.57 -15.25 -5.75
CA GLU B 589 21.57 -16.72 -5.71
C GLU B 589 20.85 -17.11 -4.42
N GLN B 590 20.31 -16.15 -3.69
CA GLN B 590 19.51 -16.50 -2.48
C GLN B 590 18.04 -16.06 -2.61
N VAL B 591 17.70 -15.46 -3.76
CA VAL B 591 16.29 -14.99 -3.94
C VAL B 591 15.88 -15.44 -5.35
N LEU B 592 16.63 -16.33 -6.03
CA LEU B 592 16.34 -16.73 -7.45
C LEU B 592 16.04 -18.23 -7.49
N ASN B 593 14.89 -18.63 -8.06
CA ASN B 593 14.52 -20.07 -8.12
C ASN B 593 15.48 -20.78 -9.07
N GLU B 594 15.63 -20.25 -10.28
CA GLU B 594 16.45 -20.98 -11.29
C GLU B 594 17.92 -20.85 -10.92
N PRO B 595 18.80 -21.80 -11.31
CA PRO B 595 20.19 -21.73 -10.86
C PRO B 595 20.95 -20.45 -11.22
N PHE B 596 21.57 -19.83 -10.22
CA PHE B 596 22.44 -18.69 -10.55
C PHE B 596 23.63 -19.32 -11.24
N ILE B 597 23.96 -19.01 -12.48
CA ILE B 597 25.24 -19.46 -13.08
C ILE B 597 26.38 -18.60 -12.51
N ALA B 598 27.48 -19.20 -12.00
CA ALA B 598 28.64 -18.45 -11.46
C ALA B 598 29.62 -18.11 -12.55
N ASN B 599 30.51 -17.16 -12.31
CA ASN B 599 31.40 -16.62 -13.37
C ASN B 599 32.69 -16.06 -12.77
N PRO B 600 33.88 -16.41 -13.32
CA PRO B 600 35.15 -15.84 -12.84
C PRO B 600 35.40 -14.39 -13.29
N LEU B 601 36.17 -13.64 -12.51
CA LEU B 601 36.56 -12.24 -12.84
C LEU B 601 38.04 -12.06 -12.50
N ASN B 602 38.77 -11.22 -13.22
CA ASN B 602 40.18 -10.90 -12.87
C ASN B 602 40.37 -9.38 -12.90
N LEU B 603 40.88 -8.79 -11.82
CA LEU B 603 41.27 -7.35 -11.76
C LEU B 603 42.73 -7.29 -11.31
N SER B 604 43.58 -6.48 -11.94
CA SER B 604 45.03 -6.47 -11.61
C SER B 604 45.62 -5.08 -11.87
N PRO B 605 46.92 -4.81 -11.63
CA PRO B 605 47.50 -3.54 -12.05
C PRO B 605 47.14 -3.41 -13.52
N GLN B 606 47.08 -4.55 -14.21
CA GLN B 606 46.81 -4.53 -15.67
C GLN B 606 45.33 -4.77 -15.98
N ARG B 607 44.61 -5.66 -15.28
CA ARG B 607 43.21 -5.94 -15.68
C ARG B 607 42.27 -5.01 -14.91
N ARG B 608 42.68 -3.75 -14.71
CA ARG B 608 41.94 -2.79 -13.84
C ARG B 608 40.55 -2.47 -14.41
N MET B 609 40.40 -2.32 -15.73
CA MET B 609 39.11 -1.86 -16.31
C MET B 609 38.40 -2.99 -17.07
N LEU B 610 37.13 -3.19 -16.77
CA LEU B 610 36.29 -4.12 -17.56
C LEU B 610 35.04 -3.40 -18.06
N ILE B 611 34.88 -3.28 -19.37
CA ILE B 611 33.62 -2.75 -19.97
C ILE B 611 32.61 -3.89 -20.00
N ILE B 612 31.45 -3.72 -19.38
CA ILE B 612 30.38 -4.76 -19.42
C ILE B 612 29.31 -4.29 -20.41
N THR B 613 29.05 -5.08 -21.46
CA THR B 613 27.99 -4.88 -22.48
C THR B 613 27.09 -6.10 -22.56
N GLY B 614 26.11 -6.07 -23.45
CA GLY B 614 25.26 -7.23 -23.64
C GLY B 614 23.82 -6.91 -23.36
N PRO B 615 22.92 -7.88 -23.51
CA PRO B 615 21.53 -7.62 -23.36
C PRO B 615 20.96 -7.14 -22.03
N ASN B 616 19.83 -6.47 -22.13
CA ASN B 616 19.13 -5.94 -20.94
C ASN B 616 18.50 -7.18 -20.36
N MET B 617 18.26 -7.17 -19.06
CA MET B 617 17.71 -8.36 -18.37
C MET B 617 18.71 -9.48 -18.59
N GLY B 618 19.97 -9.10 -18.76
CA GLY B 618 21.03 -10.09 -18.95
C GLY B 618 22.00 -9.98 -17.81
N GLY B 619 21.59 -9.33 -16.72
CA GLY B 619 22.50 -9.11 -15.60
C GLY B 619 23.74 -8.31 -15.97
N LYS B 620 23.64 -7.34 -16.88
CA LYS B 620 24.78 -6.44 -17.14
C LYS B 620 25.18 -5.87 -15.80
N SER B 621 24.18 -5.52 -14.98
CA SER B 621 24.40 -4.96 -13.62
C SER B 621 24.74 -5.94 -12.49
N THR B 622 24.11 -7.11 -12.39
CA THR B 622 24.27 -7.97 -11.18
C THR B 622 25.70 -8.52 -11.11
N TYR B 623 26.36 -8.80 -12.22
CA TYR B 623 27.75 -9.36 -12.26
C TYR B 623 28.72 -8.36 -11.65
N MET B 624 28.56 -7.07 -11.93
CA MET B 624 29.41 -6.01 -11.30
C MET B 624 29.12 -5.92 -9.79
N ARG B 625 27.88 -6.02 -9.35
CA ARG B 625 27.54 -5.91 -7.91
C ARG B 625 28.21 -7.08 -7.17
N GLN B 626 28.37 -8.23 -7.77
CA GLN B 626 29.02 -9.46 -7.21
C GLN B 626 30.47 -9.13 -6.82
N THR B 627 31.22 -8.46 -7.68
CA THR B 627 32.64 -8.19 -7.42
C THR B 627 32.78 -7.22 -6.26
N ALA B 628 32.05 -6.10 -6.30
CA ALA B 628 32.10 -5.05 -5.26
C ALA B 628 31.80 -5.67 -3.91
N LEU B 629 30.74 -6.48 -3.83
CA LEU B 629 30.29 -7.09 -2.55
C LEU B 629 31.33 -8.11 -2.09
N ILE B 630 31.97 -8.86 -3.01
CA ILE B 630 33.11 -9.75 -2.65
C ILE B 630 34.23 -8.85 -2.10
N ALA B 631 34.60 -7.80 -2.83
CA ALA B 631 35.70 -6.90 -2.45
C ALA B 631 35.43 -6.31 -1.06
N LEU B 632 34.16 -5.97 -0.78
CA LEU B 632 33.74 -5.46 0.55
C LEU B 632 33.90 -6.59 1.56
N MET B 633 33.39 -7.78 1.26
CA MET B 633 33.30 -8.92 2.22
C MET B 633 34.71 -9.48 2.52
N ALA B 634 35.67 -9.27 1.61
CA ALA B 634 37.10 -9.59 1.81
C ALA B 634 37.66 -8.72 2.95
N TYR B 635 37.27 -7.44 2.97
CA TYR B 635 37.81 -6.43 3.91
C TYR B 635 36.91 -6.28 5.14
N ILE B 636 35.89 -7.13 5.28
CA ILE B 636 35.23 -7.29 6.61
C ILE B 636 35.87 -8.51 7.29
N GLY B 637 36.60 -9.32 6.52
CA GLY B 637 37.42 -10.44 7.02
C GLY B 637 36.73 -11.79 6.89
N SER B 638 35.56 -11.84 6.27
CA SER B 638 34.71 -13.06 6.14
C SER B 638 35.14 -13.91 4.94
N TYR B 639 34.48 -15.04 4.72
CA TYR B 639 34.70 -15.90 3.54
C TYR B 639 33.86 -15.32 2.38
N VAL B 640 34.02 -15.84 1.17
CA VAL B 640 33.38 -15.26 -0.04
C VAL B 640 32.66 -16.35 -0.83
N PRO B 641 31.51 -16.04 -1.49
CA PRO B 641 30.73 -17.06 -2.19
C PRO B 641 31.40 -17.42 -3.51
N ALA B 642 32.68 -17.77 -3.45
CA ALA B 642 33.46 -18.15 -4.63
C ALA B 642 34.39 -19.27 -4.20
N GLN B 643 34.86 -20.06 -5.15
CA GLN B 643 35.84 -21.14 -4.86
C GLN B 643 37.07 -20.51 -4.22
N LYS B 644 37.49 -19.35 -4.69
CA LYS B 644 38.75 -18.74 -4.21
C LYS B 644 38.80 -17.27 -4.61
N VAL B 645 39.11 -16.38 -3.66
CA VAL B 645 39.26 -14.92 -3.96
C VAL B 645 40.60 -14.40 -3.46
N GLU B 646 41.26 -13.60 -4.28
CA GLU B 646 42.59 -13.01 -3.98
C GLU B 646 42.37 -11.51 -3.99
N ILE B 647 42.59 -10.78 -2.89
CA ILE B 647 42.20 -9.34 -2.83
C ILE B 647 43.46 -8.47 -2.65
N GLY B 648 43.51 -7.32 -3.33
CA GLY B 648 44.59 -6.32 -3.15
C GLY B 648 44.06 -5.14 -2.33
N PRO B 649 44.91 -4.38 -1.58
CA PRO B 649 44.39 -3.34 -0.68
C PRO B 649 43.60 -2.24 -1.39
N ILE B 650 42.53 -1.77 -0.76
CA ILE B 650 41.58 -0.81 -1.40
C ILE B 650 41.30 0.36 -0.45
N ASP B 651 41.40 1.62 -0.90
CA ASP B 651 41.21 2.80 -0.02
C ASP B 651 39.75 3.27 -0.11
N ARG B 652 39.16 3.27 -1.31
CA ARG B 652 37.79 3.82 -1.52
C ARG B 652 37.03 2.97 -2.52
N ILE B 653 35.73 2.75 -2.27
CA ILE B 653 34.77 2.09 -3.21
C ILE B 653 33.77 3.14 -3.71
N PHE B 654 34.01 3.62 -4.92
CA PHE B 654 33.11 4.60 -5.56
C PHE B 654 32.14 3.75 -6.33
N THR B 655 30.86 4.10 -6.33
CA THR B 655 29.82 3.33 -7.03
C THR B 655 28.74 4.35 -7.33
N ARG B 656 28.43 4.56 -8.61
CA ARG B 656 27.26 5.35 -9.05
C ARG B 656 26.37 4.28 -9.67
N VAL B 657 25.07 4.18 -9.35
CA VAL B 657 24.19 3.21 -10.04
C VAL B 657 23.03 4.09 -10.50
N GLY B 658 22.66 4.02 -11.78
CA GLY B 658 21.58 4.85 -12.34
C GLY B 658 21.13 4.34 -13.69
N PHE B 670 21.89 14.28 -16.63
CA PHE B 670 20.96 14.57 -15.51
C PHE B 670 21.74 15.11 -14.31
N MET B 671 21.07 15.91 -13.46
CA MET B 671 21.64 16.68 -12.31
C MET B 671 22.31 15.75 -11.28
N VAL B 672 21.62 14.70 -10.85
CA VAL B 672 22.07 13.84 -9.72
C VAL B 672 23.25 12.97 -10.20
N GLU B 673 23.29 12.61 -11.48
CA GLU B 673 24.33 11.68 -11.99
C GLU B 673 25.70 12.36 -12.02
N MET B 674 25.76 13.62 -12.44
CA MET B 674 27.08 14.29 -12.65
C MET B 674 27.71 14.61 -11.30
N THR B 675 26.91 14.82 -10.24
CA THR B 675 27.39 15.25 -8.90
C THR B 675 28.31 14.18 -8.31
N GLU B 676 27.88 12.92 -8.41
CA GLU B 676 28.58 11.79 -7.78
C GLU B 676 29.74 11.41 -8.70
N THR B 677 29.61 11.68 -10.00
CA THR B 677 30.69 11.41 -10.98
C THR B 677 31.79 12.43 -10.77
N ALA B 678 31.42 13.71 -10.72
CA ALA B 678 32.36 14.81 -10.39
C ALA B 678 33.12 14.41 -9.13
N ASN B 679 32.38 13.98 -8.11
CA ASN B 679 32.91 13.63 -6.76
C ASN B 679 33.98 12.53 -6.90
N ILE B 680 33.73 11.51 -7.72
CA ILE B 680 34.66 10.36 -7.91
C ILE B 680 35.96 10.87 -8.53
N LEU B 681 35.86 11.61 -9.63
CA LEU B 681 37.03 11.93 -10.48
C LEU B 681 37.91 12.99 -9.81
N HIS B 682 37.48 13.55 -8.67
CA HIS B 682 38.29 14.45 -7.81
C HIS B 682 38.96 13.66 -6.68
N ASN B 683 38.28 12.64 -6.12
CA ASN B 683 38.66 12.00 -4.84
C ASN B 683 39.09 10.53 -5.04
N ALA B 684 39.18 10.03 -6.28
CA ALA B 684 39.62 8.64 -6.58
C ALA B 684 41.15 8.57 -6.73
N THR B 685 41.76 7.47 -6.29
CA THR B 685 43.24 7.28 -6.34
C THR B 685 43.61 5.92 -6.94
N GLU B 686 44.85 5.45 -6.73
CA GLU B 686 45.37 4.16 -7.28
C GLU B 686 44.78 2.96 -6.55
N TYR B 687 44.33 3.11 -5.30
CA TYR B 687 43.79 1.99 -4.46
C TYR B 687 42.25 2.01 -4.48
N SER B 688 41.64 2.75 -5.41
CA SER B 688 40.16 2.93 -5.48
C SER B 688 39.53 1.85 -6.37
N LEU B 689 38.40 1.26 -5.94
CA LEU B 689 37.53 0.39 -6.78
C LEU B 689 36.30 1.21 -7.17
N VAL B 690 36.08 1.40 -8.47
CA VAL B 690 34.95 2.20 -9.02
C VAL B 690 33.99 1.26 -9.75
N LEU B 691 32.69 1.49 -9.63
CA LEU B 691 31.65 0.70 -10.34
C LEU B 691 30.68 1.64 -11.03
N MET B 692 31.12 2.32 -12.09
CA MET B 692 30.21 3.15 -12.88
C MET B 692 29.16 2.16 -13.36
N ASP B 693 27.87 2.41 -13.11
CA ASP B 693 26.77 1.55 -13.61
C ASP B 693 25.78 2.41 -14.40
N GLU B 694 25.51 2.05 -15.66
CA GLU B 694 24.60 2.81 -16.55
C GLU B 694 25.05 4.27 -16.63
N ILE B 695 26.34 4.54 -16.73
CA ILE B 695 26.91 5.92 -16.83
C ILE B 695 26.75 6.39 -18.26
N GLY B 696 27.04 7.65 -18.56
CA GLY B 696 26.85 8.22 -19.92
C GLY B 696 25.37 8.21 -20.24
N ARG B 697 24.50 8.35 -19.23
CA ARG B 697 23.03 8.26 -19.43
C ARG B 697 22.49 9.65 -19.76
N GLY B 698 23.25 10.49 -20.47
CA GLY B 698 22.73 11.77 -20.94
C GLY B 698 21.50 11.48 -21.77
N THR B 699 20.41 12.20 -21.57
CA THR B 699 19.11 11.92 -22.24
C THR B 699 19.36 12.05 -23.74
N SER B 700 20.17 13.01 -24.18
CA SER B 700 20.60 13.10 -25.59
C SER B 700 21.69 12.06 -25.77
N THR B 701 21.53 11.11 -26.70
CA THR B 701 22.48 9.99 -26.82
C THR B 701 23.87 10.57 -27.09
N TYR B 702 23.94 11.58 -27.96
CA TYR B 702 25.22 12.24 -28.29
C TYR B 702 25.82 12.86 -27.03
N ASP B 703 25.00 13.42 -26.15
CA ASP B 703 25.56 14.15 -24.99
C ASP B 703 26.22 13.17 -24.02
N GLY B 704 25.52 12.12 -23.62
CA GLY B 704 26.04 11.21 -22.60
C GLY B 704 27.28 10.49 -23.09
N LEU B 705 27.39 10.29 -24.41
CA LEU B 705 28.55 9.61 -25.01
C LEU B 705 29.78 10.43 -24.66
N SER B 706 29.78 11.73 -24.98
CA SER B 706 30.92 12.63 -24.68
C SER B 706 31.26 12.56 -23.19
N LEU B 707 30.31 12.22 -22.31
CA LEU B 707 30.55 12.27 -20.85
C LEU B 707 31.27 11.01 -20.39
N ALA B 708 30.61 9.86 -20.46
CA ALA B 708 31.17 8.59 -19.94
C ALA B 708 32.48 8.24 -20.69
N TRP B 709 32.54 8.42 -22.01
CA TRP B 709 33.73 8.08 -22.83
C TRP B 709 34.95 8.70 -22.17
N ALA B 710 34.86 9.98 -21.82
CA ALA B 710 35.96 10.74 -21.16
C ALA B 710 36.13 10.26 -19.71
N CYS B 711 35.01 9.98 -19.00
CA CYS B 711 35.02 9.59 -17.57
C CYS B 711 35.91 8.36 -17.38
N ALA B 712 35.78 7.35 -18.25
CA ALA B 712 36.52 6.07 -18.15
C ALA B 712 38.00 6.30 -18.45
N GLU B 713 38.29 7.09 -19.49
CA GLU B 713 39.66 7.37 -19.95
C GLU B 713 40.45 8.04 -18.80
N ASN B 714 39.80 8.96 -18.09
CA ASN B 714 40.38 9.67 -16.92
C ASN B 714 40.50 8.69 -15.74
N LEU B 715 39.54 7.77 -15.59
CA LEU B 715 39.56 6.70 -14.54
C LEU B 715 40.66 5.67 -14.84
N ALA B 716 41.20 5.64 -16.06
CA ALA B 716 42.22 4.61 -16.43
C ALA B 716 43.50 5.23 -17.00
N ASN B 717 43.66 6.55 -16.98
CA ASN B 717 44.92 7.20 -17.43
C ASN B 717 45.63 7.89 -16.26
N LYS B 718 44.88 8.50 -15.34
CA LYS B 718 45.48 9.27 -14.20
C LYS B 718 45.09 8.61 -12.88
N ILE B 719 43.81 8.47 -12.60
CA ILE B 719 43.34 7.89 -11.32
C ILE B 719 43.91 6.47 -11.21
N LYS B 720 43.94 5.72 -12.31
CA LYS B 720 44.50 4.35 -12.38
C LYS B 720 43.83 3.47 -11.33
N ALA B 721 42.53 3.64 -11.13
CA ALA B 721 41.74 2.83 -10.18
C ALA B 721 41.37 1.52 -10.86
N LEU B 722 40.49 0.74 -10.25
CA LEU B 722 39.87 -0.45 -10.88
C LEU B 722 38.45 -0.05 -11.27
N THR B 723 37.93 -0.46 -12.43
CA THR B 723 36.51 -0.15 -12.75
C THR B 723 35.78 -1.34 -13.38
N LEU B 724 34.50 -1.47 -13.07
CA LEU B 724 33.60 -2.43 -13.74
C LEU B 724 32.49 -1.64 -14.42
N PHE B 725 32.84 -0.87 -15.44
CA PHE B 725 31.85 -0.03 -16.18
C PHE B 725 30.72 -0.91 -16.73
N ALA B 726 29.47 -0.69 -16.32
CA ALA B 726 28.32 -1.33 -16.97
C ALA B 726 27.75 -0.29 -17.93
N THR B 727 27.90 -0.49 -19.23
CA THR B 727 27.49 0.55 -20.22
C THR B 727 26.60 -0.05 -21.30
N HIS B 728 25.43 0.54 -21.50
CA HIS B 728 24.53 0.22 -22.64
C HIS B 728 25.23 0.61 -23.94
N TYR B 729 26.02 1.69 -23.93
CA TYR B 729 26.73 2.14 -25.15
C TYR B 729 27.61 1.04 -25.71
N PHE B 730 27.54 0.82 -27.03
CA PHE B 730 28.35 -0.18 -27.75
C PHE B 730 29.55 0.49 -28.40
N GLU B 731 29.76 1.78 -28.12
CA GLU B 731 30.91 2.54 -28.68
C GLU B 731 32.05 2.50 -27.67
N LEU B 732 31.75 2.30 -26.39
CA LEU B 732 32.78 2.20 -25.32
C LEU B 732 33.49 0.85 -25.40
N THR B 733 33.10 0.00 -26.35
CA THR B 733 33.70 -1.33 -26.59
C THR B 733 34.99 -1.21 -27.41
N GLN B 734 35.31 -0.02 -27.93
CA GLN B 734 36.52 0.20 -28.75
C GLN B 734 37.67 0.71 -27.87
N LEU B 735 37.43 0.92 -26.56
CA LEU B 735 38.48 1.42 -25.63
C LEU B 735 39.73 0.55 -25.63
N PRO B 736 39.65 -0.80 -25.53
CA PRO B 736 40.86 -1.62 -25.47
C PRO B 736 41.90 -1.35 -26.57
N GLU B 737 41.43 -1.04 -27.78
CA GLU B 737 42.29 -0.71 -28.96
C GLU B 737 42.94 0.67 -28.77
N LYS B 738 42.25 1.59 -28.06
CA LYS B 738 42.70 2.99 -27.82
C LYS B 738 43.48 3.07 -26.51
N MET B 739 42.98 2.40 -25.46
CA MET B 739 43.42 2.57 -24.05
C MET B 739 43.84 1.21 -23.47
N GLU B 740 44.96 1.19 -22.74
CA GLU B 740 45.49 -0.01 -22.03
C GLU B 740 44.85 -0.06 -20.64
N GLY B 741 44.54 -1.27 -20.16
CA GLY B 741 43.85 -1.49 -18.89
C GLY B 741 42.45 -1.98 -19.15
N VAL B 742 41.82 -1.52 -20.22
CA VAL B 742 40.40 -1.83 -20.54
C VAL B 742 40.33 -3.24 -21.15
N ALA B 743 39.26 -3.98 -20.87
CA ALA B 743 38.99 -5.29 -21.50
C ALA B 743 37.48 -5.55 -21.57
N ASN B 744 36.95 -5.76 -22.77
CA ASN B 744 35.49 -6.00 -22.97
C ASN B 744 35.12 -7.35 -22.37
N VAL B 745 34.05 -7.40 -21.59
CA VAL B 745 33.41 -8.67 -21.13
C VAL B 745 31.90 -8.53 -21.36
N HIS B 746 31.22 -9.61 -21.75
CA HIS B 746 29.78 -9.56 -22.17
C HIS B 746 28.99 -10.70 -21.54
N LEU B 747 27.76 -10.43 -21.09
CA LEU B 747 26.85 -11.47 -20.58
C LEU B 747 25.87 -11.76 -21.71
N ASP B 748 25.90 -12.95 -22.34
CA ASP B 748 25.10 -13.33 -23.52
C ASP B 748 23.83 -14.07 -23.11
N ALA B 749 22.69 -13.65 -23.65
CA ALA B 749 21.42 -14.38 -23.60
C ALA B 749 21.31 -15.15 -24.90
N LEU B 750 21.04 -16.46 -24.88
CA LEU B 750 21.03 -17.30 -26.11
C LEU B 750 19.67 -17.24 -26.80
N GLU B 751 19.63 -17.52 -28.11
CA GLU B 751 18.37 -17.59 -28.90
C GLU B 751 18.39 -18.80 -29.84
N HIS B 752 17.76 -19.90 -29.42
CA HIS B 752 17.59 -21.14 -30.22
C HIS B 752 16.11 -21.30 -30.56
N GLY B 753 15.74 -21.13 -31.83
CA GLY B 753 14.33 -21.16 -32.25
C GLY B 753 13.60 -19.90 -31.82
N ASP B 754 12.46 -20.05 -31.15
CA ASP B 754 11.59 -18.91 -30.75
C ASP B 754 11.66 -18.69 -29.25
N THR B 755 12.71 -19.14 -28.58
CA THR B 755 12.85 -18.94 -27.11
C THR B 755 14.16 -18.20 -26.80
N ILE B 756 14.10 -17.17 -25.97
CA ILE B 756 15.33 -16.51 -25.44
C ILE B 756 15.61 -17.11 -24.06
N ALA B 757 16.88 -17.37 -23.78
CA ALA B 757 17.34 -17.90 -22.47
C ALA B 757 18.22 -16.87 -21.75
N PHE B 758 18.14 -16.86 -20.42
CA PHE B 758 19.02 -16.05 -19.54
C PHE B 758 20.09 -16.96 -18.95
N MET B 759 21.24 -17.00 -19.64
CA MET B 759 22.38 -17.84 -19.23
C MET B 759 23.00 -17.23 -18.00
N HIS B 760 23.22 -15.92 -18.06
CA HIS B 760 23.95 -15.27 -16.95
C HIS B 760 25.35 -15.88 -16.92
N SER B 761 26.00 -15.92 -18.08
CA SER B 761 27.40 -16.40 -18.16
C SER B 761 28.30 -15.29 -18.70
N VAL B 762 29.49 -15.11 -18.14
CA VAL B 762 30.45 -14.02 -18.49
C VAL B 762 31.54 -14.60 -19.39
N GLN B 763 31.76 -13.97 -20.54
CA GLN B 763 32.79 -14.39 -21.53
C GLN B 763 33.48 -13.15 -22.10
N ASP B 764 34.45 -13.35 -23.01
CA ASP B 764 35.26 -12.28 -23.66
C ASP B 764 34.54 -11.75 -24.91
N GLY B 765 34.76 -10.46 -25.23
CA GLY B 765 34.22 -9.79 -26.44
C GLY B 765 32.88 -9.14 -26.19
N ALA B 766 32.10 -8.91 -27.26
CA ALA B 766 30.70 -8.44 -27.16
C ALA B 766 29.90 -8.93 -28.37
N ALA B 767 28.56 -8.93 -28.25
CA ALA B 767 27.62 -9.47 -29.26
C ALA B 767 27.23 -8.33 -30.23
N SER B 768 27.84 -8.32 -31.41
CA SER B 768 27.59 -7.27 -32.43
C SER B 768 26.15 -7.38 -32.90
N LYS B 769 25.78 -8.48 -33.53
CA LYS B 769 24.35 -8.78 -33.78
C LYS B 769 23.76 -8.92 -32.40
N SER B 770 22.72 -8.17 -32.08
CA SER B 770 22.11 -8.24 -30.73
C SER B 770 20.95 -9.23 -30.79
N TYR B 771 20.50 -9.67 -29.61
CA TYR B 771 19.32 -10.55 -29.50
C TYR B 771 18.12 -9.86 -30.15
N GLY B 772 18.13 -8.52 -30.25
CA GLY B 772 17.00 -7.75 -30.81
C GLY B 772 16.71 -8.03 -32.28
N LEU B 773 17.74 -8.10 -33.13
CA LEU B 773 17.54 -8.43 -34.56
C LEU B 773 16.87 -9.80 -34.69
N ALA B 774 17.09 -10.69 -33.71
CA ALA B 774 16.43 -12.01 -33.70
C ALA B 774 15.05 -11.88 -33.05
N VAL B 775 14.95 -11.05 -32.01
CA VAL B 775 13.66 -10.83 -31.30
C VAL B 775 12.70 -10.18 -32.30
N ALA B 776 13.20 -9.38 -33.24
CA ALA B 776 12.35 -8.75 -34.26
C ALA B 776 11.63 -9.83 -35.06
N ALA B 777 12.32 -10.94 -35.40
CA ALA B 777 11.72 -12.07 -36.14
C ALA B 777 10.62 -12.74 -35.31
N LEU B 778 10.83 -12.90 -34.01
CA LEU B 778 9.82 -13.46 -33.09
C LEU B 778 8.71 -12.42 -32.95
N ALA B 779 7.43 -12.79 -32.98
CA ALA B 779 6.35 -11.78 -33.08
C ALA B 779 6.82 -10.78 -34.14
N GLY B 780 7.02 -11.27 -35.35
CA GLY B 780 7.73 -10.57 -36.45
C GLY B 780 7.09 -9.29 -36.97
N VAL B 781 7.92 -8.27 -37.12
CA VAL B 781 7.60 -7.02 -37.87
C VAL B 781 7.51 -7.42 -39.34
N PRO B 782 6.99 -6.56 -40.24
CA PRO B 782 7.03 -6.86 -41.66
C PRO B 782 8.46 -7.18 -42.10
N LYS B 783 8.61 -8.13 -43.03
CA LYS B 783 9.94 -8.61 -43.46
C LYS B 783 10.79 -7.46 -44.01
N GLU B 784 10.20 -6.50 -44.71
CA GLU B 784 10.96 -5.32 -45.18
C GLU B 784 11.55 -4.57 -43.97
N VAL B 785 10.78 -4.42 -42.89
CA VAL B 785 11.21 -3.61 -41.72
C VAL B 785 12.40 -4.28 -41.04
N ILE B 786 12.33 -5.59 -40.80
CA ILE B 786 13.46 -6.33 -40.16
C ILE B 786 14.65 -6.28 -41.13
N LYS B 787 14.42 -6.43 -42.43
CA LYS B 787 15.51 -6.34 -43.45
C LYS B 787 16.16 -4.96 -43.36
N ARG B 788 15.33 -3.91 -43.20
CA ARG B 788 15.82 -2.52 -43.17
C ARG B 788 16.73 -2.32 -41.95
N ALA B 789 16.44 -3.00 -40.83
CA ALA B 789 17.30 -2.89 -39.64
C ALA B 789 18.64 -3.52 -39.98
N ARG B 790 18.62 -4.70 -40.59
CA ARG B 790 19.88 -5.40 -40.88
C ARG B 790 20.70 -4.37 -41.63
N GLN B 791 20.05 -3.78 -42.62
CA GLN B 791 20.74 -2.80 -43.50
C GLN B 791 21.45 -1.78 -42.61
N LYS B 792 20.73 -1.28 -41.59
CA LYS B 792 21.23 -0.18 -40.72
C LYS B 792 22.20 -0.70 -39.65
N LEU B 793 22.01 -1.91 -39.10
CA LEU B 793 22.91 -2.48 -38.07
C LEU B 793 24.29 -2.68 -38.68
N ARG B 794 24.32 -3.16 -39.92
CA ARG B 794 25.56 -3.34 -40.73
C ARG B 794 26.21 -1.98 -40.96
N GLU B 795 25.41 -0.98 -41.32
CA GLU B 795 25.89 0.40 -41.63
C GLU B 795 26.58 1.02 -40.41
N LEU B 796 26.00 0.89 -39.22
CA LEU B 796 26.48 1.60 -37.99
C LEU B 796 27.85 1.04 -37.56
N GLU B 797 27.98 -0.28 -37.49
CA GLU B 797 29.22 -0.94 -37.01
C GLU B 797 30.33 -0.84 -38.07
N SER B 798 29.98 -0.89 -39.36
CA SER B 798 30.94 -0.82 -40.50
C SER B 798 31.61 0.55 -40.58
N ILE B 799 30.84 1.64 -40.50
CA ILE B 799 31.33 3.05 -40.55
C ILE B 799 32.36 3.26 -39.42
N SER B 800 32.08 2.70 -38.24
CA SER B 800 32.99 2.72 -37.07
C SER B 800 34.23 1.87 -37.38
#